data_8ERT
#
_entry.id   8ERT
#
_entity_poly.entity_id   1
_entity_poly.type   'polypeptide(L)'
_entity_poly.pdbx_seq_one_letter_code
;MKMASTRCKLARYLEDLEDVDLKKFKMHLEDYPPQKGCIPLPRGQTEKADHVDLATLMIDFNGEEKAWAMAVWIFAAINR
RDLYEKAKRDEPKWG
;
_entity_poly.pdbx_strand_id   A,B,C,D,E,F,G,I,J,K,L,M,N,O,Q,R,S,U,V,W,X
#
# COMPACT_ATOMS: atom_id res chain seq x y z
N MET A 1 -4.56 33.21 10.20
CA MET A 1 -6.00 33.41 10.20
C MET A 1 -6.39 34.53 9.23
N LYS A 2 -6.79 34.15 8.02
CA LYS A 2 -7.18 35.09 6.98
C LYS A 2 -6.07 36.08 6.69
N MET A 3 -6.11 37.25 7.32
CA MET A 3 -5.07 38.26 7.11
C MET A 3 -3.76 37.74 7.71
N ALA A 4 -2.78 37.52 6.85
CA ALA A 4 -1.48 37.00 7.26
C ALA A 4 -0.46 37.35 6.19
N SER A 5 0.72 36.73 6.26
CA SER A 5 1.75 36.94 5.27
C SER A 5 1.46 36.15 4.00
N THR A 6 2.18 36.47 2.93
CA THR A 6 2.02 35.76 1.67
C THR A 6 2.42 34.30 1.81
N ARG A 7 3.50 34.03 2.55
CA ARG A 7 3.95 32.66 2.74
C ARG A 7 2.88 31.80 3.40
N CYS A 8 2.08 32.39 4.29
CA CYS A 8 1.04 31.62 4.97
C CYS A 8 -0.03 31.16 3.99
N LYS A 9 -0.53 32.08 3.16
CA LYS A 9 -1.54 31.71 2.17
C LYS A 9 -0.99 30.73 1.14
N LEU A 10 0.25 30.94 0.71
CA LEU A 10 0.86 30.02 -0.23
C LEU A 10 1.01 28.63 0.37
N ALA A 11 1.40 28.55 1.65
CA ALA A 11 1.51 27.27 2.32
C ALA A 11 0.16 26.59 2.45
N ARG A 12 -0.90 27.38 2.71
CA ARG A 12 -2.24 26.80 2.76
C ARG A 12 -2.63 26.20 1.41
N TYR A 13 -2.38 26.95 0.33
CA TYR A 13 -2.73 26.46 -1.01
C TYR A 13 -1.94 25.21 -1.35
N LEU A 14 -0.65 25.18 -1.02
CA LEU A 14 0.15 23.98 -1.28
C LEU A 14 -0.31 22.81 -0.42
N GLU A 15 -0.77 23.09 0.81
CA GLU A 15 -1.31 22.04 1.66
C GLU A 15 -2.59 21.48 1.09
N ASP A 16 -3.34 22.28 0.33
CA ASP A 16 -4.55 21.79 -0.30
C ASP A 16 -4.25 20.69 -1.33
N LEU A 17 -3.03 20.64 -1.86
CA LEU A 17 -2.69 19.67 -2.89
C LEU A 17 -2.53 18.27 -2.28
N GLU A 18 -2.76 17.27 -3.12
CA GLU A 18 -2.60 15.87 -2.74
C GLU A 18 -1.14 15.44 -2.89
N ASP A 19 -0.90 14.13 -2.83
CA ASP A 19 0.47 13.62 -2.90
C ASP A 19 1.02 13.65 -4.32
N VAL A 20 0.39 12.93 -5.24
CA VAL A 20 0.84 12.93 -6.63
C VAL A 20 0.68 14.33 -7.22
N ASP A 21 -0.32 15.08 -6.77
CA ASP A 21 -0.44 16.47 -7.19
C ASP A 21 0.74 17.29 -6.70
N LEU A 22 1.22 17.01 -5.50
CA LEU A 22 2.41 17.69 -5.00
C LEU A 22 3.64 17.30 -5.82
N LYS A 23 3.75 16.04 -6.22
CA LYS A 23 4.85 15.63 -7.08
C LYS A 23 4.81 16.37 -8.41
N LYS A 24 3.62 16.51 -8.99
CA LYS A 24 3.49 17.26 -10.24
C LYS A 24 3.84 18.73 -10.04
N PHE A 25 3.43 19.31 -8.90
CA PHE A 25 3.77 20.69 -8.60
C PHE A 25 5.27 20.88 -8.51
N LYS A 26 5.96 19.97 -7.82
CA LYS A 26 7.41 20.05 -7.73
C LYS A 26 8.05 19.89 -9.10
N MET A 27 7.54 18.96 -9.91
CA MET A 27 8.08 18.76 -11.24
C MET A 27 7.96 20.02 -12.09
N HIS A 28 6.81 20.69 -12.02
CA HIS A 28 6.64 21.93 -12.77
C HIS A 28 7.50 23.05 -12.20
N LEU A 29 7.75 23.03 -10.89
CA LEU A 29 8.63 24.02 -10.28
C LEU A 29 10.05 23.87 -10.80
N GLU A 30 10.56 22.64 -10.83
CA GLU A 30 11.94 22.39 -11.23
C GLU A 30 12.20 22.75 -12.69
N ASP A 31 11.20 22.65 -13.55
CA ASP A 31 11.34 22.94 -14.97
C ASP A 31 10.41 24.07 -15.41
N TYR A 32 10.37 25.14 -14.63
CA TYR A 32 9.61 26.31 -15.03
C TYR A 32 10.18 26.88 -16.33
N PRO A 33 9.33 27.35 -17.24
CA PRO A 33 9.83 27.88 -18.52
C PRO A 33 10.78 29.03 -18.30
N PRO A 34 11.86 29.11 -19.10
CA PRO A 34 12.87 30.16 -18.87
C PRO A 34 12.32 31.57 -18.99
N GLN A 35 11.29 31.78 -19.80
CA GLN A 35 10.72 33.12 -19.99
C GLN A 35 9.84 33.47 -18.79
N LYS A 36 9.11 34.58 -18.91
CA LYS A 36 8.30 35.16 -17.84
C LYS A 36 9.14 35.54 -16.61
N GLY A 37 10.46 35.64 -16.78
CA GLY A 37 11.34 36.11 -15.73
C GLY A 37 11.24 35.40 -14.40
N CYS A 38 11.60 34.11 -14.36
CA CYS A 38 11.56 33.33 -13.14
C CYS A 38 12.77 32.41 -13.10
N ILE A 39 13.17 32.04 -11.89
CA ILE A 39 14.30 31.15 -11.66
C ILE A 39 13.76 29.78 -11.26
N PRO A 40 13.97 28.74 -12.07
CA PRO A 40 13.53 27.41 -11.67
C PRO A 40 14.23 26.94 -10.41
N LEU A 41 13.49 26.22 -9.58
CA LEU A 41 14.04 25.75 -8.32
C LEU A 41 14.92 24.52 -8.54
N PRO A 42 15.99 24.39 -7.76
CA PRO A 42 16.85 23.21 -7.89
C PRO A 42 16.14 21.94 -7.42
N ARG A 43 16.53 20.82 -8.02
CA ARG A 43 15.92 19.54 -7.67
C ARG A 43 16.38 19.05 -6.31
N GLY A 44 17.51 19.56 -5.81
CA GLY A 44 18.04 19.08 -4.55
C GLY A 44 17.15 19.44 -3.37
N GLN A 45 16.62 20.66 -3.35
CA GLN A 45 15.87 21.14 -2.20
C GLN A 45 14.38 20.85 -2.34
N THR A 46 13.89 20.75 -3.56
CA THR A 46 12.48 20.40 -3.79
C THR A 46 12.27 18.90 -3.83
N GLU A 47 12.75 18.21 -2.81
CA GLU A 47 12.60 16.76 -2.70
C GLU A 47 11.99 16.32 -1.38
N LYS A 48 12.33 16.98 -0.28
CA LYS A 48 11.75 16.67 1.02
C LYS A 48 10.74 17.70 1.49
N ALA A 49 10.71 18.87 0.87
CA ALA A 49 9.74 19.90 1.24
C ALA A 49 8.33 19.46 0.90
N ASP A 50 7.48 19.34 1.93
CA ASP A 50 6.11 18.89 1.68
C ASP A 50 5.20 20.03 1.25
N HIS A 51 4.91 20.97 2.16
CA HIS A 51 4.23 22.20 1.77
C HIS A 51 4.75 23.44 2.47
N VAL A 52 5.37 23.33 3.63
CA VAL A 52 5.91 24.49 4.33
C VAL A 52 7.22 24.94 3.68
N ASP A 53 8.21 24.04 3.68
CA ASP A 53 9.50 24.38 3.10
C ASP A 53 9.38 24.68 1.61
N LEU A 54 8.43 24.05 0.91
CA LEU A 54 8.25 24.32 -0.51
C LEU A 54 7.79 25.75 -0.73
N ALA A 55 6.80 26.21 0.05
CA ALA A 55 6.33 27.58 -0.08
C ALA A 55 7.40 28.58 0.31
N THR A 56 8.12 28.31 1.41
CA THR A 56 9.20 29.19 1.82
C THR A 56 10.26 29.29 0.73
N LEU A 57 10.60 28.16 0.12
CA LEU A 57 11.64 28.14 -0.90
C LEU A 57 11.20 28.87 -2.15
N MET A 58 9.95 28.68 -2.57
CA MET A 58 9.43 29.41 -3.73
C MET A 58 9.48 30.91 -3.48
N ILE A 59 8.99 31.36 -2.33
CA ILE A 59 9.03 32.79 -2.02
C ILE A 59 10.48 33.27 -2.01
N ASP A 60 11.37 32.52 -1.37
CA ASP A 60 12.76 32.91 -1.23
C ASP A 60 13.42 33.09 -2.59
N PHE A 61 13.17 32.15 -3.52
CA PHE A 61 13.78 32.24 -4.83
C PHE A 61 13.17 33.34 -5.69
N ASN A 62 11.86 33.59 -5.57
CA ASN A 62 11.20 34.36 -6.62
C ASN A 62 10.65 35.71 -6.21
N GLY A 63 10.46 35.99 -4.92
CA GLY A 63 9.74 37.17 -4.52
C GLY A 63 8.24 36.92 -4.57
N GLU A 64 7.49 37.84 -3.94
CA GLU A 64 6.06 37.65 -3.79
C GLU A 64 5.36 37.56 -5.15
N GLU A 65 5.62 38.52 -6.03
CA GLU A 65 4.96 38.57 -7.32
C GLU A 65 5.21 37.31 -8.12
N LYS A 66 6.49 36.96 -8.28
CA LYS A 66 6.84 35.83 -9.13
C LYS A 66 6.38 34.52 -8.53
N ALA A 67 6.46 34.38 -7.20
CA ALA A 67 6.01 33.15 -6.57
C ALA A 67 4.52 32.97 -6.73
N TRP A 68 3.73 34.03 -6.56
CA TRP A 68 2.29 33.92 -6.75
C TRP A 68 1.94 33.61 -8.20
N ALA A 69 2.63 34.26 -9.15
CA ALA A 69 2.37 33.99 -10.56
C ALA A 69 2.70 32.54 -10.90
N MET A 70 3.83 32.03 -10.41
CA MET A 70 4.19 30.64 -10.64
C MET A 70 3.17 29.69 -10.02
N ALA A 71 2.73 29.98 -8.80
CA ALA A 71 1.75 29.12 -8.16
C ALA A 71 0.46 29.06 -8.96
N VAL A 72 -0.02 30.22 -9.42
CA VAL A 72 -1.27 30.25 -10.20
C VAL A 72 -1.09 29.48 -11.50
N TRP A 73 0.02 29.73 -12.21
CA TRP A 73 0.22 29.09 -13.51
C TRP A 73 0.36 27.58 -13.36
N ILE A 74 1.07 27.13 -12.33
CA ILE A 74 1.25 25.68 -12.15
C ILE A 74 -0.05 25.03 -11.72
N PHE A 75 -0.83 25.70 -10.85
CA PHE A 75 -2.15 25.19 -10.51
C PHE A 75 -3.01 25.02 -11.75
N ALA A 76 -2.91 25.97 -12.68
CA ALA A 76 -3.61 25.81 -13.95
C ALA A 76 -3.06 24.64 -14.75
N ALA A 77 -1.74 24.45 -14.72
CA ALA A 77 -1.10 23.45 -15.57
C ALA A 77 -1.29 22.02 -15.08
N ILE A 78 -1.39 21.82 -13.77
CA ILE A 78 -1.51 20.47 -13.22
C ILE A 78 -2.98 20.10 -13.11
N ASN A 79 -3.84 20.87 -13.77
CA ASN A 79 -5.28 20.61 -13.83
C ASN A 79 -5.95 20.73 -12.47
N ARG A 80 -5.46 21.63 -11.62
CA ARG A 80 -6.14 21.98 -10.37
C ARG A 80 -6.96 23.24 -10.62
N ARG A 81 -8.01 23.10 -11.43
CA ARG A 81 -8.77 24.26 -11.88
C ARG A 81 -9.45 24.97 -10.73
N ASP A 82 -9.98 24.23 -9.74
CA ASP A 82 -10.60 24.88 -8.59
C ASP A 82 -9.58 25.70 -7.80
N LEU A 83 -8.39 25.12 -7.56
CA LEU A 83 -7.34 25.87 -6.88
C LEU A 83 -6.87 27.05 -7.71
N TYR A 84 -6.81 26.88 -9.03
CA TYR A 84 -6.41 27.97 -9.92
C TYR A 84 -7.39 29.13 -9.81
N GLU A 85 -8.69 28.83 -9.84
CA GLU A 85 -9.70 29.88 -9.70
C GLU A 85 -9.64 30.54 -8.33
N LYS A 86 -9.45 29.74 -7.27
CA LYS A 86 -9.36 30.31 -5.93
C LYS A 86 -8.15 31.22 -5.80
N ALA A 87 -7.01 30.82 -6.36
CA ALA A 87 -5.82 31.66 -6.32
C ALA A 87 -6.01 32.93 -7.12
N LYS A 88 -6.66 32.85 -8.29
CA LYS A 88 -6.90 34.05 -9.07
C LYS A 88 -7.82 35.02 -8.32
N ARG A 89 -8.87 34.50 -7.69
CA ARG A 89 -9.83 35.37 -7.02
C ARG A 89 -9.26 36.00 -5.76
N ASP A 90 -8.34 35.31 -5.07
CA ASP A 90 -7.83 35.75 -3.77
C ASP A 90 -6.38 36.22 -3.88
N GLU A 91 -6.04 36.89 -4.96
CA GLU A 91 -4.71 37.47 -5.07
C GLU A 91 -4.58 38.65 -4.12
N PRO A 92 -3.56 38.67 -3.25
CA PRO A 92 -3.43 39.78 -2.31
C PRO A 92 -3.06 41.08 -3.02
N LYS A 93 -3.47 42.19 -2.40
CA LYS A 93 -3.24 43.52 -2.96
C LYS A 93 -1.77 43.87 -2.85
N TRP A 94 -1.07 43.86 -3.97
CA TRP A 94 0.35 44.17 -3.98
C TRP A 94 0.58 45.68 -3.84
N GLY A 95 1.67 46.04 -3.18
CA GLY A 95 2.01 47.44 -2.98
C GLY A 95 2.54 47.73 -1.59
N MET B 1 -27.22 16.81 2.08
CA MET B 1 -28.64 17.10 2.25
C MET B 1 -29.05 18.32 1.43
N LYS B 2 -29.65 18.07 0.26
CA LYS B 2 -30.13 19.12 -0.61
C LYS B 2 -29.02 20.09 -0.99
N MET B 3 -28.92 21.20 -0.25
CA MET B 3 -27.86 22.17 -0.50
C MET B 3 -26.52 21.58 -0.07
N ALA B 4 -25.54 21.65 -0.97
CA ALA B 4 -24.20 21.12 -0.74
C ALA B 4 -23.29 21.64 -1.85
N SER B 5 -22.08 21.12 -1.92
CA SER B 5 -21.15 21.47 -2.98
C SER B 5 -21.55 20.77 -4.27
N THR B 6 -20.96 21.24 -5.39
CA THR B 6 -21.27 20.64 -6.68
C THR B 6 -20.74 19.21 -6.77
N ARG B 7 -19.58 18.94 -6.14
CA ARG B 7 -19.02 17.60 -6.19
C ARG B 7 -19.98 16.58 -5.56
N CYS B 8 -20.71 16.98 -4.52
CA CYS B 8 -21.61 16.05 -3.86
C CYS B 8 -22.75 15.64 -4.79
N LYS B 9 -23.40 16.62 -5.43
CA LYS B 9 -24.49 16.30 -6.35
C LYS B 9 -23.98 15.50 -7.54
N LEU B 10 -22.81 15.87 -8.08
CA LEU B 10 -22.25 15.13 -9.20
C LEU B 10 -21.93 13.69 -8.81
N ALA B 11 -21.40 13.50 -7.60
CA ALA B 11 -21.12 12.15 -7.12
C ALA B 11 -22.40 11.35 -6.95
N ARG B 12 -23.47 12.00 -6.48
CA ARG B 12 -24.76 11.30 -6.38
C ARG B 12 -25.22 10.83 -7.76
N TYR B 13 -25.18 11.72 -8.76
CA TYR B 13 -25.63 11.34 -10.09
C TYR B 13 -24.77 10.23 -10.68
N LEU B 14 -23.45 10.30 -10.48
CA LEU B 14 -22.58 9.23 -10.97
C LEU B 14 -22.82 7.92 -10.24
N GLU B 15 -23.12 7.99 -8.93
CA GLU B 15 -23.45 6.80 -8.17
C GLU B 15 -24.74 6.16 -8.66
N ASP B 16 -25.68 6.96 -9.16
CA ASP B 16 -26.92 6.41 -9.70
C ASP B 16 -26.63 5.49 -10.89
N LEU B 17 -25.59 5.77 -11.67
CA LEU B 17 -25.28 4.95 -12.84
C LEU B 17 -24.93 3.52 -12.44
N GLU B 18 -25.20 2.61 -13.37
CA GLU B 18 -24.90 1.18 -13.17
C GLU B 18 -23.44 0.90 -13.48
N ASP B 19 -23.10 -0.38 -13.62
CA ASP B 19 -21.72 -0.77 -13.90
C ASP B 19 -21.35 -0.51 -15.36
N VAL B 20 -22.08 -1.13 -16.29
CA VAL B 20 -21.79 -0.91 -17.71
C VAL B 20 -22.07 0.54 -18.07
N ASP B 21 -23.06 1.16 -17.43
CA ASP B 21 -23.31 2.58 -17.63
C ASP B 21 -22.13 3.41 -17.16
N LEU B 22 -21.52 3.02 -16.04
CA LEU B 22 -20.31 3.71 -15.58
C LEU B 22 -19.16 3.53 -16.56
N LYS B 23 -19.03 2.34 -17.13
CA LYS B 23 -17.98 2.11 -18.13
C LYS B 23 -18.21 3.01 -19.35
N LYS B 24 -19.46 3.12 -19.80
CA LYS B 24 -19.77 4.02 -20.90
C LYS B 24 -19.48 5.47 -20.55
N PHE B 25 -19.80 5.87 -19.32
CA PHE B 25 -19.53 7.24 -18.88
C PHE B 25 -18.04 7.53 -18.91
N LYS B 26 -17.23 6.62 -18.37
CA LYS B 26 -15.78 6.82 -18.38
C LYS B 26 -15.24 6.85 -19.81
N MET B 27 -15.75 5.96 -20.66
CA MET B 27 -15.31 5.90 -22.05
C MET B 27 -15.64 7.20 -22.78
N HIS B 28 -16.80 7.78 -22.51
CA HIS B 28 -17.12 9.07 -23.11
C HIS B 28 -16.29 10.20 -22.49
N LEU B 29 -15.95 10.09 -21.21
CA LEU B 29 -15.11 11.09 -20.57
C LEU B 29 -13.73 11.15 -21.21
N GLU B 30 -13.12 9.99 -21.44
CA GLU B 30 -11.76 9.98 -21.97
C GLU B 30 -11.68 10.42 -23.43
N ASP B 31 -12.79 10.35 -24.16
CA ASP B 31 -12.85 10.80 -25.55
C ASP B 31 -13.89 11.91 -25.72
N TYR B 32 -13.94 12.83 -24.78
CA TYR B 32 -14.86 13.95 -24.91
C TYR B 32 -14.42 14.81 -26.10
N PRO B 33 -15.36 15.33 -26.90
CA PRO B 33 -14.99 16.07 -28.10
C PRO B 33 -14.09 17.25 -27.79
N PRO B 34 -13.09 17.51 -28.64
CA PRO B 34 -12.15 18.60 -28.35
C PRO B 34 -12.80 19.97 -28.25
N GLN B 35 -13.89 20.20 -28.97
CA GLN B 35 -14.56 21.50 -28.95
C GLN B 35 -15.40 21.62 -27.68
N LYS B 36 -16.21 22.67 -27.62
CA LYS B 36 -17.03 23.03 -26.45
C LYS B 36 -16.18 23.32 -25.21
N GLY B 37 -14.90 23.61 -25.42
CA GLY B 37 -14.03 24.07 -24.35
C GLY B 37 -13.92 23.17 -23.13
N CYS B 38 -13.54 21.90 -23.33
CA CYS B 38 -13.37 20.98 -22.24
C CYS B 38 -12.12 20.13 -22.48
N ILE B 39 -11.53 19.64 -21.40
CA ILE B 39 -10.30 18.87 -21.42
C ILE B 39 -10.66 17.41 -21.12
N PRO B 40 -10.46 16.50 -22.07
CA PRO B 40 -10.74 15.08 -21.79
C PRO B 40 -9.84 14.54 -20.69
N LEU B 41 -10.41 13.67 -19.86
CA LEU B 41 -9.68 13.08 -18.74
C LEU B 41 -8.73 11.99 -19.24
N PRO B 42 -7.56 11.88 -18.65
CA PRO B 42 -6.64 10.81 -19.04
C PRO B 42 -7.18 9.44 -18.65
N ARG B 43 -6.82 8.44 -19.45
CA ARG B 43 -7.31 7.08 -19.21
C ARG B 43 -6.65 6.45 -17.98
N GLY B 44 -5.56 7.04 -17.49
CA GLY B 44 -4.85 6.43 -16.38
C GLY B 44 -5.63 6.45 -15.09
N GLN B 45 -6.26 7.57 -14.76
CA GLN B 45 -6.93 7.69 -13.47
C GLN B 45 -8.38 7.22 -13.53
N THR B 46 -8.99 7.25 -14.71
CA THR B 46 -10.39 6.83 -14.85
C THR B 46 -10.51 5.32 -15.07
N GLU B 47 -9.86 4.55 -14.19
CA GLU B 47 -9.99 3.10 -14.15
C GLU B 47 -10.36 2.59 -12.77
N LYS B 48 -9.83 3.21 -11.71
CA LYS B 48 -10.18 2.85 -10.35
C LYS B 48 -11.21 3.79 -9.74
N ALA B 49 -11.42 4.96 -10.34
CA ALA B 49 -12.42 5.90 -9.84
C ALA B 49 -13.82 5.35 -10.08
N ASP B 50 -14.52 5.01 -8.98
CA ASP B 50 -15.83 4.39 -9.14
C ASP B 50 -16.94 5.43 -9.35
N HIS B 51 -17.26 6.20 -8.32
CA HIS B 51 -18.20 7.30 -8.50
C HIS B 51 -17.82 8.60 -7.79
N VAL B 52 -17.09 8.55 -6.68
CA VAL B 52 -16.69 9.77 -5.99
C VAL B 52 -15.40 10.31 -6.58
N ASP B 53 -14.41 9.44 -6.77
CA ASP B 53 -13.15 9.86 -7.38
C ASP B 53 -13.38 10.35 -8.81
N LEU B 54 -14.28 9.71 -9.55
CA LEU B 54 -14.58 10.18 -10.90
C LEU B 54 -15.18 11.58 -10.88
N ALA B 55 -16.12 11.83 -9.95
CA ALA B 55 -16.75 13.14 -9.87
C ALA B 55 -15.74 14.21 -9.49
N THR B 56 -14.91 13.93 -8.48
CA THR B 56 -13.93 14.93 -8.08
C THR B 56 -12.88 15.14 -9.16
N LEU B 57 -12.58 14.10 -9.94
CA LEU B 57 -11.66 14.26 -11.06
C LEU B 57 -12.25 15.15 -12.14
N MET B 58 -13.53 14.93 -12.48
CA MET B 58 -14.18 15.80 -13.47
C MET B 58 -14.18 17.24 -13.00
N ILE B 59 -14.59 17.48 -11.75
CA ILE B 59 -14.63 18.84 -11.22
C ILE B 59 -13.24 19.46 -11.25
N ASP B 60 -12.25 18.72 -10.76
CA ASP B 60 -10.89 19.24 -10.67
C ASP B 60 -10.32 19.58 -12.04
N PHE B 61 -10.63 18.75 -13.04
CA PHE B 61 -10.09 18.97 -14.37
C PHE B 61 -10.78 20.12 -15.09
N ASN B 62 -12.09 20.31 -14.87
CA ASN B 62 -12.82 21.19 -15.78
C ASN B 62 -13.55 22.36 -15.13
N GLY B 63 -13.53 22.50 -13.80
CA GLY B 63 -14.36 23.50 -13.16
C GLY B 63 -15.81 23.03 -13.06
N GLU B 64 -16.55 23.67 -12.16
CA GLU B 64 -17.91 23.24 -11.89
C GLU B 64 -18.80 23.38 -13.12
N GLU B 65 -18.67 24.51 -13.84
CA GLU B 65 -19.49 24.77 -15.01
C GLU B 65 -19.32 23.67 -16.04
N LYS B 66 -18.07 23.42 -16.44
CA LYS B 66 -17.81 22.46 -17.49
C LYS B 66 -18.08 21.04 -17.03
N ALA B 67 -17.82 20.75 -15.75
CA ALA B 67 -18.11 19.41 -15.25
C ALA B 67 -19.60 19.12 -15.33
N TRP B 68 -20.43 20.07 -14.92
CA TRP B 68 -21.88 19.87 -15.04
C TRP B 68 -22.31 19.75 -16.49
N ALA B 69 -21.76 20.59 -17.37
CA ALA B 69 -22.14 20.53 -18.78
C ALA B 69 -21.78 19.18 -19.38
N MET B 70 -20.56 18.70 -19.11
CA MET B 70 -20.15 17.39 -19.63
C MET B 70 -20.98 16.26 -19.02
N ALA B 71 -21.31 16.37 -17.74
CA ALA B 71 -22.14 15.33 -17.12
C ALA B 71 -23.48 15.25 -17.82
N VAL B 72 -24.11 16.39 -18.06
CA VAL B 72 -25.41 16.40 -18.75
C VAL B 72 -25.27 15.83 -20.16
N TRP B 73 -24.24 16.26 -20.88
CA TRP B 73 -24.07 15.81 -22.26
C TRP B 73 -23.84 14.31 -22.32
N ILE B 74 -23.01 13.77 -21.43
CA ILE B 74 -22.74 12.33 -21.43
C ILE B 74 -23.96 11.54 -21.00
N PHE B 75 -24.70 12.04 -20.01
CA PHE B 75 -25.96 11.39 -19.64
C PHE B 75 -26.89 11.31 -20.84
N ALA B 76 -26.92 12.36 -21.66
CA ALA B 76 -27.69 12.29 -22.90
C ALA B 76 -27.08 11.28 -23.88
N ALA B 77 -25.74 11.17 -23.90
CA ALA B 77 -25.06 10.38 -24.90
C ALA B 77 -25.14 8.88 -24.64
N ILE B 78 -25.10 8.45 -23.38
CA ILE B 78 -25.11 7.03 -23.06
C ILE B 78 -26.55 6.57 -22.88
N ASN B 79 -27.49 7.39 -23.33
CA ASN B 79 -28.92 7.06 -23.34
C ASN B 79 -29.49 6.90 -21.94
N ARG B 80 -28.98 7.68 -20.98
CA ARG B 80 -29.55 7.73 -19.64
C ARG B 80 -30.49 8.92 -19.58
N ARG B 81 -31.65 8.78 -20.25
CA ARG B 81 -32.55 9.92 -20.41
C ARG B 81 -33.13 10.37 -19.08
N ASP B 82 -33.42 9.44 -18.16
CA ASP B 82 -33.92 9.84 -16.85
C ASP B 82 -32.91 10.68 -16.10
N LEU B 83 -31.63 10.25 -16.10
CA LEU B 83 -30.59 11.05 -15.45
C LEU B 83 -30.38 12.37 -16.18
N TYR B 84 -30.48 12.38 -17.50
CA TYR B 84 -30.31 13.62 -18.26
C TYR B 84 -31.38 14.63 -17.88
N GLU B 85 -32.65 14.20 -17.85
CA GLU B 85 -33.71 15.13 -17.49
C GLU B 85 -33.64 15.54 -16.03
N LYS B 86 -33.23 14.63 -15.14
CA LYS B 86 -33.08 14.97 -13.73
C LYS B 86 -31.99 16.03 -13.55
N ALA B 87 -30.87 15.87 -14.25
CA ALA B 87 -29.79 16.85 -14.15
C ALA B 87 -30.22 18.18 -14.75
N LYS B 88 -30.98 18.15 -15.84
CA LYS B 88 -31.47 19.39 -16.43
C LYS B 88 -32.41 20.12 -15.48
N ARG B 89 -33.29 19.37 -14.80
CA ARG B 89 -34.26 20.02 -13.91
C ARG B 89 -33.61 20.59 -12.67
N ASP B 90 -32.55 19.95 -12.17
CA ASP B 90 -31.88 20.37 -10.94
C ASP B 90 -30.53 21.01 -11.23
N GLU B 91 -30.47 21.82 -12.28
CA GLU B 91 -29.22 22.48 -12.66
C GLU B 91 -28.87 23.52 -11.59
N PRO B 92 -27.65 23.51 -11.06
CA PRO B 92 -27.33 24.40 -9.94
C PRO B 92 -27.40 25.87 -10.33
N LYS B 93 -27.75 26.70 -9.36
CA LYS B 93 -27.79 28.15 -9.55
C LYS B 93 -26.37 28.68 -9.49
N TRP B 94 -25.77 28.93 -10.65
CA TRP B 94 -24.39 29.39 -10.70
C TRP B 94 -24.27 30.81 -10.16
N GLY B 95 -23.09 31.11 -9.62
CA GLY B 95 -22.83 32.43 -9.06
C GLY B 95 -21.85 32.41 -7.90
N MET C 1 18.19 49.48 18.70
CA MET C 1 16.79 49.53 18.30
C MET C 1 16.56 50.60 17.25
N LYS C 2 16.15 50.17 16.06
CA LYS C 2 15.90 51.07 14.93
C LYS C 2 17.13 51.92 14.62
N MET C 3 17.19 53.14 15.15
CA MET C 3 18.32 54.02 14.90
C MET C 3 19.57 53.47 15.60
N ALA C 4 20.58 53.15 14.82
CA ALA C 4 21.84 52.61 15.33
C ALA C 4 22.89 52.75 14.23
N SER C 5 24.05 52.13 14.44
CA SER C 5 25.10 52.10 13.43
C SER C 5 24.76 51.08 12.34
N THR C 6 25.43 51.21 11.20
CA THR C 6 25.19 50.28 10.10
C THR C 6 25.68 48.88 10.44
N ARG C 7 26.63 48.77 11.37
CA ARG C 7 27.14 47.47 11.77
C ARG C 7 26.04 46.63 12.41
N CYS C 8 25.22 47.24 13.26
CA CYS C 8 24.14 46.50 13.90
C CYS C 8 23.11 46.03 12.88
N LYS C 9 22.76 46.88 11.92
CA LYS C 9 21.80 46.50 10.90
C LYS C 9 22.34 45.36 10.04
N LEU C 10 23.63 45.44 9.66
CA LEU C 10 24.23 44.37 8.89
C LEU C 10 24.26 43.07 9.69
N ALA C 11 24.56 43.16 10.99
CA ALA C 11 24.56 41.98 11.84
C ALA C 11 23.18 41.36 11.91
N ARG C 12 22.14 42.19 12.02
CA ARG C 12 20.78 41.68 12.04
C ARG C 12 20.44 40.98 10.72
N TYR C 13 20.81 41.60 9.61
CA TYR C 13 20.51 41.01 8.30
C TYR C 13 21.21 39.67 8.12
N LEU C 14 22.47 39.59 8.55
CA LEU C 14 23.17 38.30 8.51
C LEU C 14 22.55 37.29 9.45
N GLU C 15 22.09 37.74 10.62
CA GLU C 15 21.43 36.86 11.58
C GLU C 15 20.15 36.29 11.00
N ASP C 16 19.48 37.02 10.12
CA ASP C 16 18.27 36.50 9.49
C ASP C 16 18.54 35.24 8.67
N LEU C 17 19.75 35.09 8.13
CA LEU C 17 20.08 33.96 7.26
C LEU C 17 20.10 32.66 8.06
N GLU C 18 19.86 31.56 7.34
CA GLU C 18 19.91 30.22 7.93
C GLU C 18 21.35 29.75 8.05
N ASP C 19 21.52 28.45 8.32
CA ASP C 19 22.86 27.88 8.44
C ASP C 19 23.48 27.64 7.07
N VAL C 20 22.79 26.88 6.22
CA VAL C 20 23.29 26.63 4.87
C VAL C 20 23.33 27.94 4.07
N ASP C 21 22.36 28.82 4.30
CA ASP C 21 22.40 30.13 3.66
C ASP C 21 23.61 30.93 4.13
N LEU C 22 23.95 30.82 5.42
CA LEU C 22 25.16 31.47 5.91
C LEU C 22 26.41 30.91 5.26
N LYS C 23 26.45 29.59 5.08
CA LYS C 23 27.59 28.96 4.42
C LYS C 23 27.72 29.45 2.98
N LYS C 24 26.60 29.53 2.26
CA LYS C 24 26.63 30.07 0.90
C LYS C 24 27.04 31.53 0.88
N PHE C 25 26.59 32.31 1.87
CA PHE C 25 27.00 33.70 1.98
C PHE C 25 28.51 33.82 2.15
N LYS C 26 29.07 33.01 3.04
CA LYS C 26 30.52 33.04 3.22
C LYS C 26 31.25 32.61 1.94
N MET C 27 30.75 31.56 1.28
CA MET C 27 31.38 31.07 0.07
C MET C 27 31.40 32.13 -1.01
N HIS C 28 30.29 32.85 -1.20
CA HIS C 28 30.29 33.98 -2.12
C HIS C 28 31.16 35.11 -1.60
N LEU C 29 31.36 35.18 -0.28
CA LEU C 29 32.11 36.28 0.31
C LEU C 29 33.61 36.15 0.02
N GLU C 30 34.15 34.93 0.11
CA GLU C 30 35.57 34.79 -0.20
C GLU C 30 35.87 34.95 -1.69
N ASP C 31 34.86 34.78 -2.54
CA ASP C 31 35.02 34.85 -3.98
C ASP C 31 34.24 36.01 -4.58
N TYR C 32 34.27 37.16 -3.92
CA TYR C 32 33.64 38.34 -4.49
C TYR C 32 34.45 38.76 -5.73
N PRO C 33 33.79 39.04 -6.85
CA PRO C 33 34.52 39.29 -8.11
C PRO C 33 35.51 40.42 -7.97
N PRO C 34 36.67 40.31 -8.62
CA PRO C 34 37.72 41.33 -8.44
C PRO C 34 37.30 42.73 -8.87
N GLN C 35 36.35 42.84 -9.80
CA GLN C 35 35.89 44.15 -10.23
C GLN C 35 35.00 44.76 -9.14
N LYS C 36 34.43 45.93 -9.42
CA LYS C 36 33.62 46.70 -8.49
C LYS C 36 34.40 47.13 -7.24
N GLY C 37 35.73 47.03 -7.30
CA GLY C 37 36.60 47.56 -6.26
C GLY C 37 36.32 47.07 -4.85
N CYS C 38 36.57 45.79 -4.59
CA CYS C 38 36.39 45.24 -3.25
C CYS C 38 37.46 44.18 -3.00
N ILE C 39 37.69 43.90 -1.72
CA ILE C 39 38.73 42.97 -1.28
C ILE C 39 38.05 41.70 -0.78
N PRO C 40 38.34 40.53 -1.35
CA PRO C 40 37.75 39.30 -0.83
C PRO C 40 38.31 38.96 0.54
N LEU C 41 37.51 38.24 1.32
CA LEU C 41 37.98 38.02 2.68
C LEU C 41 38.73 36.68 2.77
N PRO C 42 39.86 36.66 3.48
CA PRO C 42 40.60 35.40 3.64
C PRO C 42 39.78 34.36 4.39
N ARG C 43 39.96 33.11 3.96
CA ARG C 43 39.16 32.01 4.49
C ARG C 43 39.44 31.76 5.97
N GLY C 44 40.63 32.14 6.45
CA GLY C 44 40.98 31.84 7.83
C GLY C 44 40.09 32.54 8.85
N GLN C 45 39.85 33.83 8.64
CA GLN C 45 39.05 34.58 9.62
C GLN C 45 37.56 34.30 9.47
N THR C 46 37.08 34.11 8.25
CA THR C 46 35.66 33.88 8.00
C THR C 46 35.31 32.39 8.00
N GLU C 47 35.71 31.70 9.07
CA GLU C 47 35.43 30.29 9.21
C GLU C 47 34.57 29.96 10.43
N LYS C 48 34.76 30.66 11.54
CA LYS C 48 33.99 30.41 12.75
C LYS C 48 33.05 31.54 13.13
N ALA C 49 33.18 32.71 12.51
CA ALA C 49 32.28 33.82 12.81
C ALA C 49 30.87 33.48 12.35
N ASP C 50 29.90 33.63 13.25
CA ASP C 50 28.52 33.24 12.91
C ASP C 50 27.79 34.35 12.17
N HIS C 51 27.48 35.45 12.85
CA HIS C 51 26.88 36.60 12.18
C HIS C 51 27.38 37.95 12.63
N VAL C 52 27.94 38.10 13.84
CA VAL C 52 28.39 39.40 14.30
C VAL C 52 29.81 39.68 13.84
N ASP C 53 30.73 38.75 14.13
CA ASP C 53 32.12 38.94 13.74
C ASP C 53 32.26 39.00 12.22
N LEU C 54 31.38 38.29 11.50
CA LEU C 54 31.37 38.40 10.03
C LEU C 54 31.06 39.82 9.60
N ALA C 55 30.04 40.44 10.20
CA ALA C 55 29.71 41.82 9.87
C ALA C 55 30.84 42.77 10.23
N THR C 56 31.46 42.57 11.40
CA THR C 56 32.58 43.42 11.79
C THR C 56 33.73 43.30 10.80
N LEU C 57 34.03 42.07 10.36
CA LEU C 57 35.09 41.86 9.40
C LEU C 57 34.78 42.54 8.07
N MET C 58 33.53 42.40 7.59
CA MET C 58 33.15 43.06 6.35
C MET C 58 33.30 44.56 6.45
N ILE C 59 32.81 45.16 7.54
CA ILE C 59 32.95 46.60 7.72
C ILE C 59 34.41 47.01 7.74
N ASP C 60 35.22 46.34 8.57
CA ASP C 60 36.61 46.73 8.72
C ASP C 60 37.37 46.63 7.39
N PHE C 61 37.09 45.59 6.61
CA PHE C 61 37.83 45.41 5.37
C PHE C 61 37.35 46.36 4.27
N ASN C 62 36.05 46.65 4.20
CA ASN C 62 35.54 47.29 3.00
C ASN C 62 35.00 48.70 3.17
N GLY C 63 34.70 49.15 4.39
CA GLY C 63 33.99 50.40 4.57
C GLY C 63 32.49 50.19 4.43
N GLU C 64 31.73 51.19 4.89
CA GLU C 64 30.27 51.05 4.98
C GLU C 64 29.66 50.85 3.60
N GLU C 65 30.03 51.69 2.64
CA GLU C 65 29.43 51.63 1.31
C GLU C 65 29.68 50.29 0.65
N LYS C 66 30.95 49.87 0.63
CA LYS C 66 31.29 48.61 -0.03
C LYS C 66 30.70 47.42 0.72
N ALA C 67 30.65 47.48 2.05
CA ALA C 67 30.06 46.39 2.81
C ALA C 67 28.58 46.24 2.50
N TRP C 68 27.85 47.35 2.41
CA TRP C 68 26.44 47.25 2.07
C TRP C 68 26.25 46.77 0.63
N ALA C 69 27.12 47.21 -0.28
CA ALA C 69 27.03 46.75 -1.66
C ALA C 69 27.23 45.24 -1.74
N MET C 70 28.24 44.71 -1.05
CA MET C 70 28.42 43.28 -1.00
C MET C 70 27.23 42.59 -0.33
N ALA C 71 26.72 43.18 0.75
CA ALA C 71 25.57 42.57 1.42
C ALA C 71 24.43 42.36 0.44
N VAL C 72 24.04 43.40 -0.28
CA VAL C 72 22.91 43.28 -1.20
C VAL C 72 23.26 42.35 -2.36
N TRP C 73 24.51 42.41 -2.84
CA TRP C 73 24.86 41.61 -4.02
C TRP C 73 24.82 40.12 -3.70
N ILE C 74 25.47 39.69 -2.62
CA ILE C 74 25.41 38.28 -2.23
C ILE C 74 24.01 37.88 -1.78
N PHE C 75 23.25 38.80 -1.18
CA PHE C 75 21.86 38.48 -0.86
C PHE C 75 21.09 38.13 -2.13
N ALA C 76 21.32 38.86 -3.21
CA ALA C 76 20.72 38.50 -4.49
C ALA C 76 21.30 37.20 -5.03
N ALA C 77 22.61 36.98 -4.84
CA ALA C 77 23.29 35.86 -5.48
C ALA C 77 22.96 34.52 -4.85
N ILE C 78 22.72 34.47 -3.55
CA ILE C 78 22.41 33.20 -2.87
C ILE C 78 20.92 32.99 -2.90
N ASN C 79 20.22 33.75 -3.75
CA ASN C 79 18.79 33.61 -4.00
C ASN C 79 17.96 33.94 -2.76
N ARG C 80 18.41 34.91 -1.95
CA ARG C 80 17.61 35.45 -0.86
C ARG C 80 16.95 36.74 -1.35
N ARG C 81 15.96 36.57 -2.23
CA ARG C 81 15.36 37.73 -2.88
C ARG C 81 14.61 38.62 -1.89
N ASP C 82 13.94 38.03 -0.90
CA ASP C 82 13.24 38.83 0.09
C ASP C 82 14.21 39.71 0.90
N LEU C 83 15.31 39.12 1.36
CA LEU C 83 16.31 39.92 2.07
C LEU C 83 16.94 40.95 1.14
N TYR C 84 17.13 40.60 -0.13
CA TYR C 84 17.69 41.55 -1.09
C TYR C 84 16.78 42.76 -1.25
N GLU C 85 15.47 42.53 -1.38
CA GLU C 85 14.52 43.64 -1.48
C GLU C 85 14.49 44.46 -0.20
N LYS C 86 14.49 43.80 0.96
CA LYS C 86 14.46 44.54 2.22
C LYS C 86 15.71 45.40 2.38
N ALA C 87 16.87 44.86 2.03
CA ALA C 87 18.11 45.64 2.13
C ALA C 87 18.12 46.79 1.13
N LYS C 88 17.61 46.56 -0.09
CA LYS C 88 17.55 47.63 -1.07
C LYS C 88 16.64 48.77 -0.60
N ARG C 89 15.50 48.42 -0.01
CA ARG C 89 14.56 49.46 0.42
C ARG C 89 15.07 50.23 1.64
N ASP C 90 15.85 49.58 2.49
CA ASP C 90 16.28 50.16 3.76
C ASP C 90 17.77 50.48 3.77
N GLU C 91 18.28 50.97 2.65
CA GLU C 91 19.70 51.35 2.61
C GLU C 91 19.92 52.58 3.49
N PRO C 92 20.92 52.56 4.37
CA PRO C 92 21.13 53.71 5.27
C PRO C 92 21.45 54.99 4.51
N LYS C 93 21.03 56.11 5.07
CA LYS C 93 21.27 57.42 4.48
C LYS C 93 22.73 57.79 4.67
N TRP C 94 23.53 57.62 3.63
CA TRP C 94 24.95 57.91 3.73
C TRP C 94 25.18 59.41 3.77
N GLY C 95 26.21 59.83 4.50
CA GLY C 95 26.55 61.23 4.64
C GLY C 95 26.63 61.69 6.07
N MET D 1 -48.66 -0.56 -5.72
CA MET D 1 -50.12 -0.67 -5.61
C MET D 1 -50.80 0.55 -6.20
N LYS D 2 -51.49 0.35 -7.33
CA LYS D 2 -52.24 1.40 -8.01
C LYS D 2 -51.33 2.58 -8.35
N MET D 3 -51.30 3.59 -7.50
CA MET D 3 -50.46 4.76 -7.73
C MET D 3 -49.01 4.34 -7.58
N ALA D 4 -48.22 4.53 -8.63
CA ALA D 4 -46.81 4.18 -8.63
C ALA D 4 -46.13 4.96 -9.74
N SER D 5 -44.89 4.60 -10.05
CA SER D 5 -44.17 5.21 -11.16
C SER D 5 -44.66 4.65 -12.49
N THR D 6 -44.26 5.33 -13.57
CA THR D 6 -44.61 4.86 -14.91
C THR D 6 -43.95 3.53 -15.21
N ARG D 7 -42.72 3.33 -14.73
CA ARG D 7 -42.00 2.10 -15.00
C ARG D 7 -42.73 0.89 -14.43
N CYS D 8 -43.35 1.03 -13.26
CA CYS D 8 -44.06 -0.09 -12.66
C CYS D 8 -45.26 -0.49 -13.52
N LYS D 9 -46.02 0.50 -14.00
CA LYS D 9 -47.16 0.18 -14.86
C LYS D 9 -46.70 -0.45 -16.16
N LEU D 10 -45.63 0.08 -16.75
CA LEU D 10 -45.10 -0.51 -17.99
C LEU D 10 -44.65 -1.94 -17.75
N ALA D 11 -43.99 -2.20 -16.62
CA ALA D 11 -43.55 -3.56 -16.30
C ALA D 11 -44.74 -4.50 -16.14
N ARG D 12 -45.80 -4.03 -15.48
CA ARG D 12 -47.00 -4.86 -15.34
C ARG D 12 -47.62 -5.17 -16.69
N TYR D 13 -47.69 -4.17 -17.56
CA TYR D 13 -48.23 -4.42 -18.90
C TYR D 13 -47.37 -5.40 -19.67
N LEU D 14 -46.04 -5.35 -19.49
CA LEU D 14 -45.18 -6.34 -20.10
C LEU D 14 -45.40 -7.73 -19.50
N GLU D 15 -45.67 -7.81 -18.20
CA GLU D 15 -46.08 -9.09 -17.62
C GLU D 15 -47.34 -9.63 -18.28
N ASP D 16 -48.27 -8.75 -18.65
CA ASP D 16 -49.49 -9.20 -19.30
C ASP D 16 -49.22 -9.85 -20.66
N LEU D 17 -48.04 -9.61 -21.25
CA LEU D 17 -47.72 -10.19 -22.54
C LEU D 17 -47.45 -11.68 -22.42
N GLU D 18 -47.60 -12.38 -23.55
CA GLU D 18 -47.30 -13.79 -23.66
C GLU D 18 -45.81 -13.99 -23.95
N ASP D 19 -45.45 -15.21 -24.39
CA ASP D 19 -44.06 -15.49 -24.74
C ASP D 19 -43.75 -15.06 -26.17
N VAL D 20 -44.46 -15.63 -27.15
CA VAL D 20 -44.27 -15.23 -28.53
C VAL D 20 -44.70 -13.77 -28.72
N ASP D 21 -45.70 -13.33 -27.97
CA ASP D 21 -46.06 -11.92 -27.99
C ASP D 21 -44.92 -11.05 -27.48
N LEU D 22 -44.21 -11.52 -26.45
CA LEU D 22 -43.03 -10.80 -25.98
C LEU D 22 -41.94 -10.77 -27.04
N LYS D 23 -41.76 -11.88 -27.76
CA LYS D 23 -40.77 -11.90 -28.84
C LYS D 23 -41.12 -10.89 -29.93
N LYS D 24 -42.40 -10.81 -30.30
CA LYS D 24 -42.82 -9.81 -31.28
C LYS D 24 -42.64 -8.40 -30.75
N PHE D 25 -42.92 -8.19 -29.46
CA PHE D 25 -42.69 -6.89 -28.84
C PHE D 25 -41.22 -6.50 -28.93
N LYS D 26 -40.33 -7.45 -28.64
CA LYS D 26 -38.89 -7.17 -28.74
C LYS D 26 -38.49 -6.89 -30.17
N MET D 27 -39.07 -7.62 -31.14
CA MET D 27 -38.76 -7.35 -32.55
C MET D 27 -39.16 -5.93 -32.92
N HIS D 28 -40.35 -5.50 -32.51
CA HIS D 28 -40.79 -4.15 -32.82
C HIS D 28 -39.94 -3.11 -32.09
N LEU D 29 -39.48 -3.43 -30.88
CA LEU D 29 -38.64 -2.52 -30.13
C LEU D 29 -37.30 -2.30 -30.82
N GLU D 30 -36.64 -3.40 -31.21
CA GLU D 30 -35.33 -3.29 -31.86
C GLU D 30 -35.41 -2.66 -33.24
N ASP D 31 -36.57 -2.67 -33.87
CA ASP D 31 -36.75 -2.16 -35.22
C ASP D 31 -37.89 -1.15 -35.26
N TYR D 32 -37.89 -0.22 -34.32
CA TYR D 32 -38.91 0.81 -34.29
C TYR D 32 -38.74 1.74 -35.49
N PRO D 33 -39.83 2.25 -36.04
CA PRO D 33 -39.73 3.14 -37.20
C PRO D 33 -38.89 4.37 -36.89
N PRO D 34 -38.09 4.84 -37.84
CA PRO D 34 -37.21 6.00 -37.57
C PRO D 34 -37.96 7.26 -37.19
N GLN D 35 -39.18 7.43 -37.67
CA GLN D 35 -39.94 8.65 -37.40
C GLN D 35 -40.51 8.60 -35.98
N LYS D 36 -41.37 9.57 -35.67
CA LYS D 36 -42.00 9.74 -34.36
C LYS D 36 -40.98 10.02 -33.26
N GLY D 37 -39.75 10.39 -33.63
CA GLY D 37 -38.75 10.84 -32.68
C GLY D 37 -38.40 9.84 -31.59
N CYS D 38 -38.17 8.58 -31.96
CA CYS D 38 -37.86 7.54 -30.99
C CYS D 38 -36.55 6.88 -31.37
N ILE D 39 -35.87 6.33 -30.36
CA ILE D 39 -34.57 5.70 -30.52
C ILE D 39 -34.77 4.19 -30.43
N PRO D 40 -34.49 3.43 -31.50
CA PRO D 40 -34.62 1.97 -31.41
C PRO D 40 -33.62 1.38 -30.42
N LEU D 41 -34.04 0.29 -29.79
CA LEU D 41 -33.20 -0.34 -28.78
C LEU D 41 -32.18 -1.27 -29.44
N PRO D 42 -31.00 -1.41 -28.85
CA PRO D 42 -30.02 -2.36 -29.40
C PRO D 42 -30.49 -3.80 -29.24
N ARG D 43 -30.06 -4.64 -30.17
CA ARG D 43 -30.44 -6.05 -30.15
C ARG D 43 -29.73 -6.80 -29.03
N GLY D 44 -28.54 -6.35 -28.65
CA GLY D 44 -27.78 -7.07 -27.63
C GLY D 44 -28.42 -7.01 -26.26
N GLN D 45 -28.97 -5.85 -25.89
CA GLN D 45 -29.55 -5.71 -24.56
C GLN D 45 -30.95 -6.28 -24.48
N THR D 46 -31.71 -6.22 -25.58
CA THR D 46 -33.06 -6.78 -25.60
C THR D 46 -33.04 -8.23 -26.09
N GLU D 47 -32.21 -9.04 -25.46
CA GLU D 47 -32.11 -10.47 -25.75
C GLU D 47 -32.34 -11.33 -24.53
N LYS D 48 -31.98 -10.85 -23.35
CA LYS D 48 -32.23 -11.54 -22.10
C LYS D 48 -33.28 -10.84 -21.23
N ALA D 49 -33.57 -9.58 -21.50
CA ALA D 49 -34.57 -8.84 -20.73
C ALA D 49 -35.96 -9.38 -21.01
N ASP D 50 -36.59 -9.98 -19.99
CA ASP D 50 -37.90 -10.57 -20.20
C ASP D 50 -39.03 -9.54 -20.08
N HIS D 51 -39.26 -8.99 -18.89
CA HIS D 51 -40.29 -7.97 -18.71
C HIS D 51 -39.88 -6.80 -17.83
N VAL D 52 -38.97 -6.96 -16.88
CA VAL D 52 -38.59 -5.86 -16.01
C VAL D 52 -37.39 -5.11 -16.58
N ASP D 53 -36.35 -5.85 -16.97
CA ASP D 53 -35.19 -5.22 -17.59
C ASP D 53 -35.57 -4.56 -18.92
N LEU D 54 -36.52 -5.16 -19.65
CA LEU D 54 -36.99 -4.54 -20.89
C LEU D 54 -37.68 -3.21 -20.61
N ALA D 55 -38.51 -3.14 -19.56
CA ALA D 55 -39.16 -1.89 -19.22
C ALA D 55 -38.15 -0.85 -18.76
N THR D 56 -37.16 -1.26 -17.96
CA THR D 56 -36.14 -0.31 -17.54
C THR D 56 -35.39 0.24 -18.74
N LEU D 57 -35.04 -0.64 -19.69
CA LEU D 57 -34.32 -0.19 -20.88
C LEU D 57 -35.17 0.76 -21.71
N MET D 58 -36.46 0.45 -21.89
CA MET D 58 -37.34 1.33 -22.66
C MET D 58 -37.42 2.71 -22.03
N ILE D 59 -37.72 2.76 -20.73
CA ILE D 59 -37.81 4.05 -20.04
C ILE D 59 -36.49 4.80 -20.15
N ASP D 60 -35.39 4.12 -19.85
CA ASP D 60 -34.08 4.76 -19.81
C ASP D 60 -33.69 5.30 -21.17
N PHE D 61 -34.01 4.58 -22.23
CA PHE D 61 -33.63 5.01 -23.57
C PHE D 61 -34.52 6.14 -24.08
N ASN D 62 -35.80 6.15 -23.73
CA ASN D 62 -36.73 7.01 -24.46
C ASN D 62 -37.40 8.10 -23.64
N GLY D 63 -37.34 8.06 -22.30
CA GLY D 63 -38.15 8.95 -21.51
C GLY D 63 -39.56 8.40 -21.37
N GLU D 64 -40.27 8.91 -20.35
CA GLU D 64 -41.58 8.35 -20.00
C GLU D 64 -42.58 8.52 -21.13
N GLU D 65 -42.64 9.73 -21.70
CA GLU D 65 -43.61 10.01 -22.76
C GLU D 65 -43.38 9.10 -23.96
N LYS D 66 -42.14 9.06 -24.46
CA LYS D 66 -41.85 8.28 -25.64
C LYS D 66 -42.02 6.78 -25.37
N ALA D 67 -41.62 6.33 -24.18
CA ALA D 67 -41.77 4.92 -23.86
C ALA D 67 -43.23 4.50 -23.83
N TRP D 68 -44.09 5.33 -23.23
CA TRP D 68 -45.51 5.02 -23.23
C TRP D 68 -46.08 5.02 -24.64
N ALA D 69 -45.67 6.00 -25.46
CA ALA D 69 -46.17 6.06 -26.83
C ALA D 69 -45.77 4.81 -27.62
N MET D 70 -44.50 4.41 -27.53
CA MET D 70 -44.07 3.21 -28.23
C MET D 70 -44.73 1.96 -27.70
N ALA D 71 -44.94 1.89 -26.37
CA ALA D 71 -45.62 0.72 -25.81
C ALA D 71 -47.03 0.60 -26.36
N VAL D 72 -47.76 1.73 -26.41
CA VAL D 72 -49.12 1.70 -26.95
C VAL D 72 -49.11 1.30 -28.42
N TRP D 73 -48.19 1.90 -29.19
CA TRP D 73 -48.14 1.61 -30.62
C TRP D 73 -47.82 0.15 -30.89
N ILE D 74 -46.87 -0.42 -30.14
CA ILE D 74 -46.51 -1.82 -30.36
C ILE D 74 -47.63 -2.74 -29.90
N PHE D 75 -48.27 -2.42 -28.77
CA PHE D 75 -49.42 -3.21 -28.33
C PHE D 75 -50.50 -3.23 -29.41
N ALA D 76 -50.67 -2.11 -30.12
CA ALA D 76 -51.58 -2.11 -31.26
C ALA D 76 -51.02 -2.94 -32.42
N ALA D 77 -49.69 -2.94 -32.58
CA ALA D 77 -49.07 -3.57 -33.73
C ALA D 77 -49.05 -5.10 -33.66
N ILE D 78 -48.98 -5.66 -32.44
CA ILE D 78 -48.83 -7.11 -32.29
C ILE D 78 -50.20 -7.76 -32.17
N ASN D 79 -51.25 -7.04 -32.56
CA ASN D 79 -52.62 -7.54 -32.58
C ASN D 79 -53.14 -7.88 -31.18
N ARG D 80 -52.52 -7.30 -30.15
CA ARG D 80 -53.02 -7.41 -28.79
C ARG D 80 -53.81 -6.15 -28.48
N ARG D 81 -55.04 -6.10 -29.00
CA ARG D 81 -55.86 -4.90 -28.86
C ARG D 81 -56.20 -4.61 -27.41
N ASP D 82 -56.66 -5.62 -26.66
CA ASP D 82 -57.13 -5.38 -25.30
C ASP D 82 -56.11 -4.61 -24.48
N LEU D 83 -54.84 -5.01 -24.56
CA LEU D 83 -53.78 -4.23 -23.91
C LEU D 83 -53.68 -2.84 -24.51
N TYR D 84 -53.99 -2.68 -25.80
CA TYR D 84 -53.92 -1.37 -26.42
C TYR D 84 -54.90 -0.39 -25.79
N GLU D 85 -56.19 -0.76 -25.69
CA GLU D 85 -57.10 0.19 -25.05
C GLU D 85 -56.87 0.25 -23.55
N LYS D 86 -56.37 -0.83 -22.95
CA LYS D 86 -56.07 -0.78 -21.52
C LYS D 86 -54.98 0.25 -21.22
N ALA D 87 -53.97 0.31 -22.07
CA ALA D 87 -52.92 1.32 -21.90
C ALA D 87 -53.43 2.71 -22.28
N LYS D 88 -54.31 2.79 -23.28
CA LYS D 88 -54.85 4.09 -23.67
C LYS D 88 -55.68 4.71 -22.55
N ARG D 89 -56.52 3.92 -21.89
CA ARG D 89 -57.37 4.46 -20.84
C ARG D 89 -56.60 4.76 -19.56
N ASP D 90 -55.54 4.00 -19.29
CA ASP D 90 -54.79 4.11 -18.04
C ASP D 90 -53.48 4.86 -18.24
N GLU D 91 -53.48 5.86 -19.11
CA GLU D 91 -52.29 6.66 -19.33
C GLU D 91 -52.01 7.52 -18.11
N PRO D 92 -50.78 7.54 -17.59
CA PRO D 92 -50.48 8.36 -16.41
C PRO D 92 -50.68 9.85 -16.70
N LYS D 93 -51.09 10.57 -15.67
CA LYS D 93 -51.28 12.02 -15.77
C LYS D 93 -49.93 12.70 -15.87
N TRP D 94 -49.55 13.07 -17.09
CA TRP D 94 -48.25 13.67 -17.32
C TRP D 94 -48.20 15.10 -16.79
N GLY D 95 -47.06 15.48 -16.24
CA GLY D 95 -46.89 16.82 -15.70
C GLY D 95 -46.47 16.83 -14.24
N MET E 1 0.18 24.15 -19.03
CA MET E 1 -0.81 24.48 -20.04
C MET E 1 -0.14 24.65 -21.40
N LYS E 2 -0.43 23.71 -22.32
CA LYS E 2 0.12 23.72 -23.66
C LYS E 2 1.65 23.72 -23.63
N MET E 3 2.26 24.90 -23.72
CA MET E 3 3.71 25.03 -23.68
C MET E 3 4.21 24.68 -22.28
N ALA E 4 5.18 23.78 -22.20
CA ALA E 4 5.77 23.36 -20.94
C ALA E 4 7.11 22.70 -21.24
N SER E 5 7.72 22.08 -20.23
CA SER E 5 8.94 21.34 -20.42
C SER E 5 8.66 19.97 -21.04
N THR E 6 9.71 19.32 -21.52
CA THR E 6 9.55 17.99 -22.10
C THR E 6 9.10 16.98 -21.06
N ARG E 7 9.62 17.08 -19.84
CA ARG E 7 9.22 16.14 -18.79
C ARG E 7 7.72 16.22 -18.53
N CYS E 8 7.14 17.41 -18.66
CA CYS E 8 5.70 17.56 -18.42
C CYS E 8 4.90 16.79 -19.46
N LYS E 9 5.26 16.93 -20.74
CA LYS E 9 4.54 16.20 -21.78
C LYS E 9 4.74 14.69 -21.63
N LEU E 10 5.96 14.28 -21.32
CA LEU E 10 6.21 12.84 -21.13
C LEU E 10 5.41 12.30 -19.95
N ALA E 11 5.34 13.06 -18.85
CA ALA E 11 4.57 12.62 -17.70
C ALA E 11 3.09 12.55 -18.03
N ARG E 12 2.58 13.50 -18.82
CA ARG E 12 1.18 13.44 -19.23
C ARG E 12 0.90 12.18 -20.05
N TYR E 13 1.75 11.89 -21.04
CA TYR E 13 1.54 10.71 -21.86
C TYR E 13 1.63 9.43 -21.03
N LEU E 14 2.57 9.37 -20.09
CA LEU E 14 2.65 8.20 -19.21
C LEU E 14 1.42 8.11 -18.32
N GLU E 15 0.90 9.25 -17.86
CA GLU E 15 -0.32 9.26 -17.05
C GLU E 15 -1.50 8.74 -17.85
N ASP E 16 -1.49 8.92 -19.17
CA ASP E 16 -2.56 8.38 -20.00
C ASP E 16 -2.63 6.85 -19.91
N LEU E 17 -1.48 6.19 -19.77
CA LEU E 17 -1.44 4.73 -19.75
C LEU E 17 -2.19 4.16 -18.55
N GLU E 18 -2.72 2.95 -18.73
CA GLU E 18 -3.41 2.23 -17.68
C GLU E 18 -2.40 1.56 -16.75
N ASP E 19 -2.89 0.64 -15.92
CA ASP E 19 -2.01 -0.03 -14.95
C ASP E 19 -1.19 -1.12 -15.63
N VAL E 20 -1.84 -2.08 -16.27
CA VAL E 20 -1.11 -3.15 -16.95
C VAL E 20 -0.30 -2.57 -18.10
N ASP E 21 -0.80 -1.54 -18.77
CA ASP E 21 -0.01 -0.87 -19.79
C ASP E 21 1.22 -0.21 -19.18
N LEU E 22 1.09 0.33 -17.97
CA LEU E 22 2.25 0.88 -17.28
C LEU E 22 3.26 -0.21 -16.94
N LYS E 23 2.79 -1.37 -16.52
CA LYS E 23 3.70 -2.48 -16.24
C LYS E 23 4.43 -2.91 -17.51
N LYS E 24 3.73 -2.98 -18.64
CA LYS E 24 4.38 -3.30 -19.90
C LYS E 24 5.39 -2.23 -20.30
N PHE E 25 5.05 -0.96 -20.07
CA PHE E 25 5.98 0.13 -20.37
C PHE E 25 7.24 0.02 -19.53
N LYS E 26 7.09 -0.31 -18.25
CA LYS E 26 8.25 -0.50 -17.38
C LYS E 26 9.09 -1.69 -17.83
N MET E 27 8.44 -2.79 -18.24
CA MET E 27 9.19 -3.89 -18.82
C MET E 27 10.01 -3.45 -20.02
N HIS E 28 9.38 -2.70 -20.93
CA HIS E 28 10.09 -2.32 -22.15
C HIS E 28 11.21 -1.34 -21.87
N LEU E 29 11.07 -0.51 -20.83
CA LEU E 29 12.20 0.33 -20.41
C LEU E 29 13.33 -0.51 -19.86
N GLU E 30 13.01 -1.47 -18.97
CA GLU E 30 14.05 -2.24 -18.32
C GLU E 30 14.83 -3.13 -19.27
N ASP E 31 14.20 -3.61 -20.34
CA ASP E 31 14.85 -4.45 -21.34
C ASP E 31 14.82 -3.79 -22.71
N TYR E 32 15.16 -2.50 -22.77
CA TYR E 32 15.23 -1.83 -24.04
C TYR E 32 16.33 -2.45 -24.90
N PRO E 33 16.13 -2.56 -26.21
CA PRO E 33 17.12 -3.23 -27.06
C PRO E 33 18.49 -2.57 -26.95
N PRO E 34 19.56 -3.37 -26.96
CA PRO E 34 20.90 -2.78 -26.81
C PRO E 34 21.27 -1.80 -27.90
N GLN E 35 20.69 -1.94 -29.09
CA GLN E 35 21.02 -1.06 -30.20
C GLN E 35 20.35 0.30 -30.00
N LYS E 36 20.45 1.16 -31.01
CA LYS E 36 19.89 2.52 -31.00
C LYS E 36 20.55 3.40 -29.94
N GLY E 37 21.65 2.94 -29.35
CA GLY E 37 22.40 3.71 -28.39
C GLY E 37 21.60 4.21 -27.20
N CYS E 38 20.95 3.29 -26.48
CA CYS E 38 20.11 3.66 -25.35
C CYS E 38 20.58 2.91 -24.11
N ILE E 39 20.34 3.51 -22.95
CA ILE E 39 20.71 2.95 -21.66
C ILE E 39 19.44 2.42 -21.00
N PRO E 40 19.29 1.11 -20.82
CA PRO E 40 18.10 0.60 -20.15
C PRO E 40 18.04 1.04 -18.70
N LEU E 41 16.82 1.26 -18.22
CA LEU E 41 16.63 1.71 -16.84
C LEU E 41 16.74 0.53 -15.89
N PRO E 42 17.41 0.71 -14.75
CA PRO E 42 17.50 -0.39 -13.77
C PRO E 42 16.14 -0.70 -13.17
N ARG E 43 15.96 -1.98 -12.82
CA ARG E 43 14.69 -2.43 -12.27
C ARG E 43 14.46 -1.88 -10.86
N GLY E 44 15.51 -1.41 -10.20
CA GLY E 44 15.37 -0.96 -8.84
C GLY E 44 14.51 0.30 -8.72
N GLN E 45 14.69 1.24 -9.63
CA GLN E 45 13.94 2.50 -9.54
C GLN E 45 12.61 2.42 -10.26
N THR E 46 12.53 1.64 -11.33
CA THR E 46 11.27 1.44 -12.05
C THR E 46 10.41 0.38 -11.37
N GLU E 47 10.20 0.53 -10.07
CA GLU E 47 9.38 -0.37 -9.29
C GLU E 47 8.31 0.34 -8.49
N LYS E 48 8.57 1.56 -8.05
CA LYS E 48 7.57 2.38 -7.36
C LYS E 48 7.20 3.64 -8.11
N ALA E 49 7.96 4.00 -9.15
CA ALA E 49 7.64 5.19 -9.94
C ALA E 49 6.35 4.97 -10.70
N ASP E 50 5.34 5.81 -10.41
CA ASP E 50 4.03 5.61 -11.03
C ASP E 50 3.95 6.22 -12.43
N HIS E 51 3.95 7.55 -12.53
CA HIS E 51 4.02 8.18 -13.85
C HIS E 51 4.91 9.40 -13.93
N VAL E 52 5.18 10.10 -12.82
CA VAL E 52 6.03 11.28 -12.88
C VAL E 52 7.49 10.91 -12.65
N ASP E 53 7.74 10.12 -11.61
CA ASP E 53 9.10 9.66 -11.35
C ASP E 53 9.63 8.83 -12.51
N LEU E 54 8.77 8.03 -13.14
CA LEU E 54 9.20 7.26 -14.31
C LEU E 54 9.62 8.18 -15.44
N ALA E 55 8.84 9.23 -15.69
CA ALA E 55 9.17 10.15 -16.78
C ALA E 55 10.45 10.90 -16.50
N THR E 56 10.63 11.39 -15.28
CA THR E 56 11.86 12.10 -14.96
C THR E 56 13.06 11.15 -14.97
N LEU E 57 12.84 9.89 -14.63
CA LEU E 57 13.91 8.90 -14.72
C LEU E 57 14.31 8.67 -16.18
N MET E 58 13.33 8.52 -17.06
CA MET E 58 13.64 8.37 -18.49
C MET E 58 14.43 9.57 -19.01
N ILE E 59 13.95 10.78 -18.72
CA ILE E 59 14.63 11.97 -19.20
C ILE E 59 16.05 12.04 -18.64
N ASP E 60 16.19 11.86 -17.33
CA ASP E 60 17.49 11.99 -16.69
C ASP E 60 18.47 10.94 -17.20
N PHE E 61 17.98 9.74 -17.50
CA PHE E 61 18.86 8.67 -17.96
C PHE E 61 19.27 8.85 -19.41
N ASN E 62 18.39 9.38 -20.26
CA ASN E 62 18.63 9.29 -21.69
C ASN E 62 18.74 10.60 -22.45
N GLY E 63 18.47 11.74 -21.82
CA GLY E 63 18.34 12.99 -22.56
C GLY E 63 16.96 13.09 -23.18
N GLU E 64 16.57 14.32 -23.50
CA GLU E 64 15.22 14.57 -23.98
C GLU E 64 14.96 13.87 -25.31
N GLU E 65 15.93 13.97 -26.24
CA GLU E 65 15.79 13.35 -27.56
C GLU E 65 15.54 11.86 -27.43
N LYS E 66 16.43 11.17 -26.71
CA LYS E 66 16.37 9.72 -26.65
C LYS E 66 15.18 9.27 -25.81
N ALA E 67 14.81 10.05 -24.79
CA ALA E 67 13.64 9.71 -24.00
C ALA E 67 12.37 9.78 -24.84
N TRP E 68 12.25 10.82 -25.68
CA TRP E 68 11.08 10.89 -26.56
C TRP E 68 11.07 9.76 -27.57
N ALA E 69 12.25 9.44 -28.14
CA ALA E 69 12.31 8.34 -29.09
C ALA E 69 11.90 7.02 -28.45
N MET E 70 12.42 6.75 -27.25
CA MET E 70 12.07 5.53 -26.53
C MET E 70 10.58 5.50 -26.18
N ALA E 71 10.02 6.64 -25.76
CA ALA E 71 8.61 6.68 -25.43
C ALA E 71 7.75 6.35 -26.65
N VAL E 72 8.08 6.94 -27.79
CA VAL E 72 7.31 6.67 -29.01
C VAL E 72 7.43 5.20 -29.40
N TRP E 73 8.66 4.67 -29.39
CA TRP E 73 8.86 3.29 -29.81
C TRP E 73 8.15 2.31 -28.89
N ILE E 74 8.20 2.55 -27.57
CA ILE E 74 7.55 1.65 -26.63
C ILE E 74 6.03 1.77 -26.73
N PHE E 75 5.52 2.98 -26.90
CA PHE E 75 4.08 3.15 -27.11
C PHE E 75 3.64 2.34 -28.32
N ALA E 76 4.45 2.32 -29.38
CA ALA E 76 4.15 1.45 -30.50
C ALA E 76 4.23 -0.03 -30.10
N ALA E 77 5.22 -0.37 -29.28
CA ALA E 77 5.49 -1.78 -28.97
C ALA E 77 4.50 -2.38 -27.99
N ILE E 78 3.93 -1.59 -27.09
CA ILE E 78 3.00 -2.11 -26.10
C ILE E 78 1.59 -2.03 -26.66
N ASN E 79 1.49 -1.82 -27.97
CA ASN E 79 0.22 -1.80 -28.70
C ASN E 79 -0.68 -0.65 -28.27
N ARG E 80 -0.09 0.49 -27.95
CA ARG E 80 -0.84 1.73 -27.72
C ARG E 80 -0.72 2.58 -28.98
N ARG E 81 -1.50 2.21 -29.99
CA ARG E 81 -1.38 2.88 -31.29
C ARG E 81 -1.86 4.34 -31.23
N ASP E 82 -2.92 4.61 -30.46
CA ASP E 82 -3.40 5.99 -30.35
C ASP E 82 -2.36 6.89 -29.69
N LEU E 83 -1.75 6.43 -28.60
CA LEU E 83 -0.69 7.20 -27.96
C LEU E 83 0.52 7.33 -28.88
N TYR E 84 0.83 6.29 -29.65
CA TYR E 84 1.94 6.35 -30.58
C TYR E 84 1.71 7.43 -31.62
N GLU E 85 0.50 7.48 -32.20
CA GLU E 85 0.19 8.51 -33.17
C GLU E 85 0.23 9.90 -32.55
N LYS E 86 -0.34 10.04 -31.34
CA LYS E 86 -0.34 11.34 -30.68
C LYS E 86 1.07 11.82 -30.39
N ALA E 87 1.95 10.92 -29.94
CA ALA E 87 3.34 11.29 -29.69
C ALA E 87 4.05 11.66 -30.97
N LYS E 88 3.76 10.96 -32.07
CA LYS E 88 4.36 11.33 -33.34
C LYS E 88 3.91 12.72 -33.78
N ARG E 89 2.62 13.04 -33.61
CA ARG E 89 2.12 14.33 -34.09
C ARG E 89 2.60 15.49 -33.23
N ASP E 90 2.79 15.28 -31.94
CA ASP E 90 3.10 16.35 -31.00
C ASP E 90 4.56 16.33 -30.58
N GLU E 91 5.45 15.98 -31.50
CA GLU E 91 6.88 15.97 -31.18
C GLU E 91 7.39 17.39 -31.01
N PRO E 92 8.10 17.70 -29.93
CA PRO E 92 8.63 19.06 -29.74
C PRO E 92 9.63 19.43 -30.82
N LYS E 93 9.67 20.72 -31.15
CA LYS E 93 10.58 21.23 -32.15
C LYS E 93 12.00 21.23 -31.59
N TRP E 94 12.76 20.18 -31.91
CA TRP E 94 14.11 20.04 -31.38
C TRP E 94 15.06 21.04 -32.02
N GLY E 95 16.04 21.49 -31.25
CA GLY E 95 17.02 22.44 -31.73
C GLY E 95 18.02 22.85 -30.66
N MET F 1 -24.11 11.87 -28.35
CA MET F 1 -25.24 12.01 -29.25
C MET F 1 -24.75 12.28 -30.67
N LYS F 2 -24.92 11.28 -31.55
CA LYS F 2 -24.51 11.40 -32.95
C LYS F 2 -23.03 11.72 -33.06
N MET F 3 -22.71 13.01 -33.19
CA MET F 3 -21.33 13.47 -33.27
C MET F 3 -20.60 13.07 -31.99
N ALA F 4 -19.66 12.15 -32.10
CA ALA F 4 -18.87 11.68 -30.97
C ALA F 4 -17.60 11.06 -31.51
N SER F 5 -16.83 10.41 -30.64
CA SER F 5 -15.59 9.77 -31.02
C SER F 5 -15.86 8.48 -31.80
N THR F 6 -14.82 7.98 -32.46
CA THR F 6 -14.93 6.73 -33.19
C THR F 6 -15.20 5.56 -32.25
N ARG F 7 -14.55 5.56 -31.08
CA ARG F 7 -14.76 4.48 -30.12
C ARG F 7 -16.22 4.41 -29.68
N CYS F 8 -16.89 5.55 -29.59
CA CYS F 8 -18.29 5.55 -29.17
C CYS F 8 -19.16 4.83 -30.19
N LYS F 9 -18.99 5.16 -31.47
CA LYS F 9 -19.78 4.52 -32.52
C LYS F 9 -19.44 3.03 -32.62
N LEU F 10 -18.16 2.69 -32.48
CA LEU F 10 -17.77 1.28 -32.52
C LEU F 10 -18.38 0.51 -31.36
N ALA F 11 -18.40 1.12 -30.16
CA ALA F 11 -18.99 0.47 -29.00
C ALA F 11 -20.49 0.29 -29.18
N ARG F 12 -21.16 1.29 -29.77
CA ARG F 12 -22.59 1.14 -30.06
C ARG F 12 -22.83 -0.01 -31.02
N TYR F 13 -22.03 -0.09 -32.08
CA TYR F 13 -22.19 -1.17 -33.06
C TYR F 13 -21.96 -2.53 -32.43
N LEU F 14 -20.94 -2.65 -31.57
CA LEU F 14 -20.69 -3.91 -30.89
C LEU F 14 -21.81 -4.25 -29.90
N GLU F 15 -22.39 -3.23 -29.26
CA GLU F 15 -23.53 -3.46 -28.38
C GLU F 15 -24.74 -3.97 -29.15
N ASP F 16 -24.89 -3.53 -30.41
CA ASP F 16 -25.98 -4.04 -31.24
C ASP F 16 -25.90 -5.55 -31.41
N LEU F 17 -24.70 -6.13 -31.39
CA LEU F 17 -24.54 -7.57 -31.57
C LEU F 17 -25.13 -8.34 -30.38
N GLU F 18 -25.59 -9.55 -30.67
CA GLU F 18 -26.15 -10.44 -29.66
C GLU F 18 -25.01 -11.11 -28.88
N ASP F 19 -25.36 -12.13 -28.10
CA ASP F 19 -24.36 -12.82 -27.28
C ASP F 19 -23.54 -13.80 -28.12
N VAL F 20 -24.22 -14.72 -28.81
CA VAL F 20 -23.51 -15.66 -29.67
C VAL F 20 -22.84 -14.93 -30.82
N ASP F 21 -23.47 -13.89 -31.34
CA ASP F 21 -22.83 -13.07 -32.37
C ASP F 21 -21.58 -12.39 -31.82
N LEU F 22 -21.63 -11.96 -30.56
CA LEU F 22 -20.44 -11.41 -29.92
C LEU F 22 -19.34 -12.45 -29.79
N LYS F 23 -19.70 -13.68 -29.46
CA LYS F 23 -18.70 -14.75 -29.35
C LYS F 23 -18.06 -15.01 -30.70
N LYS F 24 -18.87 -15.05 -31.77
CA LYS F 24 -18.31 -15.20 -33.12
C LYS F 24 -17.43 -14.02 -33.50
N PHE F 25 -17.83 -12.81 -33.09
CA PHE F 25 -17.02 -11.62 -33.34
C PHE F 25 -15.66 -11.73 -32.67
N LYS F 26 -15.64 -12.17 -31.41
CA LYS F 26 -14.37 -12.34 -30.71
C LYS F 26 -13.53 -13.43 -31.35
N MET F 27 -14.17 -14.52 -31.81
CA MET F 27 -13.45 -15.58 -32.49
C MET F 27 -12.79 -15.07 -33.77
N HIS F 28 -13.51 -14.24 -34.53
CA HIS F 28 -12.92 -13.67 -35.74
C HIS F 28 -11.83 -12.66 -35.41
N LEU F 29 -11.98 -11.92 -34.31
CA LEU F 29 -10.93 -10.99 -33.90
C LEU F 29 -9.65 -11.72 -33.56
N GLU F 30 -9.75 -12.83 -32.82
CA GLU F 30 -8.57 -13.55 -32.40
C GLU F 30 -7.83 -14.21 -33.56
N ASP F 31 -8.46 -14.35 -34.72
CA ASP F 31 -7.86 -14.98 -35.89
C ASP F 31 -8.05 -14.13 -37.14
N TYR F 32 -7.81 -12.83 -37.04
CA TYR F 32 -7.90 -11.98 -38.21
C TYR F 32 -6.82 -12.37 -39.22
N PRO F 33 -7.11 -12.33 -40.52
CA PRO F 33 -6.14 -12.77 -41.52
C PRO F 33 -4.84 -11.98 -41.42
N PRO F 34 -3.70 -12.65 -41.57
CA PRO F 34 -2.41 -11.96 -41.43
C PRO F 34 -2.22 -10.84 -42.43
N GLN F 35 -2.80 -10.94 -43.63
CA GLN F 35 -2.66 -9.91 -44.64
C GLN F 35 -3.52 -8.70 -44.28
N LYS F 36 -3.57 -7.71 -45.18
CA LYS F 36 -4.25 -6.44 -44.98
C LYS F 36 -3.66 -5.64 -43.82
N GLY F 37 -2.47 -6.02 -43.37
CA GLY F 37 -1.75 -5.29 -42.35
C GLY F 37 -2.52 -5.00 -41.07
N CYS F 38 -2.88 -6.05 -40.33
CA CYS F 38 -3.61 -5.90 -39.08
C CYS F 38 -3.00 -6.82 -38.04
N ILE F 39 -3.16 -6.43 -36.78
CA ILE F 39 -2.62 -7.18 -35.64
C ILE F 39 -3.77 -7.95 -35.00
N PRO F 40 -3.75 -9.28 -35.01
CA PRO F 40 -4.80 -10.03 -34.33
C PRO F 40 -4.81 -9.78 -32.84
N LEU F 41 -6.01 -9.71 -32.26
CA LEU F 41 -6.09 -9.42 -30.84
C LEU F 41 -5.78 -10.67 -30.02
N PRO F 42 -5.07 -10.53 -28.91
CA PRO F 42 -4.79 -11.68 -28.05
C PRO F 42 -6.05 -12.21 -27.39
N ARG F 43 -6.03 -13.51 -27.11
CA ARG F 43 -7.19 -14.17 -26.52
C ARG F 43 -7.36 -13.82 -25.04
N GLY F 44 -6.31 -13.29 -24.41
CA GLY F 44 -6.37 -13.03 -22.98
C GLY F 44 -7.40 -11.98 -22.61
N GLN F 45 -7.42 -10.85 -23.33
CA GLN F 45 -8.34 -9.78 -22.98
C GLN F 45 -9.69 -9.94 -23.68
N THR F 46 -9.73 -10.60 -24.83
CA THR F 46 -11.00 -10.84 -25.52
C THR F 46 -11.71 -12.05 -24.95
N GLU F 47 -11.85 -12.08 -23.62
CA GLU F 47 -12.58 -13.12 -22.91
C GLU F 47 -13.55 -12.54 -21.88
N LYS F 48 -13.27 -11.35 -21.36
CA LYS F 48 -14.17 -10.65 -20.45
C LYS F 48 -14.79 -9.40 -21.07
N ALA F 49 -14.16 -8.81 -22.07
CA ALA F 49 -14.67 -7.59 -22.68
C ALA F 49 -15.99 -7.85 -23.37
N ASP F 50 -17.05 -7.21 -22.88
CA ASP F 50 -18.38 -7.48 -23.45
C ASP F 50 -18.64 -6.66 -24.71
N HIS F 51 -18.78 -5.34 -24.58
CA HIS F 51 -18.92 -4.51 -25.77
C HIS F 51 -18.17 -3.18 -25.71
N VAL F 52 -17.85 -2.66 -24.53
CA VAL F 52 -17.09 -1.40 -24.47
C VAL F 52 -15.60 -1.68 -24.48
N ASP F 53 -15.13 -2.53 -23.57
CA ASP F 53 -13.72 -2.86 -23.52
C ASP F 53 -13.25 -3.53 -24.81
N LEU F 54 -14.14 -4.25 -25.50
CA LEU F 54 -13.79 -4.81 -26.79
C LEU F 54 -13.48 -3.73 -27.81
N ALA F 55 -14.30 -2.69 -27.85
CA ALA F 55 -14.04 -1.57 -28.76
C ALA F 55 -12.77 -0.84 -28.37
N THR F 56 -12.55 -0.64 -27.08
CA THR F 56 -11.32 -0.01 -26.62
C THR F 56 -10.11 -0.80 -27.07
N LEU F 57 -10.14 -2.13 -26.90
CA LEU F 57 -9.03 -2.97 -27.27
C LEU F 57 -8.81 -2.95 -28.78
N MET F 58 -9.88 -3.02 -29.56
CA MET F 58 -9.75 -2.98 -31.01
C MET F 58 -9.08 -1.69 -31.47
N ILE F 59 -9.61 -0.54 -31.02
CA ILE F 59 -9.03 0.74 -31.42
C ILE F 59 -7.59 0.85 -30.95
N ASP F 60 -7.34 0.48 -29.70
CA ASP F 60 -6.01 0.59 -29.12
C ASP F 60 -5.00 -0.24 -29.90
N PHE F 61 -5.40 -1.44 -30.32
CA PHE F 61 -4.48 -2.33 -31.01
C PHE F 61 -4.24 -1.91 -32.45
N ASN F 62 -5.26 -1.37 -33.13
CA ASN F 62 -5.18 -1.27 -34.57
C ASN F 62 -5.21 0.14 -35.15
N GLY F 63 -5.53 1.17 -34.37
CA GLY F 63 -5.81 2.48 -34.93
C GLY F 63 -7.23 2.54 -35.46
N GLU F 64 -7.71 3.77 -35.63
CA GLU F 64 -9.12 3.97 -35.94
C GLU F 64 -9.48 3.42 -37.32
N GLU F 65 -8.63 3.71 -38.32
CA GLU F 65 -8.89 3.24 -39.68
C GLU F 65 -8.97 1.72 -39.73
N LYS F 66 -7.94 1.06 -39.20
CA LYS F 66 -7.89 -0.40 -39.27
C LYS F 66 -8.97 -1.03 -38.41
N ALA F 67 -9.30 -0.43 -37.27
CA ALA F 67 -10.35 -0.96 -36.42
C ALA F 67 -11.70 -0.90 -37.13
N TRP F 68 -12.00 0.22 -37.79
CA TRP F 68 -13.26 0.30 -38.53
C TRP F 68 -13.28 -0.68 -39.68
N ALA F 69 -12.16 -0.82 -40.40
CA ALA F 69 -12.11 -1.77 -41.51
C ALA F 69 -12.33 -3.20 -41.03
N MET F 70 -11.68 -3.58 -39.93
CA MET F 70 -11.86 -4.92 -39.38
C MET F 70 -13.28 -5.14 -38.91
N ALA F 71 -13.88 -4.13 -38.26
CA ALA F 71 -15.26 -4.26 -37.82
C ALA F 71 -16.19 -4.48 -38.99
N VAL F 72 -16.01 -3.72 -40.07
CA VAL F 72 -16.87 -3.87 -41.24
C VAL F 72 -16.69 -5.26 -41.85
N TRP F 73 -15.44 -5.69 -42.02
CA TRP F 73 -15.19 -6.98 -42.63
C TRP F 73 -15.75 -8.11 -41.79
N ILE F 74 -15.61 -8.03 -40.47
CA ILE F 74 -16.10 -9.08 -39.59
C ILE F 74 -17.62 -9.11 -39.58
N PHE F 75 -18.26 -7.93 -39.56
CA PHE F 75 -19.71 -7.87 -39.66
C PHE F 75 -20.19 -8.53 -40.95
N ALA F 76 -19.45 -8.34 -42.04
CA ALA F 76 -19.76 -9.06 -43.27
C ALA F 76 -19.55 -10.57 -43.09
N ALA F 77 -18.52 -10.95 -42.34
CA ALA F 77 -18.15 -12.36 -42.21
C ALA F 77 -19.08 -13.13 -41.27
N ILE F 78 -19.60 -12.49 -40.23
CA ILE F 78 -20.39 -13.20 -39.22
C ILE F 78 -21.86 -13.17 -39.62
N ASN F 79 -22.13 -12.82 -40.89
CA ASN F 79 -23.46 -12.88 -41.48
C ASN F 79 -24.44 -11.92 -40.82
N ARG F 80 -23.96 -10.79 -40.31
CA ARG F 80 -24.81 -9.69 -39.87
C ARG F 80 -24.81 -8.63 -40.96
N ARG F 81 -25.57 -8.89 -42.03
CA ARG F 81 -25.53 -8.03 -43.20
C ARG F 81 -26.08 -6.64 -42.91
N ASP F 82 -27.08 -6.52 -42.04
CA ASP F 82 -27.63 -5.20 -41.75
C ASP F 82 -26.59 -4.31 -41.08
N LEU F 83 -25.84 -4.87 -40.11
CA LEU F 83 -24.79 -4.09 -39.46
C LEU F 83 -23.68 -3.72 -40.44
N TYR F 84 -23.35 -4.64 -41.36
CA TYR F 84 -22.36 -4.34 -42.39
C TYR F 84 -22.82 -3.18 -43.26
N GLU F 85 -24.08 -3.20 -43.68
CA GLU F 85 -24.62 -2.11 -44.49
C GLU F 85 -24.61 -0.79 -43.74
N LYS F 86 -25.02 -0.81 -42.47
CA LYS F 86 -25.03 0.42 -41.68
C LYS F 86 -23.62 0.97 -41.49
N ALA F 87 -22.66 0.09 -41.21
CA ALA F 87 -21.28 0.53 -41.04
C ALA F 87 -20.70 1.10 -42.33
N LYS F 88 -21.03 0.47 -43.47
CA LYS F 88 -20.58 1.00 -44.75
C LYS F 88 -21.20 2.35 -45.04
N ARG F 89 -22.49 2.52 -44.70
CA ARG F 89 -23.16 3.79 -44.98
C ARG F 89 -22.75 4.89 -44.01
N ASP F 90 -22.37 4.54 -42.79
CA ASP F 90 -22.05 5.50 -41.74
C ASP F 90 -20.56 5.53 -41.43
N GLU F 91 -19.73 5.43 -42.47
CA GLU F 91 -18.29 5.48 -42.26
C GLU F 91 -17.88 6.87 -41.81
N PRO F 92 -17.13 7.00 -40.71
CA PRO F 92 -16.71 8.33 -40.25
C PRO F 92 -15.82 9.02 -41.28
N LYS F 93 -15.96 10.35 -41.35
CA LYS F 93 -15.16 11.16 -42.26
C LYS F 93 -13.76 11.30 -41.71
N TRP F 94 -12.83 10.52 -42.25
CA TRP F 94 -11.45 10.56 -41.79
C TRP F 94 -10.76 11.83 -42.30
N GLY F 95 -9.76 12.28 -41.54
CA GLY F 95 -9.03 13.48 -41.91
C GLY F 95 -7.90 13.81 -40.94
N MET G 1 25.50 36.45 -8.89
CA MET G 1 24.55 36.01 -9.91
C MET G 1 25.21 35.96 -11.29
N LYS G 2 24.94 34.89 -12.03
CA LYS G 2 25.49 34.68 -13.37
C LYS G 2 27.01 34.76 -13.34
N MET G 3 27.55 35.94 -13.65
CA MET G 3 28.99 36.18 -13.55
C MET G 3 29.41 36.03 -12.10
N ALA G 4 30.15 34.97 -11.81
CA ALA G 4 30.62 34.69 -10.46
C ALA G 4 31.82 33.75 -10.55
N SER G 5 32.27 33.24 -9.41
CA SER G 5 33.41 32.34 -9.36
C SER G 5 33.02 30.94 -9.82
N THR G 6 34.04 30.11 -10.07
CA THR G 6 33.79 28.73 -10.45
C THR G 6 33.16 27.95 -9.31
N ARG G 7 33.57 28.23 -8.07
CA ARG G 7 33.04 27.52 -6.93
C ARG G 7 31.53 27.73 -6.80
N CYS G 8 31.05 28.93 -7.11
CA CYS G 8 29.62 29.21 -7.00
C CYS G 8 28.81 28.36 -7.98
N LYS G 9 29.23 28.35 -9.25
CA LYS G 9 28.51 27.55 -10.25
C LYS G 9 28.60 26.06 -9.94
N LEU G 10 29.77 25.61 -9.49
CA LEU G 10 29.91 24.20 -9.12
C LEU G 10 29.01 23.85 -7.95
N ALA G 11 28.91 24.73 -6.96
CA ALA G 11 28.02 24.48 -5.83
C ALA G 11 26.57 24.44 -6.27
N ARG G 12 26.18 25.33 -7.20
CA ARG G 12 24.81 25.28 -7.72
C ARG G 12 24.54 23.96 -8.42
N TYR G 13 25.48 23.51 -9.25
CA TYR G 13 25.29 22.26 -9.98
C TYR G 13 25.20 21.07 -9.04
N LEU G 14 26.04 21.07 -7.99
CA LEU G 14 25.93 20.01 -6.99
C LEU G 14 24.61 20.09 -6.23
N GLU G 15 24.11 21.31 -5.97
CA GLU G 15 22.82 21.48 -5.33
C GLU G 15 21.69 20.94 -6.19
N ASP G 16 21.88 20.96 -7.52
CA ASP G 16 20.85 20.40 -8.40
C ASP G 16 20.67 18.90 -8.21
N LEU G 17 21.64 18.21 -7.61
CA LEU G 17 21.53 16.78 -7.41
C LEU G 17 20.62 16.46 -6.22
N GLU G 18 20.00 15.28 -6.28
CA GLU G 18 19.17 14.79 -5.20
C GLU G 18 20.04 14.19 -4.10
N ASP G 19 19.41 13.46 -3.17
CA ASP G 19 20.15 12.88 -2.05
C ASP G 19 20.95 11.65 -2.50
N VAL G 20 20.26 10.65 -3.06
CA VAL G 20 20.95 9.45 -3.52
C VAL G 20 21.90 9.78 -4.67
N ASP G 21 21.52 10.74 -5.52
CA ASP G 21 22.43 11.20 -6.55
C ASP G 21 23.68 11.84 -5.95
N LEU G 22 23.51 12.58 -4.85
CA LEU G 22 24.65 13.14 -4.15
C LEU G 22 25.54 12.05 -3.57
N LYS G 23 24.94 10.99 -3.02
CA LYS G 23 25.74 9.89 -2.51
C LYS G 23 26.54 9.21 -3.63
N LYS G 24 25.91 9.03 -4.79
CA LYS G 24 26.62 8.45 -5.93
C LYS G 24 27.74 9.37 -6.40
N PHE G 25 27.49 10.68 -6.39
CA PHE G 25 28.53 11.65 -6.75
C PHE G 25 29.71 11.57 -5.80
N LYS G 26 29.44 11.47 -4.49
CA LYS G 26 30.52 11.34 -3.52
C LYS G 26 31.27 10.03 -3.71
N MET G 27 30.55 8.95 -3.99
CA MET G 27 31.21 7.66 -4.21
C MET G 27 32.14 7.73 -5.42
N HIS G 28 31.69 8.37 -6.51
CA HIS G 28 32.55 8.52 -7.68
C HIS G 28 33.72 9.46 -7.41
N LEU G 29 33.52 10.47 -6.56
CA LEU G 29 34.61 11.37 -6.20
C LEU G 29 35.69 10.62 -5.42
N GLU G 30 35.29 9.77 -4.48
CA GLU G 30 36.26 9.08 -3.65
C GLU G 30 37.06 8.04 -4.42
N ASP G 31 36.56 7.59 -5.57
CA ASP G 31 37.22 6.57 -6.37
C ASP G 31 37.37 7.03 -7.82
N TYR G 32 37.83 8.26 -8.01
CA TYR G 32 38.08 8.74 -9.36
C TYR G 32 39.20 7.93 -10.00
N PRO G 33 39.11 7.63 -11.29
CA PRO G 33 40.12 6.79 -11.94
C PRO G 33 41.51 7.40 -11.82
N PRO G 34 42.53 6.56 -11.61
CA PRO G 34 43.89 7.09 -11.48
C PRO G 34 44.39 7.82 -12.72
N GLN G 35 43.90 7.46 -13.90
CA GLN G 35 44.32 8.11 -15.13
C GLN G 35 43.72 9.51 -15.20
N LYS G 36 44.01 10.22 -16.30
CA LYS G 36 43.56 11.58 -16.54
C LYS G 36 44.15 12.58 -15.54
N GLY G 37 45.13 12.15 -14.75
CA GLY G 37 45.85 13.01 -13.84
C GLY G 37 45.00 13.78 -12.85
N CYS G 38 44.25 13.06 -12.00
CA CYS G 38 43.39 13.69 -11.02
C CYS G 38 43.64 13.05 -9.66
N ILE G 39 43.35 13.82 -8.60
CA ILE G 39 43.59 13.41 -7.23
C ILE G 39 42.26 13.00 -6.61
N PRO G 40 42.08 11.74 -6.21
CA PRO G 40 40.83 11.34 -5.56
C PRO G 40 40.67 12.03 -4.20
N LEU G 41 39.42 12.23 -3.82
CA LEU G 41 39.10 12.90 -2.57
C LEU G 41 39.02 11.88 -1.42
N PRO G 42 39.63 12.18 -0.28
CA PRO G 42 39.52 11.27 0.87
C PRO G 42 38.10 11.18 1.38
N ARG G 43 37.76 10.01 1.93
CA ARG G 43 36.41 9.77 2.39
C ARG G 43 36.09 10.52 3.67
N GLY G 44 37.11 11.02 4.36
CA GLY G 44 36.87 11.73 5.61
C GLY G 44 36.09 13.02 5.42
N GLN G 45 36.51 13.83 4.44
CA GLN G 45 35.83 15.11 4.21
C GLN G 45 34.54 14.94 3.44
N THR G 46 34.50 14.01 2.49
CA THR G 46 33.29 13.78 1.69
C THR G 46 32.31 12.87 2.42
N GLU G 47 31.98 13.23 3.65
CA GLU G 47 31.01 12.51 4.46
C GLU G 47 29.93 13.44 5.01
N LYS G 48 30.29 14.66 5.41
CA LYS G 48 29.33 15.63 5.91
C LYS G 48 29.06 16.77 4.94
N ALA G 49 29.92 16.94 3.94
CA ALA G 49 29.75 18.03 2.97
C ALA G 49 28.52 17.77 2.11
N ASP G 50 27.56 18.70 2.17
CA ASP G 50 26.32 18.50 1.41
C ASP G 50 26.47 18.95 -0.04
N HIS G 51 26.61 20.25 -0.29
CA HIS G 51 26.91 20.71 -1.64
C HIS G 51 27.92 21.85 -1.71
N VAL G 52 28.11 22.64 -0.66
CA VAL G 52 29.05 23.75 -0.72
C VAL G 52 30.45 23.29 -0.35
N ASP G 53 30.58 22.64 0.81
CA ASP G 53 31.88 22.14 1.24
C ASP G 53 32.46 21.13 0.26
N LEU G 54 31.59 20.34 -0.38
CA LEU G 54 32.06 19.40 -1.39
C LEU G 54 32.70 20.13 -2.57
N ALA G 55 32.05 21.19 -3.06
CA ALA G 55 32.61 21.96 -4.17
C ALA G 55 33.91 22.64 -3.77
N THR G 56 33.94 23.21 -2.57
CA THR G 56 35.17 23.86 -2.09
C THR G 56 36.31 22.85 -2.00
N LEU G 57 36.02 21.66 -1.50
CA LEU G 57 37.04 20.63 -1.36
C LEU G 57 37.54 20.16 -2.73
N MET G 58 36.62 19.97 -3.69
CA MET G 58 37.02 19.61 -5.04
C MET G 58 37.94 20.66 -5.63
N ILE G 59 37.57 21.93 -5.51
CA ILE G 59 38.40 23.00 -6.06
C ILE G 59 39.77 23.01 -5.39
N ASP G 60 39.79 22.99 -4.05
CA ASP G 60 41.05 23.05 -3.33
C ASP G 60 41.96 21.88 -3.69
N PHE G 61 41.38 20.70 -3.94
CA PHE G 61 42.20 19.54 -4.28
C PHE G 61 42.73 19.61 -5.71
N ASN G 62 41.89 20.03 -6.66
CA ASN G 62 42.22 19.76 -8.06
C ASN G 62 42.49 21.00 -8.92
N GLY G 63 42.09 22.19 -8.51
CA GLY G 63 42.10 23.33 -9.40
C GLY G 63 40.78 23.44 -10.15
N GLU G 64 40.52 24.65 -10.66
CA GLU G 64 39.21 24.94 -11.23
C GLU G 64 38.93 24.09 -12.47
N GLU G 65 39.88 24.04 -13.41
CA GLU G 65 39.67 23.30 -14.65
C GLU G 65 39.48 21.82 -14.37
N LYS G 66 40.36 21.25 -13.54
CA LYS G 66 40.25 19.82 -13.23
C LYS G 66 38.96 19.52 -12.49
N ALA G 67 38.55 20.39 -11.56
CA ALA G 67 37.31 20.14 -10.82
C ALA G 67 36.11 20.18 -11.76
N TRP G 68 36.10 21.13 -12.70
CA TRP G 68 35.01 21.17 -13.68
C TRP G 68 34.99 19.92 -14.55
N ALA G 69 36.17 19.46 -14.99
CA ALA G 69 36.23 18.27 -15.82
C ALA G 69 35.72 17.04 -15.07
N MET G 70 36.15 16.88 -13.82
CA MET G 70 35.65 15.75 -13.02
C MET G 70 34.16 15.87 -12.76
N ALA G 71 33.66 17.08 -12.51
CA ALA G 71 32.22 17.25 -12.29
C ALA G 71 31.44 16.84 -13.53
N VAL G 72 31.91 17.25 -14.71
CA VAL G 72 31.23 16.88 -15.95
C VAL G 72 31.25 15.37 -16.14
N TRP G 73 32.42 14.76 -15.93
CA TRP G 73 32.56 13.32 -16.14
C TRP G 73 31.66 12.54 -15.18
N ILE G 74 31.59 12.97 -13.92
CA ILE G 74 30.77 12.26 -12.94
C ILE G 74 29.29 12.47 -13.24
N PHE G 75 28.90 13.68 -13.65
CA PHE G 75 27.52 13.92 -14.04
C PHE G 75 27.13 13.00 -15.19
N ALA G 76 28.05 12.75 -16.13
CA ALA G 76 27.80 11.75 -17.14
C ALA G 76 27.71 10.35 -16.53
N ALA G 77 28.55 10.08 -15.53
CA ALA G 77 28.67 8.72 -14.99
C ALA G 77 27.51 8.33 -14.08
N ILE G 78 26.95 9.28 -13.33
CA ILE G 78 25.88 8.96 -12.40
C ILE G 78 24.54 9.08 -13.12
N ASN G 79 24.58 9.13 -14.46
CA ASN G 79 23.40 9.13 -15.31
C ASN G 79 22.58 10.40 -15.16
N ARG G 80 23.24 11.53 -14.92
CA ARG G 80 22.58 12.83 -14.94
C ARG G 80 22.87 13.48 -16.28
N ARG G 81 22.19 12.99 -17.32
CA ARG G 81 22.48 13.46 -18.67
C ARG G 81 22.10 14.91 -18.87
N ASP G 82 20.98 15.35 -18.29
CA ASP G 82 20.59 16.75 -18.43
C ASP G 82 21.61 17.68 -17.77
N LEU G 83 22.06 17.33 -16.56
CA LEU G 83 23.10 18.13 -15.91
C LEU G 83 24.41 18.06 -16.68
N TYR G 84 24.72 16.91 -17.26
CA TYR G 84 25.93 16.78 -18.07
C TYR G 84 25.89 17.73 -19.26
N GLU G 85 24.76 17.78 -19.96
CA GLU G 85 24.63 18.68 -21.10
C GLU G 85 24.67 20.14 -20.66
N LYS G 86 24.02 20.45 -19.53
CA LYS G 86 24.05 21.83 -19.03
C LYS G 86 25.46 22.27 -18.68
N ALA G 87 26.23 21.39 -18.03
CA ALA G 87 27.60 21.72 -17.68
C ALA G 87 28.47 21.84 -18.93
N LYS G 88 28.25 20.98 -19.92
CA LYS G 88 29.02 21.06 -21.14
C LYS G 88 28.75 22.36 -21.90
N ARG G 89 27.48 22.78 -21.92
CA ARG G 89 27.12 23.99 -22.67
C ARG G 89 27.69 25.24 -22.03
N ASP G 90 27.73 25.29 -20.69
CA ASP G 90 28.11 26.50 -19.96
C ASP G 90 29.48 26.34 -19.28
N GLU G 91 30.41 25.70 -19.96
CA GLU G 91 31.77 25.56 -19.42
C GLU G 91 32.43 26.92 -19.32
N PRO G 92 33.07 27.25 -18.20
CA PRO G 92 33.71 28.56 -18.07
C PRO G 92 34.85 28.72 -19.07
N LYS G 93 35.09 29.98 -19.47
CA LYS G 93 36.12 30.31 -20.44
C LYS G 93 37.46 30.36 -19.72
N TRP G 94 38.21 29.26 -19.78
CA TRP G 94 39.51 29.19 -19.11
C TRP G 94 40.54 30.04 -19.85
N GLY G 95 41.44 30.65 -19.09
CA GLY G 95 42.48 31.48 -19.65
C GLY G 95 42.25 32.97 -19.42
N MET H 1 30.78 5.81 -15.90
CA MET H 1 30.48 5.48 -17.29
C MET H 1 31.39 4.36 -17.78
N LYS H 2 30.85 3.14 -17.80
CA LYS H 2 31.57 1.96 -18.26
C LYS H 2 32.84 1.76 -17.43
N MET H 3 33.97 2.24 -17.93
CA MET H 3 35.23 2.13 -17.20
C MET H 3 35.15 3.01 -15.95
N ALA H 4 35.20 2.39 -14.78
CA ALA H 4 35.10 3.10 -13.51
C ALA H 4 35.68 2.19 -12.43
N SER H 5 35.45 2.56 -11.17
CA SER H 5 35.90 1.75 -10.04
C SER H 5 34.98 0.55 -9.86
N THR H 6 35.47 -0.42 -9.07
CA THR H 6 34.68 -1.63 -8.82
C THR H 6 33.44 -1.32 -8.01
N ARG H 7 33.56 -0.41 -7.03
CA ARG H 7 32.39 -0.04 -6.23
C ARG H 7 31.28 0.52 -7.10
N CYS H 8 31.62 1.21 -8.19
CA CYS H 8 30.61 1.76 -9.07
C CYS H 8 29.81 0.66 -9.75
N LYS H 9 30.50 -0.34 -10.32
CA LYS H 9 29.80 -1.44 -10.98
C LYS H 9 28.98 -2.25 -9.98
N LEU H 10 29.54 -2.49 -8.78
CA LEU H 10 28.80 -3.22 -7.77
C LEU H 10 27.55 -2.45 -7.34
N ALA H 11 27.67 -1.13 -7.20
CA ALA H 11 26.51 -0.32 -6.86
C ALA H 11 25.47 -0.35 -7.95
N ARG H 12 25.90 -0.35 -9.22
CA ARG H 12 24.94 -0.47 -10.32
C ARG H 12 24.19 -1.80 -10.25
N TYR H 13 24.93 -2.90 -10.03
CA TYR H 13 24.28 -4.21 -9.97
C TYR H 13 23.32 -4.29 -8.79
N LEU H 14 23.70 -3.74 -7.63
CA LEU H 14 22.78 -3.72 -6.51
C LEU H 14 21.58 -2.82 -6.77
N GLU H 15 21.78 -1.75 -7.55
CA GLU H 15 20.69 -0.87 -7.93
C GLU H 15 19.69 -1.58 -8.84
N ASP H 16 20.17 -2.53 -9.65
CA ASP H 16 19.26 -3.29 -10.50
C ASP H 16 18.29 -4.13 -9.67
N LEU H 17 18.67 -4.53 -8.47
CA LEU H 17 17.82 -5.35 -7.63
C LEU H 17 16.58 -4.56 -7.17
N GLU H 18 15.49 -5.30 -6.95
CA GLU H 18 14.24 -4.73 -6.46
C GLU H 18 14.30 -4.55 -4.95
N ASP H 19 13.13 -4.27 -4.35
CA ASP H 19 13.08 -4.05 -2.90
C ASP H 19 13.19 -5.37 -2.13
N VAL H 20 12.25 -6.29 -2.37
CA VAL H 20 12.31 -7.57 -1.68
C VAL H 20 13.56 -8.34 -2.08
N ASP H 21 13.99 -8.21 -3.34
CA ASP H 21 15.24 -8.82 -3.75
C ASP H 21 16.41 -8.22 -2.98
N LEU H 22 16.37 -6.92 -2.70
CA LEU H 22 17.38 -6.30 -1.85
C LEU H 22 17.34 -6.87 -0.43
N LYS H 23 16.13 -7.13 0.09
CA LYS H 23 16.02 -7.72 1.40
C LYS H 23 16.65 -9.11 1.45
N LYS H 24 16.40 -9.93 0.43
CA LYS H 24 17.05 -11.24 0.36
C LYS H 24 18.56 -11.10 0.22
N PHE H 25 19.02 -10.12 -0.56
CA PHE H 25 20.45 -9.91 -0.71
C PHE H 25 21.10 -9.57 0.63
N LYS H 26 20.46 -8.67 1.38
CA LYS H 26 20.98 -8.33 2.70
C LYS H 26 20.95 -9.54 3.63
N MET H 27 19.88 -10.33 3.59
CA MET H 27 19.79 -11.51 4.44
C MET H 27 20.91 -12.49 4.14
N HIS H 28 21.21 -12.70 2.86
CA HIS H 28 22.32 -13.58 2.49
C HIS H 28 23.66 -12.98 2.88
N LEU H 29 23.77 -11.64 2.84
CA LEU H 29 25.00 -10.99 3.26
C LEU H 29 25.28 -11.22 4.74
N GLU H 30 24.25 -11.04 5.58
CA GLU H 30 24.43 -11.17 7.02
C GLU H 30 24.74 -12.60 7.45
N ASP H 31 24.38 -13.59 6.65
CA ASP H 31 24.59 -15.00 6.99
C ASP H 31 25.35 -15.72 5.88
N TYR H 32 26.43 -15.11 5.41
CA TYR H 32 27.26 -15.76 4.41
C TYR H 32 27.92 -16.99 5.02
N PRO H 33 28.08 -18.07 4.26
CA PRO H 33 28.71 -19.28 4.80
C PRO H 33 30.09 -19.00 5.34
N PRO H 34 30.44 -19.55 6.51
CA PRO H 34 31.73 -19.23 7.14
C PRO H 34 32.93 -19.66 6.31
N GLN H 35 32.81 -20.69 5.49
CA GLN H 35 33.94 -21.22 4.75
C GLN H 35 34.26 -20.31 3.56
N LYS H 36 35.12 -20.79 2.67
CA LYS H 36 35.63 -20.08 1.50
C LYS H 36 36.03 -18.63 1.79
N GLY H 37 36.58 -18.40 2.99
CA GLY H 37 37.25 -17.16 3.33
C GLY H 37 36.49 -15.88 3.11
N CYS H 38 35.41 -15.66 3.87
CA CYS H 38 34.64 -14.43 3.78
C CYS H 38 34.13 -14.06 5.16
N ILE H 39 33.92 -12.77 5.36
CA ILE H 39 33.45 -12.22 6.62
C ILE H 39 32.00 -11.79 6.44
N PRO H 40 31.04 -12.40 7.11
CA PRO H 40 29.64 -11.94 7.02
C PRO H 40 29.50 -10.52 7.55
N LEU H 41 28.61 -9.77 6.89
CA LEU H 41 28.45 -8.39 7.33
C LEU H 41 27.56 -8.32 8.57
N PRO H 42 27.82 -7.38 9.47
CA PRO H 42 26.95 -7.20 10.63
C PRO H 42 25.57 -6.66 10.21
N ARG H 43 24.57 -7.03 11.02
CA ARG H 43 23.19 -6.64 10.73
C ARG H 43 22.94 -5.17 11.04
N GLY H 44 23.80 -4.55 11.84
CA GLY H 44 23.56 -3.18 12.25
C GLY H 44 23.61 -2.17 11.11
N GLN H 45 24.61 -2.31 10.23
CA GLN H 45 24.71 -1.36 9.11
C GLN H 45 23.91 -1.81 7.91
N THR H 46 23.74 -3.12 7.71
CA THR H 46 22.98 -3.63 6.56
C THR H 46 21.49 -3.59 6.83
N GLU H 47 21.00 -2.43 7.27
CA GLU H 47 19.58 -2.20 7.51
C GLU H 47 19.06 -0.95 6.83
N LYS H 48 19.88 0.10 6.75
CA LYS H 48 19.49 1.33 6.06
C LYS H 48 20.20 1.51 4.72
N ALA H 49 21.29 0.79 4.48
CA ALA H 49 22.02 0.90 3.23
C ALA H 49 21.17 0.39 2.06
N ASP H 50 20.88 1.28 1.12
CA ASP H 50 20.01 0.90 0.02
C ASP H 50 20.76 0.18 -1.11
N HIS H 51 21.61 0.89 -1.84
CA HIS H 51 22.47 0.21 -2.80
C HIS H 51 23.90 0.78 -2.89
N VAL H 52 24.13 2.03 -2.51
CA VAL H 52 25.50 2.56 -2.53
C VAL H 52 26.23 2.19 -1.25
N ASP H 53 25.63 2.48 -0.10
CA ASP H 53 26.24 2.14 1.17
C ASP H 53 26.43 0.65 1.32
N LEU H 54 25.49 -0.15 0.82
CA LEU H 54 25.65 -1.60 0.87
C LEU H 54 26.84 -2.06 0.04
N ALA H 55 27.01 -1.50 -1.16
CA ALA H 55 28.13 -1.88 -2.01
C ALA H 55 29.46 -1.49 -1.39
N THR H 56 29.55 -0.25 -0.88
CA THR H 56 30.81 0.17 -0.27
C THR H 56 31.08 -0.60 1.01
N LEU H 57 30.02 -1.02 1.71
CA LEU H 57 30.21 -1.85 2.90
C LEU H 57 30.75 -3.22 2.53
N MET H 58 30.20 -3.85 1.49
CA MET H 58 30.73 -5.12 1.03
C MET H 58 32.19 -5.00 0.66
N ILE H 59 32.52 -4.00 -0.15
CA ILE H 59 33.91 -3.82 -0.59
C ILE H 59 34.81 -3.59 0.61
N ASP H 60 34.42 -2.67 1.50
CA ASP H 60 35.26 -2.31 2.64
C ASP H 60 35.50 -3.51 3.54
N PHE H 61 34.46 -4.30 3.80
CA PHE H 61 34.59 -5.43 4.70
C PHE H 61 35.41 -6.55 4.10
N ASN H 62 35.25 -6.81 2.79
CA ASN H 62 35.70 -8.08 2.25
C ASN H 62 36.83 -8.00 1.23
N GLY H 63 37.21 -6.81 0.76
CA GLY H 63 38.12 -6.71 -0.35
C GLY H 63 37.40 -6.89 -1.67
N GLU H 64 38.03 -6.39 -2.73
CA GLU H 64 37.39 -6.37 -4.04
C GLU H 64 37.09 -7.77 -4.55
N GLU H 65 38.07 -8.66 -4.45
CA GLU H 65 37.91 -10.02 -4.99
C GLU H 65 36.75 -10.74 -4.30
N LYS H 66 36.77 -10.75 -2.97
CA LYS H 66 35.75 -11.45 -2.21
C LYS H 66 34.40 -10.80 -2.36
N ALA H 67 34.36 -9.46 -2.47
CA ALA H 67 33.09 -8.79 -2.65
C ALA H 67 32.45 -9.18 -3.97
N TRP H 68 33.24 -9.22 -5.05
CA TRP H 68 32.68 -9.64 -6.33
C TRP H 68 32.24 -11.10 -6.29
N ALA H 69 33.04 -11.98 -5.67
CA ALA H 69 32.67 -13.39 -5.60
C ALA H 69 31.36 -13.58 -4.83
N MET H 70 31.23 -12.90 -3.69
CA MET H 70 30.01 -13.01 -2.91
C MET H 70 28.82 -12.41 -3.65
N ALA H 71 29.02 -11.31 -4.37
CA ALA H 71 27.94 -10.75 -5.16
C ALA H 71 27.45 -11.76 -6.20
N VAL H 72 28.37 -12.43 -6.88
CA VAL H 72 27.99 -13.42 -7.88
C VAL H 72 27.22 -14.57 -7.21
N TRP H 73 27.76 -15.07 -6.09
CA TRP H 73 27.14 -16.21 -5.43
C TRP H 73 25.74 -15.87 -4.92
N ILE H 74 25.57 -14.70 -4.32
CA ILE H 74 24.27 -14.31 -3.79
C ILE H 74 23.28 -14.05 -4.92
N PHE H 75 23.74 -13.47 -6.03
CA PHE H 75 22.88 -13.31 -7.19
C PHE H 75 22.39 -14.66 -7.68
N ALA H 76 23.26 -15.67 -7.65
CA ALA H 76 22.83 -17.02 -7.97
C ALA H 76 21.81 -17.55 -6.94
N ALA H 77 22.02 -17.23 -5.66
CA ALA H 77 21.23 -17.82 -4.60
C ALA H 77 19.84 -17.20 -4.48
N ILE H 78 19.69 -15.92 -4.78
CA ILE H 78 18.39 -15.25 -4.65
C ILE H 78 17.63 -15.36 -5.96
N ASN H 79 18.10 -16.24 -6.85
CA ASN H 79 17.44 -16.55 -8.11
C ASN H 79 17.40 -15.35 -9.07
N ARG H 80 18.44 -14.52 -9.05
CA ARG H 80 18.60 -13.46 -10.03
C ARG H 80 19.56 -13.96 -11.11
N ARG H 81 19.06 -14.88 -11.94
CA ARG H 81 19.93 -15.56 -12.89
C ARG H 81 20.48 -14.62 -13.95
N ASP H 82 19.68 -13.65 -14.41
CA ASP H 82 20.19 -12.71 -15.40
C ASP H 82 21.34 -11.88 -14.85
N LEU H 83 21.19 -11.37 -13.62
CA LEU H 83 22.26 -10.62 -12.98
C LEU H 83 23.48 -11.51 -12.73
N TYR H 84 23.25 -12.78 -12.42
CA TYR H 84 24.36 -13.70 -12.18
C TYR H 84 25.17 -13.96 -13.45
N GLU H 85 24.49 -14.19 -14.58
CA GLU H 85 25.20 -14.34 -15.84
C GLU H 85 25.92 -13.07 -16.23
N LYS H 86 25.27 -11.91 -16.04
CA LYS H 86 25.94 -10.63 -16.30
C LYS H 86 27.15 -10.47 -15.39
N ALA H 87 27.08 -11.00 -14.18
CA ALA H 87 28.19 -10.92 -13.25
C ALA H 87 29.39 -11.70 -13.77
N LYS H 88 29.17 -12.91 -14.31
CA LYS H 88 30.32 -13.58 -14.93
C LYS H 88 30.83 -12.78 -16.12
N ARG H 89 29.92 -12.32 -16.99
CA ARG H 89 30.34 -11.78 -18.28
C ARG H 89 31.06 -10.44 -18.14
N ASP H 90 30.76 -9.67 -17.10
CA ASP H 90 31.40 -8.37 -16.89
C ASP H 90 32.28 -8.38 -15.63
N GLU H 91 32.96 -9.48 -15.38
CA GLU H 91 33.87 -9.55 -14.25
C GLU H 91 35.12 -8.72 -14.54
N PRO H 92 35.55 -7.86 -13.62
CA PRO H 92 36.75 -7.05 -13.87
C PRO H 92 37.98 -7.91 -14.02
N LYS H 93 38.92 -7.44 -14.85
CA LYS H 93 40.19 -8.11 -15.04
C LYS H 93 41.05 -7.86 -13.80
N TRP H 94 41.23 -8.90 -12.99
CA TRP H 94 41.91 -8.75 -11.72
C TRP H 94 43.41 -8.62 -11.93
N GLY H 95 44.07 -7.92 -11.00
CA GLY H 95 45.50 -7.72 -11.06
C GLY H 95 45.92 -6.26 -11.06
N MET I 1 7.91 -4.49 -30.80
CA MET I 1 7.74 -4.61 -32.24
C MET I 1 8.72 -5.62 -32.82
N LYS I 2 8.23 -6.83 -33.09
CA LYS I 2 9.04 -7.89 -33.68
C LYS I 2 10.27 -8.19 -32.83
N MET I 3 11.40 -7.58 -33.18
CA MET I 3 12.62 -7.75 -32.41
C MET I 3 12.49 -7.03 -31.07
N ALA I 4 12.83 -7.73 -30.00
CA ALA I 4 12.74 -7.19 -28.64
C ALA I 4 13.48 -8.16 -27.72
N SER I 5 13.36 -7.95 -26.41
CA SER I 5 13.90 -8.87 -25.43
C SER I 5 13.07 -10.13 -25.36
N THR I 6 13.63 -11.16 -24.73
CA THR I 6 12.91 -12.42 -24.59
C THR I 6 11.69 -12.25 -23.67
N ARG I 7 11.82 -11.41 -22.64
CA ARG I 7 10.71 -11.22 -21.71
C ARG I 7 9.49 -10.67 -22.42
N CYS I 8 9.68 -9.82 -23.43
CA CYS I 8 8.55 -9.24 -24.14
C CYS I 8 7.76 -10.30 -24.90
N LYS I 9 8.47 -11.13 -25.67
CA LYS I 9 7.80 -12.20 -26.42
C LYS I 9 7.14 -13.19 -25.47
N LEU I 10 7.83 -13.53 -24.37
CA LEU I 10 7.26 -14.46 -23.40
C LEU I 10 6.00 -13.88 -22.77
N ALA I 11 6.01 -12.59 -22.45
CA ALA I 11 4.83 -11.94 -21.90
C ALA I 11 3.69 -11.93 -22.91
N ARG I 12 3.99 -11.73 -24.18
CA ARG I 12 2.96 -11.80 -25.20
C ARG I 12 2.32 -13.18 -25.24
N TYR I 13 3.15 -14.23 -25.24
CA TYR I 13 2.62 -15.59 -25.29
C TYR I 13 1.80 -15.91 -24.05
N LEU I 14 2.25 -15.47 -22.88
CA LEU I 14 1.46 -15.69 -21.67
C LEU I 14 0.16 -14.91 -21.69
N GLU I 15 0.17 -13.70 -22.26
CA GLU I 15 -1.05 -12.92 -22.41
C GLU I 15 -2.03 -13.60 -23.35
N ASP I 16 -1.52 -14.36 -24.33
CA ASP I 16 -2.40 -15.10 -25.23
C ASP I 16 -3.26 -16.12 -24.49
N LEU I 17 -2.84 -16.57 -23.32
CA LEU I 17 -3.58 -17.57 -22.56
C LEU I 17 -4.85 -16.98 -21.96
N GLU I 18 -5.81 -17.86 -21.66
CA GLU I 18 -7.06 -17.49 -21.03
C GLU I 18 -6.89 -17.47 -19.51
N ASP I 19 -8.02 -17.44 -18.79
CA ASP I 19 -7.97 -17.41 -17.33
C ASP I 19 -7.68 -18.79 -16.76
N VAL I 20 -8.54 -19.77 -17.06
CA VAL I 20 -8.30 -21.13 -16.57
C VAL I 20 -7.02 -21.69 -17.19
N ASP I 21 -6.72 -21.32 -18.43
CA ASP I 21 -5.45 -21.72 -19.01
C ASP I 21 -4.28 -21.11 -18.25
N LEU I 22 -4.43 -19.88 -17.77
CA LEU I 22 -3.39 -19.27 -16.95
C LEU I 22 -3.23 -20.00 -15.62
N LYS I 23 -4.35 -20.41 -15.01
CA LYS I 23 -4.25 -21.16 -13.77
C LYS I 23 -3.54 -22.50 -14.00
N LYS I 24 -3.85 -23.17 -15.11
CA LYS I 24 -3.16 -24.42 -15.42
C LYS I 24 -1.68 -24.18 -15.68
N PHE I 25 -1.34 -23.08 -16.35
CA PHE I 25 0.05 -22.74 -16.59
C PHE I 25 0.80 -22.54 -15.27
N LYS I 26 0.20 -21.79 -14.35
CA LYS I 26 0.84 -21.57 -13.05
C LYS I 26 0.97 -22.88 -12.28
N MET I 27 -0.07 -23.72 -12.34
CA MET I 27 -0.03 -25.01 -11.66
C MET I 27 1.10 -25.88 -12.20
N HIS I 28 1.30 -25.90 -13.52
CA HIS I 28 2.41 -26.65 -14.08
C HIS I 28 3.75 -26.01 -13.74
N LEU I 29 3.78 -24.68 -13.60
CA LEU I 29 5.01 -24.00 -13.22
C LEU I 29 5.45 -24.41 -11.82
N GLU I 30 4.53 -24.39 -10.86
CA GLU I 30 4.89 -24.67 -9.47
C GLU I 30 5.30 -26.12 -9.24
N ASP I 31 4.96 -27.02 -10.15
CA ASP I 31 5.33 -28.43 -10.04
C ASP I 31 6.01 -28.93 -11.29
N TYR I 32 6.92 -28.13 -11.84
CA TYR I 32 7.70 -28.58 -12.99
C TYR I 32 8.61 -29.73 -12.56
N PRO I 33 8.74 -30.77 -13.39
CA PRO I 33 9.51 -31.95 -13.00
C PRO I 33 10.94 -31.58 -12.63
N PRO I 34 11.51 -32.24 -11.62
CA PRO I 34 12.85 -31.87 -11.15
C PRO I 34 13.94 -31.99 -12.21
N GLN I 35 13.79 -32.92 -13.16
CA GLN I 35 14.81 -33.12 -14.17
C GLN I 35 14.73 -32.02 -15.22
N LYS I 36 15.48 -32.18 -16.31
CA LYS I 36 15.57 -31.22 -17.41
C LYS I 36 16.15 -29.88 -16.94
N GLY I 37 16.83 -29.87 -15.80
CA GLY I 37 17.53 -28.69 -15.32
C GLY I 37 16.68 -27.45 -15.17
N CYS I 38 15.62 -27.52 -14.37
CA CYS I 38 14.73 -26.40 -14.15
C CYS I 38 14.41 -26.30 -12.67
N ILE I 39 14.15 -25.07 -12.22
CA ILE I 39 13.82 -24.78 -10.83
C ILE I 39 12.34 -24.40 -10.78
N PRO I 40 11.49 -25.18 -10.12
CA PRO I 40 10.07 -24.81 -10.02
C PRO I 40 9.89 -23.51 -9.26
N LEU I 41 8.94 -22.71 -9.72
CA LEU I 41 8.65 -21.43 -9.08
C LEU I 41 7.87 -21.64 -7.79
N PRO I 42 8.18 -20.90 -6.74
CA PRO I 42 7.40 -21.02 -5.50
C PRO I 42 5.98 -20.51 -5.69
N ARG I 43 5.07 -21.11 -4.92
CA ARG I 43 3.66 -20.80 -5.06
C ARG I 43 3.32 -19.40 -4.56
N GLY I 44 4.22 -18.79 -3.77
CA GLY I 44 3.89 -17.53 -3.14
C GLY I 44 3.74 -16.39 -4.12
N GLN I 45 4.66 -16.29 -5.09
CA GLN I 45 4.63 -15.15 -6.00
C GLN I 45 3.77 -15.42 -7.23
N THR I 46 3.56 -16.69 -7.56
CA THR I 46 2.71 -17.03 -8.71
C THR I 46 1.24 -17.10 -8.33
N GLU I 47 0.75 -16.05 -7.67
CA GLU I 47 -0.66 -15.88 -7.36
C GLU I 47 -1.23 -14.56 -7.84
N LYS I 48 -0.44 -13.48 -7.78
CA LYS I 48 -0.84 -12.20 -8.32
C LYS I 48 -0.27 -11.94 -9.71
N ALA I 49 0.73 -12.71 -10.12
CA ALA I 49 1.33 -12.55 -11.43
C ALA I 49 0.36 -12.97 -12.52
N ASP I 50 -0.14 -12.01 -13.29
CA ASP I 50 -1.11 -12.34 -14.34
C ASP I 50 -0.42 -12.80 -15.62
N HIS I 51 0.28 -11.90 -16.32
CA HIS I 51 1.09 -12.31 -17.45
C HIS I 51 2.43 -11.59 -17.55
N VAL I 52 2.58 -10.39 -16.97
CA VAL I 52 3.85 -9.68 -17.00
C VAL I 52 4.76 -10.14 -15.88
N ASP I 53 4.24 -10.13 -14.65
CA ASP I 53 5.02 -10.59 -13.52
C ASP I 53 5.37 -12.06 -13.65
N LEU I 54 4.46 -12.88 -14.20
CA LEU I 54 4.75 -14.29 -14.38
C LEU I 54 5.90 -14.50 -15.36
N ALA I 55 5.88 -13.77 -16.48
CA ALA I 55 6.96 -13.91 -17.46
C ALA I 55 8.29 -13.45 -16.89
N THR I 56 8.31 -12.29 -16.22
CA THR I 56 9.56 -11.81 -15.67
C THR I 56 10.05 -12.73 -14.55
N LEU I 57 9.13 -13.34 -13.81
CA LEU I 57 9.52 -14.28 -12.77
C LEU I 57 10.14 -15.54 -13.36
N MET I 58 9.54 -16.09 -14.42
CA MET I 58 10.11 -17.26 -15.06
C MET I 58 11.50 -16.96 -15.60
N ILE I 59 11.64 -15.83 -16.30
CA ILE I 59 12.94 -15.46 -16.85
C ILE I 59 13.96 -15.30 -15.73
N ASP I 60 13.59 -14.57 -14.67
CA ASP I 60 14.50 -14.30 -13.57
C ASP I 60 14.93 -15.59 -12.89
N PHE I 61 14.01 -16.53 -12.72
CA PHE I 61 14.33 -17.77 -12.02
C PHE I 61 15.19 -18.69 -12.86
N ASN I 62 14.98 -18.72 -14.18
CA ASN I 62 15.55 -19.82 -14.95
C ASN I 62 16.49 -19.44 -16.09
N GLY I 63 16.65 -18.16 -16.41
CA GLY I 63 17.39 -17.78 -17.60
C GLY I 63 16.52 -17.90 -18.84
N GLU I 64 16.95 -17.23 -19.90
CA GLU I 64 16.14 -17.17 -21.12
C GLU I 64 15.97 -18.55 -21.74
N GLU I 65 17.04 -19.34 -21.79
CA GLU I 65 16.99 -20.66 -22.40
C GLU I 65 15.95 -21.53 -21.71
N LYS I 66 16.09 -21.66 -20.40
CA LYS I 66 15.21 -22.54 -19.65
C LYS I 66 13.78 -21.99 -19.60
N ALA I 67 13.64 -20.67 -19.54
CA ALA I 67 12.29 -20.10 -19.54
C ALA I 67 11.56 -20.42 -20.83
N TRP I 68 12.24 -20.29 -21.97
CA TRP I 68 11.62 -20.65 -23.24
C TRP I 68 11.30 -22.14 -23.30
N ALA I 69 12.23 -22.97 -22.81
CA ALA I 69 11.99 -24.42 -22.84
C ALA I 69 10.77 -24.79 -22.01
N MET I 70 10.68 -24.24 -20.79
CA MET I 70 9.53 -24.52 -19.93
C MET I 70 8.24 -23.96 -20.53
N ALA I 71 8.30 -22.78 -21.14
CA ALA I 71 7.10 -22.23 -21.76
C ALA I 71 6.58 -23.15 -22.86
N VAL I 72 7.49 -23.63 -23.72
CA VAL I 72 7.08 -24.53 -24.79
C VAL I 72 6.51 -25.83 -24.22
N TRP I 73 7.20 -26.40 -23.23
CA TRP I 73 6.75 -27.67 -22.67
C TRP I 73 5.39 -27.54 -22.00
N ILE I 74 5.17 -26.45 -21.26
CA ILE I 74 3.90 -26.27 -20.57
C ILE I 74 2.78 -25.99 -21.56
N PHE I 75 3.06 -25.19 -22.60
CA PHE I 75 2.08 -25.00 -23.66
C PHE I 75 1.68 -26.33 -24.28
N ALA I 76 2.64 -27.25 -24.42
CA ALA I 76 2.29 -28.59 -24.87
C ALA I 76 1.47 -29.33 -23.82
N ALA I 77 1.75 -29.10 -22.54
CA ALA I 77 1.15 -29.89 -21.47
C ALA I 77 -0.29 -29.49 -21.18
N ILE I 78 -0.62 -28.21 -21.28
CA ILE I 78 -1.96 -27.73 -20.95
C ILE I 78 -2.83 -27.78 -22.20
N ASN I 79 -2.36 -28.49 -23.22
CA ASN I 79 -3.10 -28.71 -24.46
C ASN I 79 -3.36 -27.42 -25.23
N ARG I 80 -2.43 -26.46 -25.15
CA ARG I 80 -2.49 -25.25 -25.96
C ARG I 80 -1.62 -25.48 -27.19
N ARG I 81 -2.10 -26.35 -28.07
CA ARG I 81 -1.28 -26.78 -29.20
C ARG I 81 -0.96 -25.64 -30.16
N ASP I 82 -1.91 -24.74 -30.39
CA ASP I 82 -1.64 -23.61 -31.28
C ASP I 82 -0.52 -22.74 -30.74
N LEU I 83 -0.56 -22.40 -29.46
CA LEU I 83 0.52 -21.63 -28.86
C LEU I 83 1.82 -22.43 -28.85
N TYR I 84 1.72 -23.75 -28.68
CA TYR I 84 2.91 -24.60 -28.69
C TYR I 84 3.63 -24.53 -30.03
N GLU I 85 2.88 -24.71 -31.13
CA GLU I 85 3.51 -24.65 -32.45
C GLU I 85 3.95 -23.24 -32.78
N LYS I 86 3.21 -22.22 -32.35
CA LYS I 86 3.62 -20.84 -32.59
C LYS I 86 4.94 -20.53 -31.88
N ALA I 87 5.08 -21.01 -30.64
CA ALA I 87 6.33 -20.80 -29.92
C ALA I 87 7.48 -21.57 -30.55
N LYS I 88 7.21 -22.78 -31.04
CA LYS I 88 8.26 -23.53 -31.73
C LYS I 88 8.72 -22.84 -33.00
N ARG I 89 7.78 -22.30 -33.78
CA ARG I 89 8.15 -21.66 -35.04
C ARG I 89 8.93 -20.37 -34.81
N ASP I 90 8.59 -19.60 -33.78
CA ASP I 90 9.23 -18.32 -33.51
C ASP I 90 10.25 -18.44 -32.38
N GLU I 91 10.96 -19.56 -32.35
CA GLU I 91 11.95 -19.78 -31.30
C GLU I 91 13.11 -18.82 -31.49
N PRO I 92 13.52 -18.07 -30.47
CA PRO I 92 14.53 -17.02 -30.66
C PRO I 92 15.88 -17.60 -31.06
N LYS I 93 16.62 -16.82 -31.84
CA LYS I 93 17.97 -17.20 -32.24
C LYS I 93 18.91 -16.93 -31.08
N TRP I 94 19.29 -17.99 -30.36
CA TRP I 94 20.12 -17.83 -29.18
C TRP I 94 21.55 -17.44 -29.57
N GLY I 95 22.21 -16.72 -28.67
CA GLY I 95 23.58 -16.28 -28.90
C GLY I 95 23.90 -14.96 -28.21
N MET J 1 53.46 16.32 -1.17
CA MET J 1 53.16 15.79 -2.49
C MET J 1 54.02 14.54 -2.74
N LYS J 2 53.38 13.38 -2.70
CA LYS J 2 54.07 12.10 -2.88
C LYS J 2 55.21 11.92 -1.88
N MET J 3 56.43 12.26 -2.30
CA MET J 3 57.60 12.11 -1.43
C MET J 3 57.52 13.11 -0.29
N ALA J 4 57.40 12.61 0.93
CA ALA J 4 57.32 13.45 2.13
C ALA J 4 57.68 12.58 3.33
N SER J 5 57.45 13.10 4.53
CA SER J 5 57.70 12.36 5.75
C SER J 5 56.63 11.28 5.95
N THR J 6 56.96 10.29 6.77
CA THR J 6 56.00 9.22 7.06
C THR J 6 54.80 9.74 7.85
N ARG J 7 55.01 10.81 8.63
CA ARG J 7 53.91 11.39 9.39
C ARG J 7 52.82 11.91 8.47
N CYS J 8 53.21 12.53 7.36
CA CYS J 8 52.23 13.04 6.40
C CYS J 8 51.42 11.89 5.79
N LYS J 9 52.09 10.80 5.44
CA LYS J 9 51.39 9.65 4.88
C LYS J 9 50.42 9.06 5.89
N LEU J 10 50.86 8.93 7.15
CA LEU J 10 49.98 8.41 8.19
C LEU J 10 48.79 9.32 8.40
N ALA J 11 49.01 10.65 8.39
CA ALA J 11 47.92 11.59 8.54
C ALA J 11 46.93 11.48 7.39
N ARG J 12 47.43 11.31 6.17
CA ARG J 12 46.54 11.12 5.02
C ARG J 12 45.71 9.87 5.17
N TYR J 13 46.35 8.76 5.58
CA TYR J 13 45.61 7.51 5.74
C TYR J 13 44.54 7.62 6.82
N LEU J 14 44.88 8.27 7.94
CA LEU J 14 43.87 8.49 8.98
C LEU J 14 42.75 9.40 8.49
N GLU J 15 43.09 10.43 7.71
CA GLU J 15 42.08 11.34 7.16
C GLU J 15 41.13 10.60 6.23
N ASP J 16 41.62 9.58 5.53
CA ASP J 16 40.75 8.79 4.65
C ASP J 16 39.62 8.13 5.42
N LEU J 17 39.81 7.81 6.70
CA LEU J 17 38.79 7.13 7.49
C LEU J 17 37.57 8.02 7.70
N GLU J 18 36.43 7.38 7.96
CA GLU J 18 35.19 8.07 8.25
C GLU J 18 35.18 8.53 9.71
N ASP J 19 34.00 8.94 10.18
CA ASP J 19 33.87 9.39 11.56
C ASP J 19 33.80 8.20 12.52
N VAL J 20 32.81 7.33 12.32
CA VAL J 20 32.68 6.15 13.17
C VAL J 20 33.88 5.22 12.98
N ASP J 21 34.41 5.15 11.76
CA ASP J 21 35.63 4.37 11.55
C ASP J 21 36.81 4.97 12.32
N LEU J 22 36.89 6.30 12.38
CA LEU J 22 37.92 6.94 13.19
C LEU J 22 37.73 6.63 14.67
N LYS J 23 36.48 6.61 15.14
CA LYS J 23 36.22 6.29 16.53
C LYS J 23 36.64 4.86 16.85
N LYS J 24 36.35 3.92 15.95
CA LYS J 24 36.79 2.54 16.15
C LYS J 24 38.30 2.42 16.08
N PHE J 25 38.94 3.19 15.20
CA PHE J 25 40.40 3.22 15.16
C PHE J 25 40.97 3.68 16.50
N LYS J 26 40.41 4.74 17.05
CA LYS J 26 40.85 5.20 18.37
C LYS J 26 40.63 4.13 19.43
N MET J 27 39.43 3.53 19.44
CA MET J 27 39.11 2.49 20.42
C MET J 27 40.13 1.37 20.38
N HIS J 28 40.45 0.87 19.18
CA HIS J 28 41.50 -0.12 19.06
C HIS J 28 42.86 0.43 19.46
N LEU J 29 43.04 1.74 19.33
CA LEU J 29 44.32 2.34 19.68
C LEU J 29 44.58 2.29 21.18
N GLU J 30 43.56 2.59 22.00
CA GLU J 30 43.84 2.56 23.44
C GLU J 30 44.06 1.16 23.96
N ASP J 31 43.58 0.14 23.26
CA ASP J 31 43.66 -1.25 23.70
C ASP J 31 44.46 -2.11 22.73
N TYR J 32 45.61 -1.60 22.28
CA TYR J 32 46.48 -2.42 21.46
C TYR J 32 47.04 -3.55 22.32
N PRO J 33 47.10 -4.78 21.81
CA PRO J 33 47.48 -5.92 22.64
C PRO J 33 48.86 -5.73 23.26
N PRO J 34 49.04 -6.19 24.51
CA PRO J 34 50.34 -5.96 25.17
C PRO J 34 51.52 -6.62 24.48
N GLN J 35 51.29 -7.67 23.72
CA GLN J 35 52.37 -8.32 22.98
C GLN J 35 52.75 -7.46 21.77
N LYS J 36 53.69 -7.97 20.97
CA LYS J 36 54.19 -7.27 19.78
C LYS J 36 54.83 -5.93 20.11
N GLY J 37 55.13 -5.70 21.39
CA GLY J 37 55.95 -4.58 21.84
C GLY J 37 55.52 -3.20 21.41
N CYS J 38 54.38 -2.72 21.93
CA CYS J 38 53.96 -1.34 21.70
C CYS J 38 53.30 -0.81 22.96
N ILE J 39 53.25 0.52 23.06
CA ILE J 39 52.71 1.22 24.21
C ILE J 39 51.34 1.78 23.84
N PRO J 40 50.26 1.36 24.49
CA PRO J 40 48.94 1.90 24.16
C PRO J 40 48.84 3.38 24.53
N LEU J 41 47.97 4.08 23.80
CA LEU J 41 47.83 5.52 23.99
C LEU J 41 46.80 5.82 25.07
N PRO J 42 47.14 6.68 26.04
CA PRO J 42 46.18 7.05 27.07
C PRO J 42 44.97 7.78 26.48
N ARG J 43 43.82 7.53 27.09
CA ARG J 43 42.55 8.04 26.56
C ARG J 43 42.48 9.57 26.60
N GLY J 44 43.24 10.20 27.50
CA GLY J 44 43.11 11.63 27.66
C GLY J 44 43.53 12.42 26.44
N GLN J 45 44.68 12.07 25.86
CA GLN J 45 45.17 12.82 24.71
C GLN J 45 44.45 12.44 23.43
N THR J 46 44.13 11.16 23.25
CA THR J 46 43.48 10.68 22.04
C THR J 46 41.95 10.75 22.16
N GLU J 47 41.45 11.91 22.52
CA GLU J 47 40.01 12.13 22.63
C GLU J 47 39.48 13.19 21.67
N LYS J 48 40.26 14.24 21.40
CA LYS J 48 39.81 15.32 20.54
C LYS J 48 40.61 15.42 19.24
N ALA J 49 41.77 14.78 19.16
CA ALA J 49 42.57 14.82 17.93
C ALA J 49 41.81 14.14 16.79
N ASP J 50 41.70 14.82 15.65
CA ASP J 50 40.92 14.26 14.55
C ASP J 50 41.72 13.28 13.71
N HIS J 51 42.71 13.77 12.96
CA HIS J 51 43.59 12.86 12.21
C HIS J 51 45.06 13.27 12.20
N VAL J 52 45.40 14.54 12.41
CA VAL J 52 46.80 14.93 12.38
C VAL J 52 47.47 14.72 13.72
N ASP J 53 46.88 15.29 14.78
CA ASP J 53 47.46 15.13 16.11
C ASP J 53 47.44 13.68 16.55
N LEU J 54 46.48 12.90 16.07
CA LEU J 54 46.46 11.46 16.35
C LEU J 54 47.70 10.79 15.76
N ALA J 55 48.03 11.12 14.51
CA ALA J 55 49.22 10.55 13.88
C ALA J 55 50.48 11.00 14.59
N THR J 56 50.55 12.28 14.98
CA THR J 56 51.71 12.76 15.71
C THR J 56 51.86 12.02 17.03
N LEU J 57 50.76 11.78 17.73
CA LEU J 57 50.80 11.06 19.00
C LEU J 57 51.27 9.63 18.79
N MET J 58 50.74 8.95 17.76
CA MET J 58 51.18 7.58 17.48
C MET J 58 52.67 7.53 17.19
N ILE J 59 53.16 8.45 16.36
CA ILE J 59 54.58 8.47 16.04
C ILE J 59 55.41 8.72 17.29
N ASP J 60 55.06 9.75 18.06
CA ASP J 60 55.83 10.09 19.24
C ASP J 60 55.86 8.95 20.24
N PHE J 61 54.75 8.22 20.37
CA PHE J 61 54.70 7.12 21.33
C PHE J 61 55.49 5.91 20.85
N ASN J 62 55.43 5.58 19.57
CA ASN J 62 55.86 4.24 19.15
C ASN J 62 57.06 4.19 18.21
N GLY J 63 57.48 5.31 17.62
CA GLY J 63 58.45 5.26 16.55
C GLY J 63 57.79 4.93 15.23
N GLU J 64 58.51 5.20 14.14
CA GLU J 64 57.91 5.10 12.80
C GLU J 64 57.52 3.66 12.47
N GLU J 65 58.42 2.71 12.76
CA GLU J 65 58.15 1.31 12.43
C GLU J 65 56.91 0.80 13.16
N LYS J 66 56.88 0.99 14.47
CA LYS J 66 55.76 0.50 15.27
C LYS J 66 54.48 1.25 14.93
N ALA J 67 54.59 2.55 14.62
CA ALA J 67 53.40 3.31 14.25
C ALA J 67 52.79 2.79 12.96
N TRP J 68 53.62 2.49 11.96
CA TRP J 68 53.08 1.94 10.72
C TRP J 68 52.52 0.53 10.93
N ALA J 69 53.19 -0.28 11.75
CA ALA J 69 52.68 -1.62 12.02
C ALA J 69 51.32 -1.56 12.69
N MET J 70 51.17 -0.69 13.69
CA MET J 70 49.87 -0.52 14.33
C MET J 70 48.85 0.05 13.35
N ALA J 71 49.25 1.02 12.52
CA ALA J 71 48.32 1.56 11.54
C ALA J 71 47.72 0.46 10.68
N VAL J 72 48.58 -0.39 10.12
CA VAL J 72 48.08 -1.46 9.24
C VAL J 72 47.28 -2.48 10.04
N TRP J 73 47.69 -2.75 11.29
CA TRP J 73 46.99 -3.76 12.08
C TRP J 73 45.57 -3.32 12.42
N ILE J 74 45.40 -2.11 12.95
CA ILE J 74 44.05 -1.62 13.23
C ILE J 74 43.27 -1.37 11.94
N PHE J 75 43.95 -1.04 10.85
CA PHE J 75 43.24 -0.95 9.57
C PHE J 75 42.61 -2.29 9.21
N ALA J 76 43.35 -3.38 9.43
CA ALA J 76 42.78 -4.70 9.20
C ALA J 76 41.69 -5.03 10.21
N ALA J 77 41.87 -4.62 11.47
CA ALA J 77 40.99 -5.06 12.55
C ALA J 77 39.62 -4.41 12.49
N ILE J 78 39.52 -3.16 12.04
CA ILE J 78 38.25 -2.45 12.02
C ILE J 78 37.58 -2.66 10.66
N ASN J 79 38.05 -3.66 9.92
CA ASN J 79 37.48 -4.07 8.64
C ASN J 79 37.64 -3.00 7.57
N ARG J 80 38.77 -2.31 7.55
CA ARG J 80 39.14 -1.43 6.43
C ARG J 80 40.12 -2.20 5.56
N ARG J 81 39.59 -3.17 4.82
CA ARG J 81 40.46 -4.05 4.04
C ARG J 81 41.11 -3.31 2.88
N ASP J 82 40.39 -2.38 2.25
CA ASP J 82 40.99 -1.59 1.17
C ASP J 82 42.14 -0.73 1.68
N LEU J 83 41.95 -0.04 2.80
CA LEU J 83 43.05 0.72 3.40
C LEU J 83 44.16 -0.22 3.88
N TYR J 84 43.79 -1.41 4.34
CA TYR J 84 44.80 -2.37 4.76
C TYR J 84 45.71 -2.76 3.60
N GLU J 85 45.10 -3.06 2.45
CA GLU J 85 45.88 -3.41 1.27
C GLU J 85 46.72 -2.22 0.79
N LYS J 86 46.13 -1.02 0.81
CA LYS J 86 46.88 0.16 0.37
C LYS J 86 48.09 0.41 1.27
N ALA J 87 47.92 0.27 2.59
CA ALA J 87 49.04 0.45 3.51
C ALA J 87 50.08 -0.64 3.33
N LYS J 88 49.64 -1.88 3.11
CA LYS J 88 50.60 -2.97 2.90
C LYS J 88 51.43 -2.75 1.65
N ARG J 89 50.80 -2.31 0.57
CA ARG J 89 51.53 -2.14 -0.68
C ARG J 89 52.45 -0.94 -0.66
N ASP J 90 52.09 0.11 0.07
CA ASP J 90 52.82 1.38 0.06
C ASP J 90 53.58 1.63 1.36
N GLU J 91 54.17 0.58 1.93
CA GLU J 91 54.97 0.75 3.13
C GLU J 91 56.23 1.53 2.80
N PRO J 92 56.56 2.58 3.57
CA PRO J 92 57.74 3.38 3.26
C PRO J 92 59.02 2.57 3.35
N LYS J 93 59.99 2.94 2.52
CA LYS J 93 61.29 2.27 2.47
C LYS J 93 62.10 2.68 3.69
N TRP J 94 62.11 1.82 4.71
CA TRP J 94 62.84 2.12 5.93
C TRP J 94 64.34 2.03 5.71
N GLY J 95 65.09 2.89 6.40
CA GLY J 95 66.54 2.91 6.27
C GLY J 95 67.09 4.26 5.89
N MET K 1 -15.80 -14.71 -44.12
CA MET K 1 -16.14 -14.50 -45.53
C MET K 1 -15.19 -15.28 -46.45
N LYS K 2 -15.63 -16.46 -46.85
CA LYS K 2 -14.87 -17.33 -47.75
C LYS K 2 -13.48 -17.62 -47.18
N MET K 3 -12.48 -16.85 -47.59
CA MET K 3 -11.13 -17.01 -47.07
C MET K 3 -11.12 -16.57 -45.62
N ALA K 4 -10.71 -17.47 -44.73
CA ALA K 4 -10.65 -17.18 -43.30
C ALA K 4 -9.75 -18.22 -42.65
N SER K 5 -9.72 -18.24 -41.33
CA SER K 5 -8.95 -19.23 -40.59
C SER K 5 -9.69 -20.57 -40.57
N THR K 6 -8.96 -21.62 -40.17
CA THR K 6 -9.57 -22.94 -40.07
C THR K 6 -10.65 -22.97 -39.00
N ARG K 7 -10.44 -22.23 -37.91
CA ARG K 7 -11.40 -22.23 -36.81
C ARG K 7 -12.77 -21.70 -37.27
N CYS K 8 -12.78 -20.67 -38.11
CA CYS K 8 -14.05 -20.13 -38.59
C CYS K 8 -14.80 -21.13 -39.45
N LYS K 9 -14.09 -21.82 -40.35
CA LYS K 9 -14.73 -22.83 -41.18
C LYS K 9 -15.27 -23.98 -40.33
N LEU K 10 -14.49 -24.40 -39.32
CA LEU K 10 -14.95 -25.45 -38.41
C LEU K 10 -16.20 -25.01 -37.65
N ALA K 11 -16.21 -23.74 -37.20
CA ALA K 11 -17.37 -23.22 -36.50
C ALA K 11 -18.60 -23.21 -37.40
N ARG K 12 -18.43 -22.82 -38.66
CA ARG K 12 -19.57 -22.85 -39.58
C ARG K 12 -20.08 -24.27 -39.79
N TYR K 13 -19.16 -25.22 -39.96
CA TYR K 13 -19.57 -26.60 -40.15
C TYR K 13 -20.29 -27.12 -38.91
N LEU K 14 -19.91 -26.65 -37.72
CA LEU K 14 -20.64 -27.01 -36.51
C LEU K 14 -22.00 -26.31 -36.45
N GLU K 15 -22.10 -25.09 -37.00
CA GLU K 15 -23.42 -24.47 -37.17
C GLU K 15 -24.32 -25.35 -38.00
N ASP K 16 -23.78 -26.00 -39.03
CA ASP K 16 -24.60 -26.85 -39.89
C ASP K 16 -25.18 -28.05 -39.15
N LEU K 17 -24.66 -28.37 -37.97
CA LEU K 17 -25.16 -29.49 -37.19
C LEU K 17 -26.54 -29.19 -36.61
N GLU K 18 -27.28 -30.27 -36.31
CA GLU K 18 -28.55 -30.19 -35.62
C GLU K 18 -28.30 -30.18 -34.11
N ASP K 19 -29.37 -30.37 -33.33
CA ASP K 19 -29.24 -30.41 -31.87
C ASP K 19 -28.79 -31.79 -31.40
N VAL K 20 -29.60 -32.81 -31.67
CA VAL K 20 -29.21 -34.17 -31.30
C VAL K 20 -27.98 -34.60 -32.08
N ASP K 21 -27.83 -34.10 -33.31
CA ASP K 21 -26.60 -34.34 -34.06
C ASP K 21 -25.40 -33.71 -33.34
N LEU K 22 -25.59 -32.53 -32.76
CA LEU K 22 -24.53 -31.92 -31.98
C LEU K 22 -24.21 -32.76 -30.73
N LYS K 23 -25.24 -33.32 -30.10
CA LYS K 23 -25.00 -34.19 -28.95
C LYS K 23 -24.20 -35.42 -29.35
N LYS K 24 -24.53 -36.02 -30.50
CA LYS K 24 -23.75 -37.15 -30.99
C LYS K 24 -22.32 -36.74 -31.33
N PHE K 25 -22.15 -35.55 -31.88
CA PHE K 25 -20.81 -35.03 -32.16
C PHE K 25 -20.01 -34.90 -30.87
N LYS K 26 -20.65 -34.39 -29.81
CA LYS K 26 -19.97 -34.28 -28.52
C LYS K 26 -19.63 -35.66 -27.95
N MET K 27 -20.54 -36.63 -28.11
CA MET K 27 -20.22 -37.99 -27.69
C MET K 27 -18.97 -38.51 -28.39
N HIS K 28 -18.92 -38.35 -29.72
CA HIS K 28 -17.77 -38.86 -30.45
C HIS K 28 -16.50 -38.09 -30.11
N LEU K 29 -16.63 -36.80 -29.77
CA LEU K 29 -15.46 -36.02 -29.37
C LEU K 29 -14.90 -36.50 -28.04
N GLU K 30 -15.78 -36.67 -27.04
CA GLU K 30 -15.31 -37.08 -25.72
C GLU K 30 -14.76 -38.50 -25.69
N ASP K 31 -15.21 -39.36 -26.60
CA ASP K 31 -14.83 -40.77 -26.62
C ASP K 31 -14.26 -41.14 -27.99
N TYR K 32 -13.34 -40.32 -28.48
CA TYR K 32 -12.72 -40.61 -29.77
C TYR K 32 -11.86 -41.87 -29.64
N PRO K 33 -11.73 -42.66 -30.70
CA PRO K 33 -10.90 -43.87 -30.63
C PRO K 33 -9.47 -43.54 -30.24
N PRO K 34 -8.85 -44.37 -29.39
CA PRO K 34 -7.49 -44.04 -28.92
C PRO K 34 -6.45 -43.96 -30.03
N GLN K 35 -6.65 -44.68 -31.13
CA GLN K 35 -5.65 -44.75 -32.19
C GLN K 35 -5.66 -43.45 -33.00
N LYS K 36 -4.91 -43.44 -34.09
CA LYS K 36 -4.74 -42.27 -34.97
C LYS K 36 -4.12 -41.08 -34.25
N GLY K 37 -3.54 -41.30 -33.07
CA GLY K 37 -2.84 -40.26 -32.34
C GLY K 37 -3.69 -39.04 -32.02
N CYS K 38 -4.70 -39.22 -31.17
CA CYS K 38 -5.60 -38.14 -30.81
C CYS K 38 -5.67 -38.01 -29.30
N ILE K 39 -6.06 -36.82 -28.85
CA ILE K 39 -6.30 -36.53 -27.45
C ILE K 39 -7.80 -36.31 -27.28
N PRO K 40 -8.53 -37.24 -26.66
CA PRO K 40 -9.97 -37.05 -26.49
C PRO K 40 -10.27 -35.85 -25.61
N LEU K 41 -11.39 -35.19 -25.92
CA LEU K 41 -11.73 -33.98 -25.18
C LEU K 41 -12.36 -34.34 -23.84
N PRO K 42 -12.10 -33.56 -22.80
CA PRO K 42 -12.74 -33.80 -21.51
C PRO K 42 -14.24 -33.50 -21.58
N ARG K 43 -14.99 -34.23 -20.76
CA ARG K 43 -16.43 -34.05 -20.72
C ARG K 43 -16.81 -32.74 -20.02
N GLY K 44 -15.93 -32.25 -19.14
CA GLY K 44 -16.24 -31.02 -18.41
C GLY K 44 -16.31 -29.81 -19.31
N GLN K 45 -15.45 -29.74 -20.32
CA GLN K 45 -15.44 -28.57 -21.20
C GLN K 45 -16.40 -28.72 -22.36
N THR K 46 -16.61 -29.94 -22.85
CA THR K 46 -17.57 -30.17 -23.93
C THR K 46 -18.95 -30.49 -23.37
N GLU K 47 -19.44 -29.62 -22.50
CA GLU K 47 -20.77 -29.74 -21.91
C GLU K 47 -21.62 -28.51 -22.14
N LYS K 48 -21.02 -27.32 -22.17
CA LYS K 48 -21.74 -26.09 -22.48
C LYS K 48 -21.36 -25.52 -23.84
N ALA K 49 -20.21 -25.91 -24.39
CA ALA K 49 -19.81 -25.43 -25.70
C ALA K 49 -20.76 -25.93 -26.78
N ASP K 50 -21.50 -25.01 -27.38
CA ASP K 50 -22.48 -25.41 -28.40
C ASP K 50 -21.84 -25.60 -29.77
N HIS K 51 -21.39 -24.51 -30.38
CA HIS K 51 -20.81 -24.58 -31.72
C HIS K 51 -19.54 -23.77 -31.92
N VAL K 52 -19.31 -22.69 -31.16
CA VAL K 52 -18.08 -21.93 -31.32
C VAL K 52 -17.00 -22.46 -30.39
N ASP K 53 -17.29 -22.49 -29.08
CA ASP K 53 -16.30 -22.96 -28.12
C ASP K 53 -15.91 -24.40 -28.38
N LEU K 54 -16.82 -25.20 -28.94
CA LEU K 54 -16.47 -26.57 -29.30
C LEU K 54 -15.39 -26.59 -30.38
N ALA K 55 -15.54 -25.75 -31.41
CA ALA K 55 -14.53 -25.68 -32.45
C ALA K 55 -13.21 -25.14 -31.90
N THR K 56 -13.28 -24.13 -31.02
CA THR K 56 -12.06 -23.62 -30.41
C THR K 56 -11.35 -24.70 -29.62
N LEU K 57 -12.11 -25.49 -28.85
CA LEU K 57 -11.51 -26.56 -28.06
C LEU K 57 -10.90 -27.63 -28.96
N MET K 58 -11.60 -28.02 -30.03
CA MET K 58 -11.04 -29.02 -30.93
C MET K 58 -9.73 -28.55 -31.55
N ILE K 59 -9.72 -27.32 -32.07
CA ILE K 59 -8.50 -26.77 -32.66
C ILE K 59 -7.39 -26.74 -31.62
N ASP K 60 -7.68 -26.17 -30.45
CA ASP K 60 -6.65 -25.96 -29.43
C ASP K 60 -6.09 -27.29 -28.94
N PHE K 61 -6.92 -28.31 -28.84
CA PHE K 61 -6.46 -29.59 -28.33
C PHE K 61 -5.67 -30.38 -29.38
N ASN K 62 -6.10 -30.33 -30.66
CA ASN K 62 -5.56 -31.29 -31.62
C ASN K 62 -4.84 -30.69 -32.82
N GLY K 63 -4.60 -29.38 -32.86
CA GLY K 63 -3.99 -28.79 -34.03
C GLY K 63 -4.94 -28.78 -35.21
N GLU K 64 -4.69 -27.84 -36.12
CA GLU K 64 -5.63 -27.62 -37.22
C GLU K 64 -5.76 -28.86 -38.10
N GLU K 65 -4.62 -29.47 -38.46
CA GLU K 65 -4.63 -30.65 -39.32
C GLU K 65 -5.51 -31.75 -38.74
N LYS K 66 -5.15 -32.22 -37.54
CA LYS K 66 -5.81 -33.41 -37.03
C LYS K 66 -7.21 -33.07 -36.54
N ALA K 67 -7.46 -31.81 -36.17
CA ALA K 67 -8.82 -31.41 -35.83
C ALA K 67 -9.72 -31.46 -37.04
N TRP K 68 -9.23 -31.03 -38.21
CA TRP K 68 -10.01 -31.19 -39.43
C TRP K 68 -10.23 -32.66 -39.74
N ALA K 69 -9.21 -33.49 -39.55
CA ALA K 69 -9.37 -34.93 -39.79
C ALA K 69 -10.45 -35.52 -38.88
N MET K 70 -10.41 -35.17 -37.59
CA MET K 70 -11.43 -35.64 -36.65
C MET K 70 -12.81 -35.14 -37.04
N ALA K 71 -12.92 -33.89 -37.45
CA ALA K 71 -14.21 -33.34 -37.85
C ALA K 71 -14.79 -34.12 -39.02
N VAL K 72 -13.96 -34.41 -40.03
CA VAL K 72 -14.43 -35.17 -41.18
C VAL K 72 -14.87 -36.56 -40.78
N TRP K 73 -14.05 -37.23 -39.95
CA TRP K 73 -14.38 -38.61 -39.56
C TRP K 73 -15.67 -38.65 -38.75
N ILE K 74 -15.83 -37.71 -37.81
CA ILE K 74 -17.03 -37.70 -36.97
C ILE K 74 -18.25 -37.34 -37.79
N PHE K 75 -18.11 -36.41 -38.74
CA PHE K 75 -19.21 -36.10 -39.66
C PHE K 75 -19.63 -37.35 -40.42
N ALA K 76 -18.66 -38.17 -40.82
CA ALA K 76 -18.99 -39.44 -41.45
C ALA K 76 -19.69 -40.37 -40.47
N ALA K 77 -19.32 -40.30 -39.19
CA ALA K 77 -19.83 -41.25 -38.21
C ALA K 77 -21.27 -40.95 -37.77
N ILE K 78 -21.74 -39.72 -37.98
CA ILE K 78 -23.04 -39.31 -37.44
C ILE K 78 -24.09 -39.52 -38.53
N ASN K 79 -23.70 -40.23 -39.59
CA ASN K 79 -24.57 -40.48 -40.75
C ASN K 79 -24.98 -39.19 -41.45
N ARG K 80 -24.21 -38.12 -41.23
CA ARG K 80 -24.42 -36.86 -41.93
C ARG K 80 -23.43 -36.82 -43.09
N ARG K 81 -23.81 -37.48 -44.18
CA ARG K 81 -22.91 -37.60 -45.32
C ARG K 81 -22.65 -36.25 -45.97
N ASP K 82 -23.71 -35.49 -46.28
CA ASP K 82 -23.56 -34.25 -47.04
C ASP K 82 -22.47 -33.37 -46.43
N LEU K 83 -22.48 -33.21 -45.10
CA LEU K 83 -21.42 -32.47 -44.45
C LEU K 83 -20.07 -33.16 -44.62
N TYR K 84 -20.06 -34.50 -44.69
CA TYR K 84 -18.81 -35.23 -44.83
C TYR K 84 -18.14 -34.91 -46.18
N GLU K 85 -18.87 -35.07 -47.28
CA GLU K 85 -18.25 -34.71 -48.56
C GLU K 85 -18.04 -33.20 -48.70
N LYS K 86 -18.88 -32.37 -48.06
CA LYS K 86 -18.61 -30.94 -48.11
C LYS K 86 -17.30 -30.59 -47.42
N ALA K 87 -17.01 -31.25 -46.30
CA ALA K 87 -15.75 -31.02 -45.61
C ALA K 87 -14.58 -31.56 -46.42
N LYS K 88 -14.76 -32.71 -47.08
CA LYS K 88 -13.69 -33.24 -47.92
C LYS K 88 -13.38 -32.32 -49.09
N ARG K 89 -14.42 -31.76 -49.72
CA ARG K 89 -14.21 -30.91 -50.89
C ARG K 89 -13.64 -29.55 -50.53
N ASP K 90 -13.98 -29.03 -49.34
CA ASP K 90 -13.56 -27.69 -48.92
C ASP K 90 -12.45 -27.75 -47.88
N GLU K 91 -11.55 -28.71 -47.99
CA GLU K 91 -10.43 -28.79 -47.08
C GLU K 91 -9.48 -27.62 -47.33
N PRO K 92 -9.06 -26.90 -46.28
CA PRO K 92 -8.15 -25.78 -46.49
C PRO K 92 -6.82 -26.22 -47.07
N LYS K 93 -6.23 -25.34 -47.88
CA LYS K 93 -4.93 -25.60 -48.49
C LYS K 93 -3.86 -25.54 -47.41
N TRP K 94 -3.43 -26.71 -46.95
CA TRP K 94 -2.45 -26.78 -45.88
C TRP K 94 -1.07 -26.38 -46.39
N GLY K 95 -0.32 -25.69 -45.54
CA GLY K 95 1.02 -25.25 -45.90
C GLY K 95 1.28 -23.79 -45.56
N MET L 1 22.10 -21.06 -2.99
CA MET L 1 22.07 -22.26 -3.82
C MET L 1 22.40 -23.49 -2.96
N LYS L 2 21.38 -24.34 -2.75
CA LYS L 2 21.53 -25.56 -1.99
C LYS L 2 22.05 -25.27 -0.57
N MET L 3 23.35 -25.39 -0.38
CA MET L 3 23.97 -25.11 0.91
C MET L 3 23.87 -23.62 1.22
N ALA L 4 23.21 -23.29 2.33
CA ALA L 4 23.06 -21.90 2.75
C ALA L 4 22.74 -21.90 4.24
N SER L 5 22.40 -20.74 4.78
CA SER L 5 22.06 -20.61 6.19
C SER L 5 20.64 -21.11 6.46
N THR L 6 20.34 -21.31 7.74
CA THR L 6 19.00 -21.78 8.11
C THR L 6 17.94 -20.75 7.78
N ARG L 7 18.23 -19.47 7.99
CA ARG L 7 17.26 -18.42 7.70
C ARG L 7 16.88 -18.42 6.23
N CYS L 8 17.83 -18.75 5.35
CA CYS L 8 17.54 -18.77 3.92
C CYS L 8 16.54 -19.85 3.57
N LYS L 9 16.75 -21.06 4.09
CA LYS L 9 15.82 -22.16 3.82
C LYS L 9 14.45 -21.88 4.44
N LEU L 10 14.43 -21.30 5.64
CA LEU L 10 13.17 -20.95 6.27
C LEU L 10 12.43 -19.90 5.45
N ALA L 11 13.16 -18.91 4.92
CA ALA L 11 12.55 -17.89 4.08
C ALA L 11 12.01 -18.50 2.79
N ARG L 12 12.73 -19.47 2.23
CA ARG L 12 12.21 -20.15 1.04
C ARG L 12 10.90 -20.86 1.34
N TYR L 13 10.86 -21.62 2.43
CA TYR L 13 9.63 -22.34 2.77
C TYR L 13 8.49 -21.39 3.06
N LEU L 14 8.75 -20.27 3.72
CA LEU L 14 7.71 -19.26 3.90
C LEU L 14 7.28 -18.65 2.58
N GLU L 15 8.22 -18.48 1.66
CA GLU L 15 7.89 -17.99 0.33
C GLU L 15 6.96 -18.94 -0.40
N ASP L 16 7.06 -20.24 -0.12
CA ASP L 16 6.16 -21.19 -0.75
C ASP L 16 4.70 -20.95 -0.37
N LEU L 17 4.45 -20.35 0.79
CA LEU L 17 3.08 -20.12 1.25
C LEU L 17 2.39 -19.06 0.42
N GLU L 18 1.07 -19.17 0.32
CA GLU L 18 0.23 -18.19 -0.36
C GLU L 18 -0.01 -17.00 0.55
N ASP L 19 -0.97 -16.16 0.17
CA ASP L 19 -1.29 -14.98 0.99
C ASP L 19 -2.12 -15.37 2.22
N VAL L 20 -3.26 -16.01 2.01
CA VAL L 20 -4.08 -16.43 3.14
C VAL L 20 -3.34 -17.47 3.98
N ASP L 21 -2.55 -18.33 3.34
CA ASP L 21 -1.73 -19.28 4.10
C ASP L 21 -0.69 -18.55 4.94
N LEU L 22 -0.13 -17.47 4.41
CA LEU L 22 0.80 -16.66 5.20
C LEU L 22 0.08 -16.01 6.38
N LYS L 23 -1.15 -15.54 6.17
CA LYS L 23 -1.91 -14.97 7.28
C LYS L 23 -2.18 -16.01 8.35
N LYS L 24 -2.52 -17.23 7.95
CA LYS L 24 -2.72 -18.31 8.92
C LYS L 24 -1.43 -18.65 9.64
N PHE L 25 -0.30 -18.63 8.92
CA PHE L 25 0.99 -18.89 9.55
C PHE L 25 1.30 -17.84 10.60
N LYS L 26 1.07 -16.57 10.28
CA LYS L 26 1.29 -15.50 11.25
C LYS L 26 0.36 -15.64 12.45
N MET L 27 -0.90 -16.01 12.20
CA MET L 27 -1.84 -16.21 13.30
C MET L 27 -1.37 -17.33 14.23
N HIS L 28 -0.88 -18.43 13.67
CA HIS L 28 -0.39 -19.52 14.49
C HIS L 28 0.89 -19.14 15.22
N LEU L 29 1.74 -18.32 14.59
CA LEU L 29 2.95 -17.84 15.26
C LEU L 29 2.61 -16.99 16.47
N GLU L 30 1.64 -16.08 16.32
CA GLU L 30 1.30 -15.16 17.40
C GLU L 30 0.65 -15.86 18.58
N ASP L 31 0.06 -17.04 18.37
CA ASP L 31 -0.59 -17.80 19.43
C ASP L 31 -0.06 -19.23 19.48
N TYR L 32 1.25 -19.38 19.44
CA TYR L 32 1.83 -20.71 19.57
C TYR L 32 1.52 -21.27 20.96
N PRO L 33 1.29 -22.58 21.07
CA PRO L 33 0.92 -23.17 22.36
C PRO L 33 1.97 -22.88 23.42
N PRO L 34 1.54 -22.61 24.66
CA PRO L 34 2.51 -22.25 25.71
C PRO L 34 3.52 -23.35 25.99
N GLN L 35 3.16 -24.61 25.81
CA GLN L 35 4.05 -25.73 26.10
C GLN L 35 5.11 -25.84 25.00
N LYS L 36 5.90 -26.91 25.05
CA LYS L 36 7.01 -27.17 24.14
C LYS L 36 8.11 -26.10 24.23
N GLY L 37 8.07 -25.27 25.27
CA GLY L 37 9.10 -24.28 25.50
C GLY L 37 9.35 -23.33 24.34
N CYS L 38 8.33 -22.59 23.94
CA CYS L 38 8.44 -21.66 22.82
C CYS L 38 7.94 -20.30 23.25
N ILE L 39 8.49 -19.26 22.62
CA ILE L 39 8.12 -17.88 22.87
C ILE L 39 7.25 -17.40 21.71
N PRO L 40 5.97 -17.12 21.92
CA PRO L 40 5.13 -16.63 20.82
C PRO L 40 5.61 -15.28 20.32
N LEU L 41 5.50 -15.09 19.01
CA LEU L 41 5.94 -13.82 18.44
C LEU L 41 4.90 -12.74 18.70
N PRO L 42 5.32 -11.56 19.13
CA PRO L 42 4.38 -10.46 19.34
C PRO L 42 3.75 -10.01 18.03
N ARG L 43 2.49 -9.57 18.13
CA ARG L 43 1.73 -9.22 16.94
C ARG L 43 2.21 -7.92 16.31
N GLY L 44 3.08 -7.19 17.00
CA GLY L 44 3.53 -5.92 16.49
C GLY L 44 4.38 -6.04 15.23
N GLN L 45 5.33 -6.99 15.24
CA GLN L 45 6.20 -7.13 14.08
C GLN L 45 5.62 -8.07 13.04
N THR L 46 4.81 -9.04 13.45
CA THR L 46 4.17 -9.95 12.50
C THR L 46 2.91 -9.32 11.91
N GLU L 47 3.05 -8.11 11.41
CA GLU L 47 1.98 -7.38 10.74
C GLU L 47 2.39 -6.86 9.37
N LYS L 48 3.66 -6.51 9.21
CA LYS L 48 4.20 -6.09 7.92
C LYS L 48 5.25 -7.04 7.37
N ALA L 49 5.77 -7.94 8.19
CA ALA L 49 6.76 -8.90 7.74
C ALA L 49 6.13 -9.86 6.75
N ASP L 50 6.61 -9.84 5.50
CA ASP L 50 5.97 -10.67 4.47
C ASP L 50 6.50 -12.10 4.47
N HIS L 51 7.76 -12.31 4.09
CA HIS L 51 8.33 -13.65 4.16
C HIS L 51 9.76 -13.72 4.64
N VAL L 52 10.55 -12.65 4.51
CA VAL L 52 11.94 -12.69 4.97
C VAL L 52 12.04 -12.16 6.40
N ASP L 53 11.39 -11.02 6.65
CA ASP L 53 11.36 -10.48 8.00
C ASP L 53 10.69 -11.44 8.98
N LEU L 54 9.65 -12.14 8.53
CA LEU L 54 9.01 -13.13 9.39
C LEU L 54 9.97 -14.26 9.74
N ALA L 55 10.73 -14.74 8.75
CA ALA L 55 11.66 -15.84 9.00
C ALA L 55 12.78 -15.41 9.95
N THR L 56 13.35 -14.22 9.71
CA THR L 56 14.42 -13.77 10.58
C THR L 56 13.90 -13.47 11.99
N LEU L 57 12.64 -13.00 12.09
CA LEU L 57 12.04 -12.79 13.40
C LEU L 57 11.86 -14.12 14.14
N MET L 58 11.37 -15.14 13.45
CA MET L 58 11.20 -16.44 14.09
C MET L 58 12.53 -17.00 14.57
N ILE L 59 13.56 -16.95 13.70
CA ILE L 59 14.87 -17.43 14.09
C ILE L 59 15.40 -16.64 15.29
N ASP L 60 15.31 -15.31 15.21
CA ASP L 60 15.82 -14.44 16.26
C ASP L 60 15.14 -14.73 17.59
N PHE L 61 13.83 -14.98 17.56
CA PHE L 61 13.08 -15.17 18.80
C PHE L 61 13.32 -16.55 19.40
N ASN L 62 13.51 -17.58 18.56
CA ASN L 62 13.44 -18.93 19.09
C ASN L 62 14.71 -19.76 18.95
N GLY L 63 15.74 -19.29 18.26
CA GLY L 63 16.86 -20.15 17.92
C GLY L 63 16.52 -21.03 16.75
N GLU L 64 17.56 -21.54 16.09
CA GLU L 64 17.36 -22.29 14.86
C GLU L 64 16.56 -23.57 15.10
N GLU L 65 16.90 -24.30 16.16
CA GLU L 65 16.22 -25.55 16.47
C GLU L 65 14.73 -25.33 16.66
N LYS L 66 14.37 -24.40 17.55
CA LYS L 66 12.97 -24.20 17.89
C LYS L 66 12.23 -23.55 16.75
N ALA L 67 12.90 -22.69 15.97
CA ALA L 67 12.26 -22.09 14.80
C ALA L 67 11.91 -23.14 13.77
N TRP L 68 12.82 -24.08 13.51
CA TRP L 68 12.50 -25.15 12.57
C TRP L 68 11.37 -26.03 13.09
N ALA L 69 11.38 -26.34 14.40
CA ALA L 69 10.31 -27.16 14.95
C ALA L 69 8.95 -26.45 14.82
N MET L 70 8.92 -25.16 15.15
CA MET L 70 7.69 -24.38 15.02
C MET L 70 7.23 -24.30 13.58
N ALA L 71 8.16 -24.10 12.64
CA ALA L 71 7.78 -24.03 11.24
C ALA L 71 7.16 -25.34 10.77
N VAL L 72 7.77 -26.46 11.15
CA VAL L 72 7.22 -27.76 10.74
C VAL L 72 5.83 -27.96 11.35
N TRP L 73 5.69 -27.69 12.64
CA TRP L 73 4.41 -27.91 13.30
C TRP L 73 3.32 -27.03 12.72
N ILE L 74 3.63 -25.76 12.45
CA ILE L 74 2.62 -24.85 11.92
C ILE L 74 2.27 -25.21 10.49
N PHE L 75 3.27 -25.59 9.67
CA PHE L 75 2.98 -26.08 8.34
C PHE L 75 2.02 -27.26 8.39
N ALA L 76 2.19 -28.14 9.37
CA ALA L 76 1.22 -29.21 9.56
C ALA L 76 -0.14 -28.65 9.97
N ALA L 77 -0.15 -27.61 10.82
CA ALA L 77 -1.39 -27.13 11.43
C ALA L 77 -2.23 -26.31 10.46
N ILE L 78 -1.61 -25.57 9.54
CA ILE L 78 -2.36 -24.74 8.60
C ILE L 78 -2.69 -25.55 7.36
N ASN L 79 -2.52 -26.87 7.46
CA ASN L 79 -2.92 -27.82 6.43
C ASN L 79 -2.08 -27.69 5.16
N ARG L 80 -0.79 -27.39 5.31
CA ARG L 80 0.16 -27.43 4.21
C ARG L 80 0.94 -28.73 4.31
N ARG L 81 0.30 -29.82 3.91
CA ARG L 81 0.90 -31.14 4.08
C ARG L 81 2.13 -31.32 3.21
N ASP L 82 2.12 -30.80 1.99
CA ASP L 82 3.29 -30.92 1.12
C ASP L 82 4.49 -30.20 1.72
N LEU L 83 4.29 -28.97 2.20
CA LEU L 83 5.39 -28.24 2.83
C LEU L 83 5.84 -28.92 4.11
N TYR L 84 4.90 -29.51 4.85
CA TYR L 84 5.26 -30.22 6.07
C TYR L 84 6.13 -31.44 5.77
N GLU L 85 5.77 -32.21 4.75
CA GLU L 85 6.60 -33.35 4.35
C GLU L 85 7.97 -32.89 3.86
N LYS L 86 8.01 -31.82 3.06
CA LYS L 86 9.29 -31.32 2.56
C LYS L 86 10.17 -30.84 3.72
N ALA L 87 9.57 -30.17 4.71
CA ALA L 87 10.33 -29.69 5.84
C ALA L 87 10.87 -30.85 6.67
N LYS L 88 10.08 -31.91 6.84
CA LYS L 88 10.62 -33.09 7.53
C LYS L 88 11.77 -33.71 6.75
N ARG L 89 11.64 -33.79 5.42
CA ARG L 89 12.64 -34.49 4.62
C ARG L 89 13.96 -33.74 4.55
N ASP L 90 13.92 -32.41 4.58
CA ASP L 90 15.11 -31.58 4.39
C ASP L 90 15.54 -30.89 5.68
N GLU L 91 15.43 -31.58 6.81
CA GLU L 91 15.85 -30.99 8.08
C GLU L 91 17.37 -30.87 8.10
N PRO L 92 17.91 -29.71 8.49
CA PRO L 92 19.37 -29.57 8.56
C PRO L 92 19.98 -30.49 9.60
N LYS L 93 21.22 -30.92 9.33
CA LYS L 93 21.94 -31.80 10.25
C LYS L 93 22.39 -31.00 11.46
N TRP L 94 21.61 -31.09 12.54
CA TRP L 94 21.90 -30.32 13.73
C TRP L 94 23.11 -30.88 14.48
N GLY L 95 23.84 -30.00 15.15
CA GLY L 95 25.02 -30.39 15.90
C GLY L 95 25.78 -29.20 16.47
N MET M 1 2.81 -33.23 -20.61
CA MET M 1 2.64 -34.33 -21.56
C MET M 1 2.86 -35.66 -20.87
N LYS M 2 1.79 -36.44 -20.76
CA LYS M 2 1.83 -37.76 -20.11
C LYS M 2 2.35 -37.65 -18.68
N MET M 3 3.64 -37.88 -18.50
CA MET M 3 4.25 -37.80 -17.16
C MET M 3 4.19 -36.35 -16.68
N ALA M 4 3.86 -36.18 -15.40
CA ALA M 4 3.75 -34.87 -14.78
C ALA M 4 3.64 -35.08 -13.27
N SER M 5 3.34 -34.01 -12.55
CA SER M 5 3.11 -34.09 -11.12
C SER M 5 1.76 -34.74 -10.84
N THR M 6 1.55 -35.16 -9.58
CA THR M 6 0.28 -35.77 -9.20
C THR M 6 -0.86 -34.76 -9.32
N ARG M 7 -0.60 -33.50 -8.96
CA ARG M 7 -1.63 -32.47 -9.05
C ARG M 7 -2.12 -32.32 -10.48
N CYS M 8 -1.24 -32.48 -11.47
CA CYS M 8 -1.65 -32.32 -12.86
C CYS M 8 -2.63 -33.42 -13.27
N LYS M 9 -2.32 -34.67 -12.95
CA LYS M 9 -3.22 -35.76 -13.29
C LYS M 9 -4.53 -35.64 -12.54
N LEU M 10 -4.48 -35.25 -11.27
CA LEU M 10 -5.70 -35.07 -10.50
C LEU M 10 -6.56 -33.95 -11.10
N ALA M 11 -5.93 -32.85 -11.52
CA ALA M 11 -6.66 -31.76 -12.14
C ALA M 11 -7.29 -32.20 -13.45
N ARG M 12 -6.57 -33.00 -14.24
CA ARG M 12 -7.15 -33.52 -15.47
C ARG M 12 -8.37 -34.39 -15.18
N TYR M 13 -8.26 -35.28 -14.19
CA TYR M 13 -9.37 -36.15 -13.85
C TYR M 13 -10.58 -35.35 -13.37
N LEU M 14 -10.34 -34.32 -12.55
CA LEU M 14 -11.45 -33.48 -12.12
C LEU M 14 -12.03 -32.67 -13.26
N GLU M 15 -11.19 -32.29 -14.23
CA GLU M 15 -11.68 -31.59 -15.42
C GLU M 15 -12.56 -32.49 -16.27
N ASP M 16 -12.32 -33.80 -16.25
CA ASP M 16 -13.18 -34.72 -16.97
C ASP M 16 -14.61 -34.67 -16.45
N LEU M 17 -14.80 -34.48 -15.15
CA LEU M 17 -16.13 -34.47 -14.56
C LEU M 17 -16.96 -33.31 -15.09
N GLU M 18 -18.27 -33.53 -15.13
CA GLU M 18 -19.22 -32.52 -15.57
C GLU M 18 -19.48 -31.52 -14.45
N ASP M 19 -20.52 -30.68 -14.62
CA ASP M 19 -20.82 -29.67 -13.62
C ASP M 19 -21.55 -30.26 -12.42
N VAL M 20 -22.64 -30.99 -12.68
CA VAL M 20 -23.37 -31.61 -11.58
C VAL M 20 -22.53 -32.70 -10.92
N ASP M 21 -21.73 -33.42 -11.71
CA ASP M 21 -20.82 -34.39 -11.12
C ASP M 21 -19.77 -33.69 -10.27
N LEU M 22 -19.34 -32.50 -10.69
CA LEU M 22 -18.42 -31.73 -9.86
C LEU M 22 -19.07 -31.30 -8.55
N LYS M 23 -20.35 -30.92 -8.60
CA LYS M 23 -21.04 -30.55 -7.37
C LYS M 23 -21.15 -31.76 -6.43
N LYS M 24 -21.45 -32.93 -6.99
CA LYS M 24 -21.49 -34.14 -6.16
C LYS M 24 -20.11 -34.47 -5.60
N PHE M 25 -19.07 -34.27 -6.39
CA PHE M 25 -17.70 -34.50 -5.91
C PHE M 25 -17.38 -33.57 -4.75
N LYS M 26 -17.75 -32.30 -4.86
CA LYS M 26 -17.53 -31.36 -3.77
C LYS M 26 -18.32 -31.75 -2.53
N MET M 27 -19.57 -32.20 -2.73
CA MET M 27 -20.39 -32.63 -1.60
C MET M 27 -19.76 -33.81 -0.88
N HIS M 28 -19.22 -34.77 -1.64
CA HIS M 28 -18.53 -35.91 -1.02
C HIS M 28 -17.23 -35.48 -0.35
N LEU M 29 -16.53 -34.51 -0.93
CA LEU M 29 -15.29 -34.02 -0.33
C LEU M 29 -15.57 -33.37 1.03
N GLU M 30 -16.62 -32.56 1.11
CA GLU M 30 -16.93 -31.87 2.35
C GLU M 30 -17.40 -32.82 3.44
N ASP M 31 -17.83 -34.03 3.09
CA ASP M 31 -18.31 -35.02 4.04
C ASP M 31 -17.61 -36.36 3.87
N TYR M 32 -16.29 -36.33 3.72
CA TYR M 32 -15.55 -37.58 3.65
C TYR M 32 -15.66 -38.30 4.99
N PRO M 33 -15.80 -39.63 4.99
CA PRO M 33 -15.98 -40.36 6.25
C PRO M 33 -14.81 -40.12 7.19
N PRO M 34 -15.08 -39.97 8.49
CA PRO M 34 -13.99 -39.70 9.44
C PRO M 34 -12.93 -40.79 9.50
N GLN M 35 -13.29 -42.03 9.19
CA GLN M 35 -12.35 -43.13 9.22
C GLN M 35 -11.39 -43.03 8.03
N LYS M 36 -10.51 -44.02 7.89
CA LYS M 36 -9.48 -44.06 6.85
C LYS M 36 -8.48 -42.91 6.96
N GLY M 37 -8.49 -42.21 8.09
CA GLY M 37 -7.53 -41.16 8.37
C GLY M 37 -7.41 -40.08 7.32
N CYS M 38 -8.48 -39.31 7.12
CA CYS M 38 -8.47 -38.22 6.15
C CYS M 38 -9.15 -37.00 6.76
N ILE M 39 -8.77 -35.83 6.25
CA ILE M 39 -9.27 -34.55 6.74
C ILE M 39 -10.32 -34.05 5.75
N PRO M 40 -11.58 -33.91 6.14
CA PRO M 40 -12.59 -33.37 5.22
C PRO M 40 -12.27 -31.92 4.86
N LEU M 41 -12.57 -31.56 3.62
CA LEU M 41 -12.26 -30.22 3.17
C LEU M 41 -13.32 -29.24 3.65
N PRO M 42 -12.92 -28.03 4.04
CA PRO M 42 -13.91 -27.02 4.45
C PRO M 42 -14.73 -26.54 3.28
N ARG M 43 -15.95 -26.11 3.60
CA ARG M 43 -16.87 -25.63 2.56
C ARG M 43 -16.48 -24.25 2.04
N GLY M 44 -15.61 -23.55 2.77
CA GLY M 44 -15.26 -22.19 2.37
C GLY M 44 -14.57 -22.11 1.03
N GLN M 45 -13.59 -23.00 0.81
CA GLN M 45 -12.84 -22.95 -0.45
C GLN M 45 -13.44 -23.87 -1.50
N THR M 46 -14.14 -24.91 -1.09
CA THR M 46 -14.80 -25.81 -2.06
C THR M 46 -16.13 -25.24 -2.51
N GLU M 47 -16.13 -23.98 -2.92
CA GLU M 47 -17.29 -23.31 -3.46
C GLU M 47 -17.01 -22.63 -4.79
N LYS M 48 -15.79 -22.11 -4.99
CA LYS M 48 -15.41 -21.47 -6.23
C LYS M 48 -14.38 -22.25 -7.02
N ALA M 49 -13.68 -23.20 -6.39
CA ALA M 49 -12.69 -24.00 -7.09
C ALA M 49 -13.37 -24.87 -8.14
N ASP M 50 -13.04 -24.64 -9.41
CA ASP M 50 -13.73 -25.37 -10.48
C ASP M 50 -13.12 -26.75 -10.71
N HIS M 51 -11.89 -26.82 -11.22
CA HIS M 51 -11.21 -28.11 -11.32
C HIS M 51 -9.73 -28.07 -10.98
N VAL M 52 -9.05 -26.93 -11.07
CA VAL M 52 -7.65 -26.87 -10.73
C VAL M 52 -7.46 -26.62 -9.24
N ASP M 53 -8.08 -25.54 -8.74
CA ASP M 53 -7.95 -25.20 -7.32
C ASP M 53 -8.49 -26.31 -6.44
N LEU M 54 -9.48 -27.07 -6.93
CA LEU M 54 -9.99 -28.20 -6.16
C LEU M 54 -8.92 -29.27 -5.98
N ALA M 55 -8.19 -29.59 -7.06
CA ALA M 55 -7.10 -30.55 -6.95
C ALA M 55 -5.99 -30.03 -6.06
N THR M 56 -5.66 -28.74 -6.18
CA THR M 56 -4.66 -28.15 -5.30
C THR M 56 -5.08 -28.28 -3.84
N LEU M 57 -6.34 -28.00 -3.55
CA LEU M 57 -6.83 -28.08 -2.17
C LEU M 57 -6.79 -29.51 -1.66
N MET M 58 -7.22 -30.47 -2.47
CA MET M 58 -7.18 -31.87 -2.05
C MET M 58 -5.76 -32.30 -1.73
N ILE M 59 -4.82 -32.06 -2.64
CA ILE M 59 -3.43 -32.46 -2.42
C ILE M 59 -2.88 -31.74 -1.19
N ASP M 60 -3.11 -30.44 -1.09
CA ASP M 60 -2.58 -29.65 0.01
C ASP M 60 -3.10 -30.14 1.34
N PHE M 61 -4.38 -30.51 1.41
CA PHE M 61 -4.97 -30.92 2.66
C PHE M 61 -4.56 -32.33 3.07
N ASN M 62 -4.35 -33.23 2.09
CA ASN M 62 -4.28 -34.63 2.45
C ASN M 62 -2.98 -35.35 2.08
N GLY M 63 -2.08 -34.75 1.32
CA GLY M 63 -0.95 -35.48 0.78
C GLY M 63 -1.36 -36.24 -0.47
N GLU M 64 -0.36 -36.61 -1.26
CA GLU M 64 -0.63 -37.19 -2.57
C GLU M 64 -1.33 -38.54 -2.45
N GLU M 65 -0.84 -39.40 -1.56
CA GLU M 65 -1.43 -40.73 -1.40
C GLU M 65 -2.90 -40.64 -1.00
N LYS M 66 -3.18 -39.86 0.05
CA LYS M 66 -4.54 -39.76 0.55
C LYS M 66 -5.44 -39.07 -0.45
N ALA M 67 -4.93 -38.04 -1.14
CA ALA M 67 -5.74 -37.35 -2.14
C ALA M 67 -6.13 -38.28 -3.27
N TRP M 68 -5.18 -39.09 -3.76
CA TRP M 68 -5.52 -40.05 -4.80
C TRP M 68 -6.52 -41.09 -4.30
N ALA M 69 -6.35 -41.57 -3.07
CA ALA M 69 -7.27 -42.56 -2.53
C ALA M 69 -8.69 -42.00 -2.44
N MET M 70 -8.83 -40.77 -1.92
CA MET M 70 -10.15 -40.16 -1.83
C MET M 70 -10.72 -39.88 -3.20
N ALA M 71 -9.90 -39.46 -4.16
CA ALA M 71 -10.40 -39.23 -5.51
C ALA M 71 -10.96 -40.51 -6.11
N VAL M 72 -10.24 -41.61 -5.94
CA VAL M 72 -10.72 -42.90 -6.46
C VAL M 72 -12.02 -43.30 -5.77
N TRP M 73 -12.07 -43.17 -4.44
CA TRP M 73 -13.26 -43.57 -3.71
C TRP M 73 -14.47 -42.74 -4.09
N ILE M 74 -14.29 -41.43 -4.26
CA ILE M 74 -15.41 -40.58 -4.63
C ILE M 74 -15.85 -40.85 -6.07
N PHE M 75 -14.88 -41.08 -6.97
CA PHE M 75 -15.25 -41.46 -8.33
C PHE M 75 -16.10 -42.72 -8.33
N ALA M 76 -15.77 -43.68 -7.46
CA ALA M 76 -16.62 -44.85 -7.31
C ALA M 76 -17.98 -44.47 -6.73
N ALA M 77 -18.00 -43.53 -5.79
CA ALA M 77 -19.23 -43.20 -5.06
C ALA M 77 -20.20 -42.35 -5.88
N ILE M 78 -19.70 -41.50 -6.77
CA ILE M 78 -20.58 -40.60 -7.52
C ILE M 78 -21.02 -41.28 -8.81
N ASN M 79 -20.81 -42.60 -8.88
CA ASN M 79 -21.30 -43.43 -9.97
C ASN M 79 -20.65 -43.07 -11.30
N ARG M 80 -19.40 -42.60 -11.27
CA ARG M 80 -18.59 -42.43 -12.47
C ARG M 80 -17.62 -43.60 -12.53
N ARG M 81 -18.14 -44.76 -12.94
CA ARG M 81 -17.33 -45.98 -12.91
C ARG M 81 -16.18 -45.94 -13.91
N ASP M 82 -16.36 -45.27 -15.04
CA ASP M 82 -15.27 -45.18 -16.01
C ASP M 82 -14.07 -44.45 -15.44
N LEU M 83 -14.30 -43.32 -14.79
CA LEU M 83 -13.20 -42.58 -14.17
C LEU M 83 -12.58 -43.36 -13.03
N TYR M 84 -13.40 -44.08 -12.26
CA TYR M 84 -12.87 -44.90 -11.19
C TYR M 84 -11.94 -45.98 -11.72
N GLU M 85 -12.35 -46.65 -12.79
CA GLU M 85 -11.51 -47.70 -13.39
C GLU M 85 -10.24 -47.11 -13.97
N LYS M 86 -10.34 -45.96 -14.65
CA LYS M 86 -9.15 -45.34 -15.21
C LYS M 86 -8.17 -44.92 -14.12
N ALA M 87 -8.68 -44.35 -13.02
CA ALA M 87 -7.81 -43.96 -11.92
C ALA M 87 -7.17 -45.17 -11.26
N LYS M 88 -7.92 -46.27 -11.12
CA LYS M 88 -7.34 -47.49 -10.57
C LYS M 88 -6.25 -48.04 -11.47
N ARG M 89 -6.45 -47.97 -12.79
CA ARG M 89 -5.47 -48.50 -13.73
C ARG M 89 -4.25 -47.61 -13.84
N ASP M 90 -4.41 -46.29 -13.68
CA ASP M 90 -3.35 -45.32 -13.89
C ASP M 90 -2.84 -44.74 -12.58
N GLU M 91 -2.74 -45.57 -11.54
CA GLU M 91 -2.23 -45.10 -10.26
C GLU M 91 -0.74 -44.77 -10.39
N PRO M 92 -0.32 -43.57 -9.99
CA PRO M 92 1.10 -43.22 -10.11
C PRO M 92 1.97 -44.11 -9.23
N LYS M 93 3.17 -44.38 -9.71
CA LYS M 93 4.13 -45.23 -9.00
C LYS M 93 4.70 -44.45 -7.83
N TRP M 94 4.21 -44.74 -6.63
CA TRP M 94 4.69 -44.04 -5.43
C TRP M 94 6.06 -44.55 -5.04
N GLY M 95 6.84 -43.70 -4.38
CA GLY M 95 8.17 -44.06 -3.95
C GLY M 95 8.86 -42.97 -3.15
N MET N 1 41.43 -7.91 15.17
CA MET N 1 41.15 -9.13 14.44
C MET N 1 41.22 -10.34 15.37
N LYS N 2 40.04 -10.91 15.66
CA LYS N 2 39.93 -12.07 16.54
C LYS N 2 40.53 -11.78 17.91
N MET N 3 41.79 -12.15 18.10
CA MET N 3 42.50 -11.85 19.34
C MET N 3 42.59 -10.33 19.51
N ALA N 4 41.86 -9.80 20.47
CA ALA N 4 41.81 -8.36 20.72
C ALA N 4 41.31 -8.16 22.14
N SER N 5 41.02 -6.91 22.49
CA SER N 5 40.52 -6.57 23.81
C SER N 5 39.05 -6.94 23.95
N THR N 6 38.57 -6.95 25.19
CA THR N 6 37.16 -7.23 25.44
C THR N 6 36.26 -6.15 24.85
N ARG N 7 36.70 -4.89 24.92
CA ARG N 7 35.87 -3.80 24.41
C ARG N 7 35.63 -3.95 22.92
N CYS N 8 36.61 -4.46 22.17
CA CYS N 8 36.46 -4.60 20.74
C CYS N 8 35.37 -5.62 20.39
N LYS N 9 35.44 -6.80 21.01
CA LYS N 9 34.43 -7.83 20.76
C LYS N 9 33.05 -7.37 21.23
N LEU N 10 33.00 -6.69 22.37
CA LEU N 10 31.73 -6.17 22.87
C LEU N 10 31.14 -5.15 21.90
N ALA N 11 31.98 -4.27 21.35
CA ALA N 11 31.51 -3.30 20.37
C ALA N 11 31.03 -3.98 19.11
N ARG N 12 31.72 -5.04 18.66
CA ARG N 12 31.25 -5.79 17.50
C ARG N 12 29.86 -6.39 17.77
N TYR N 13 29.68 -6.99 18.94
CA TYR N 13 28.40 -7.61 19.27
C TYR N 13 27.30 -6.57 19.33
N LEU N 14 27.58 -5.39 19.90
CA LEU N 14 26.60 -4.31 19.90
C LEU N 14 26.30 -3.82 18.49
N GLU N 15 27.33 -3.79 17.63
CA GLU N 15 27.12 -3.39 16.24
C GLU N 15 26.23 -4.38 15.51
N ASP N 16 26.26 -5.65 15.91
CA ASP N 16 25.39 -6.65 15.28
C ASP N 16 23.91 -6.32 15.50
N LEU N 17 23.57 -5.53 16.52
CA LEU N 17 22.18 -5.20 16.80
C LEU N 17 21.66 -4.17 15.80
N GLU N 18 20.34 -4.21 15.58
CA GLU N 18 19.67 -3.22 14.75
C GLU N 18 19.40 -1.95 15.56
N ASP N 19 18.56 -1.07 15.01
CA ASP N 19 18.28 0.20 15.67
C ASP N 19 17.31 0.02 16.84
N VAL N 20 16.14 -0.55 16.58
CA VAL N 20 15.17 -0.76 17.66
C VAL N 20 15.71 -1.76 18.67
N ASP N 21 16.47 -2.76 18.22
CA ASP N 21 17.14 -3.65 19.16
C ASP N 21 18.14 -2.89 20.01
N LEU N 22 18.82 -1.91 19.43
CA LEU N 22 19.73 -1.07 20.20
C LEU N 22 18.95 -0.26 21.24
N LYS N 23 17.78 0.24 20.88
CA LYS N 23 16.97 0.97 21.85
C LYS N 23 16.53 0.08 23.01
N LYS N 24 16.15 -1.17 22.70
CA LYS N 24 15.82 -2.11 23.77
C LYS N 24 17.04 -2.40 24.63
N PHE N 25 18.21 -2.52 24.01
CA PHE N 25 19.44 -2.75 24.76
C PHE N 25 19.72 -1.60 25.71
N LYS N 26 19.53 -0.36 25.24
CA LYS N 26 19.72 0.80 26.11
C LYS N 26 18.70 0.82 27.24
N MET N 27 17.44 0.46 26.93
CA MET N 27 16.44 0.34 27.99
C MET N 27 16.88 -0.63 29.07
N HIS N 28 17.36 -1.81 28.67
CA HIS N 28 17.74 -2.81 29.66
C HIS N 28 19.01 -2.41 30.40
N LEU N 29 19.92 -1.68 29.75
CA LEU N 29 21.09 -1.16 30.43
C LEU N 29 20.70 -0.14 31.49
N GLU N 30 19.74 0.74 31.16
CA GLU N 30 19.38 1.82 32.08
C GLU N 30 18.64 1.31 33.31
N ASP N 31 18.00 0.15 33.23
CA ASP N 31 17.25 -0.42 34.35
C ASP N 31 17.65 -1.87 34.60
N TYR N 32 18.95 -2.13 34.66
CA TYR N 32 19.42 -3.45 35.03
C TYR N 32 18.97 -3.78 36.45
N PRO N 33 18.59 -5.02 36.72
CA PRO N 33 18.06 -5.38 38.05
C PRO N 33 19.06 -5.05 39.15
N PRO N 34 18.58 -4.57 40.30
CA PRO N 34 19.51 -4.22 41.39
C PRO N 34 20.33 -5.39 41.89
N GLN N 35 19.82 -6.62 41.77
CA GLN N 35 20.54 -7.79 42.22
C GLN N 35 21.69 -8.09 41.27
N LYS N 36 22.42 -9.18 41.53
CA LYS N 36 23.58 -9.61 40.76
C LYS N 36 24.73 -8.62 40.82
N GLY N 37 24.64 -7.62 41.70
CA GLY N 37 25.74 -6.70 41.95
C GLY N 37 26.21 -5.90 40.75
N CYS N 38 25.28 -5.30 40.01
CA CYS N 38 25.63 -4.54 38.82
C CYS N 38 25.15 -3.11 38.99
N ILE N 39 25.82 -2.19 38.29
CA ILE N 39 25.55 -0.76 38.37
C ILE N 39 24.82 -0.33 37.10
N PRO N 40 23.58 0.14 37.19
CA PRO N 40 22.89 0.60 35.98
C PRO N 40 23.54 1.85 35.41
N LEU N 41 23.44 1.99 34.10
CA LEU N 41 24.01 3.13 33.37
C LEU N 41 23.04 4.30 33.37
N PRO N 42 23.53 5.51 33.66
CA PRO N 42 22.65 6.68 33.62
C PRO N 42 22.17 6.96 32.20
N ARG N 43 20.96 7.53 32.11
CA ARG N 43 20.35 7.78 30.82
C ARG N 43 21.04 8.92 30.08
N GLY N 44 21.89 9.68 30.76
CA GLY N 44 22.53 10.82 30.12
C GLY N 44 23.47 10.41 29.01
N GLN N 45 24.33 9.42 29.27
CA GLN N 45 25.30 9.02 28.26
C GLN N 45 24.74 8.00 27.28
N THR N 46 23.81 7.14 27.74
CA THR N 46 23.19 6.16 26.86
C THR N 46 22.05 6.77 26.06
N GLU N 47 22.34 7.88 25.40
CA GLU N 47 21.39 8.55 24.53
C GLU N 47 21.94 8.83 23.15
N LYS N 48 23.23 9.16 23.05
CA LYS N 48 23.88 9.38 21.76
C LYS N 48 24.86 8.27 21.39
N ALA N 49 25.27 7.44 22.34
CA ALA N 49 26.21 6.37 22.06
C ALA N 49 25.56 5.31 21.19
N ASP N 50 26.13 5.09 20.01
CA ASP N 50 25.53 4.13 19.07
C ASP N 50 25.94 2.69 19.38
N HIS N 51 27.22 2.36 19.16
CA HIS N 51 27.71 1.05 19.54
C HIS N 51 29.10 1.04 20.15
N VAL N 52 29.94 2.03 19.90
CA VAL N 52 31.29 2.03 20.47
C VAL N 52 31.28 2.69 21.84
N ASP N 53 30.76 3.92 21.92
CA ASP N 53 30.74 4.63 23.19
C ASP N 53 29.89 3.88 24.21
N LEU N 54 28.85 3.18 23.76
CA LEU N 54 28.05 2.37 24.68
C LEU N 54 28.88 1.26 25.31
N ALA N 55 29.67 0.57 24.49
CA ALA N 55 30.53 -0.49 25.03
C ALA N 55 31.59 0.08 25.97
N THR N 56 32.18 1.22 25.59
CA THR N 56 33.18 1.84 26.47
C THR N 56 32.58 2.22 27.81
N LEU N 57 31.37 2.80 27.78
CA LEU N 57 30.69 3.17 29.02
C LEU N 57 30.37 1.95 29.86
N MET N 58 29.89 0.88 29.22
CA MET N 58 29.61 -0.37 29.93
C MET N 58 30.85 -0.87 30.65
N ILE N 59 31.97 -0.94 29.93
CA ILE N 59 33.20 -1.44 30.53
C ILE N 59 33.65 -0.53 31.67
N ASP N 60 33.69 0.78 31.42
CA ASP N 60 34.18 1.72 32.43
C ASP N 60 33.33 1.66 33.69
N PHE N 61 32.02 1.44 33.54
CA PHE N 61 31.16 1.36 34.73
C PHE N 61 31.33 0.04 35.47
N ASN N 62 31.42 -1.08 34.74
CA ASN N 62 31.16 -2.37 35.38
C ASN N 62 32.33 -3.32 35.45
N GLY N 63 33.43 -3.08 34.74
CA GLY N 63 34.47 -4.07 34.60
C GLY N 63 34.12 -5.10 33.54
N GLU N 64 35.15 -5.81 33.08
CA GLU N 64 34.97 -6.73 31.95
C GLU N 64 34.03 -7.87 32.30
N GLU N 65 34.19 -8.45 33.49
CA GLU N 65 33.34 -9.57 33.90
C GLU N 65 31.87 -9.17 33.89
N LYS N 66 31.53 -8.10 34.60
CA LYS N 66 30.15 -7.69 34.72
C LYS N 66 29.62 -7.19 33.39
N ALA N 67 30.46 -6.55 32.58
CA ALA N 67 30.01 -6.07 31.28
C ALA N 67 29.63 -7.23 30.38
N TRP N 68 30.44 -8.28 30.35
CA TRP N 68 30.11 -9.44 29.52
C TRP N 68 28.87 -10.15 30.05
N ALA N 69 28.75 -10.28 31.37
CA ALA N 69 27.57 -10.92 31.94
C ALA N 69 26.30 -10.15 31.59
N MET N 70 26.36 -8.82 31.72
CA MET N 70 25.21 -7.98 31.38
C MET N 70 24.88 -8.07 29.89
N ALA N 71 25.91 -8.08 29.03
CA ALA N 71 25.67 -8.19 27.61
C ALA N 71 24.96 -9.50 27.28
N VAL N 72 25.44 -10.61 27.86
CA VAL N 72 24.81 -11.91 27.60
C VAL N 72 23.36 -11.91 28.09
N TRP N 73 23.15 -11.43 29.32
CA TRP N 73 21.81 -11.46 29.90
C TRP N 73 20.84 -10.59 29.09
N ILE N 74 21.29 -9.41 28.65
CA ILE N 74 20.41 -8.52 27.91
C ILE N 74 20.14 -9.08 26.51
N PHE N 75 21.16 -9.66 25.88
CA PHE N 75 20.93 -10.32 24.59
C PHE N 75 19.89 -11.42 24.72
N ALA N 76 19.90 -12.14 25.84
CA ALA N 76 18.82 -13.07 26.11
C ALA N 76 17.49 -12.33 26.30
N ALA N 77 17.53 -11.18 26.96
CA ALA N 77 16.30 -10.49 27.37
C ALA N 77 15.61 -9.77 26.21
N ILE N 78 16.38 -9.25 25.25
CA ILE N 78 15.80 -8.47 24.16
C ILE N 78 15.44 -9.42 23.02
N ASN N 79 15.42 -10.72 23.31
CA ASN N 79 15.02 -11.76 22.37
C ASN N 79 15.99 -11.90 21.21
N ARG N 80 17.28 -11.66 21.47
CA ARG N 80 18.33 -11.92 20.50
C ARG N 80 18.98 -13.26 20.86
N ARG N 81 18.27 -14.34 20.54
CA ARG N 81 18.74 -15.67 20.94
C ARG N 81 20.00 -16.07 20.21
N ASP N 82 20.11 -15.76 18.91
CA ASP N 82 21.31 -16.12 18.16
C ASP N 82 22.55 -15.41 18.71
N LEU N 83 22.43 -14.10 18.99
CA LEU N 83 23.54 -13.37 19.57
C LEU N 83 23.84 -13.88 20.97
N TYR N 84 22.82 -14.28 21.72
CA TYR N 84 23.02 -14.83 23.05
C TYR N 84 23.85 -16.12 22.98
N GLU N 85 23.49 -17.00 22.06
CA GLU N 85 24.24 -18.24 21.90
C GLU N 85 25.67 -17.97 21.42
N LYS N 86 25.84 -17.02 20.50
CA LYS N 86 27.18 -16.68 20.05
C LYS N 86 28.03 -16.12 21.20
N ALA N 87 27.43 -15.28 22.04
CA ALA N 87 28.17 -14.72 23.17
C ALA N 87 28.55 -15.81 24.16
N LYS N 88 27.65 -16.76 24.43
CA LYS N 88 28.00 -17.86 25.31
C LYS N 88 29.12 -18.71 24.74
N ARG N 89 29.06 -19.00 23.43
CA ARG N 89 30.06 -19.87 22.83
C ARG N 89 31.44 -19.23 22.78
N ASP N 90 31.50 -17.91 22.61
CA ASP N 90 32.76 -17.19 22.45
C ASP N 90 33.07 -16.33 23.68
N GLU N 91 32.77 -16.85 24.86
CA GLU N 91 33.12 -16.14 26.09
C GLU N 91 34.62 -16.14 26.26
N PRO N 92 35.26 -14.98 26.44
CA PRO N 92 36.71 -14.94 26.57
C PRO N 92 37.19 -15.60 27.85
N LYS N 93 38.40 -16.14 27.80
CA LYS N 93 38.98 -16.90 28.90
C LYS N 93 39.45 -15.95 30.00
N TRP N 94 38.60 -15.74 31.01
CA TRP N 94 38.96 -14.89 32.13
C TRP N 94 40.03 -15.55 32.99
N GLY N 95 40.91 -14.73 33.55
CA GLY N 95 41.97 -15.23 34.41
C GLY N 95 43.36 -14.90 33.88
N MET O 1 -13.47 3.13 27.49
CA MET O 1 -14.68 2.40 27.88
C MET O 1 -15.76 3.39 28.31
N LYS O 2 -16.84 3.45 27.53
CA LYS O 2 -17.97 4.34 27.79
C LYS O 2 -17.50 5.79 27.89
N MET O 3 -17.27 6.26 29.11
CA MET O 3 -16.78 7.62 29.33
C MET O 3 -15.36 7.74 28.79
N ALA O 4 -15.14 8.74 27.94
CA ALA O 4 -13.83 9.00 27.36
C ALA O 4 -13.84 10.42 26.80
N SER O 5 -12.79 10.78 26.07
CA SER O 5 -12.71 12.09 25.45
C SER O 5 -13.59 12.15 24.20
N THR O 6 -13.81 13.37 23.70
CA THR O 6 -14.65 13.54 22.52
C THR O 6 -14.00 12.92 21.29
N ARG O 7 -12.69 13.05 21.16
CA ARG O 7 -12.01 12.49 19.98
C ARG O 7 -12.17 10.99 19.92
N CYS O 8 -12.25 10.33 21.08
CA CYS O 8 -12.40 8.88 21.10
C CYS O 8 -13.75 8.46 20.53
N LYS O 9 -14.83 9.13 20.97
CA LYS O 9 -16.15 8.82 20.44
C LYS O 9 -16.26 9.15 18.96
N LEU O 10 -15.67 10.28 18.56
CA LEU O 10 -15.68 10.63 17.14
C LEU O 10 -14.93 9.61 16.31
N ALA O 11 -13.78 9.14 16.81
CA ALA O 11 -13.03 8.11 16.11
C ALA O 11 -13.80 6.80 16.04
N ARG O 12 -14.54 6.47 17.09
CA ARG O 12 -15.38 5.28 17.05
C ARG O 12 -16.42 5.39 15.94
N TYR O 13 -17.14 6.52 15.90
CA TYR O 13 -18.17 6.68 14.88
C TYR O 13 -17.58 6.68 13.47
N LEU O 14 -16.42 7.31 13.28
CA LEU O 14 -15.77 7.26 11.98
C LEU O 14 -15.33 5.85 11.62
N GLU O 15 -14.82 5.09 12.59
CA GLU O 15 -14.43 3.71 12.35
C GLU O 15 -15.62 2.85 11.98
N ASP O 16 -16.82 3.22 12.44
CA ASP O 16 -18.02 2.49 12.05
C ASP O 16 -18.27 2.58 10.55
N LEU O 17 -17.83 3.65 9.90
CA LEU O 17 -18.08 3.84 8.48
C LEU O 17 -17.30 2.81 7.65
N GLU O 18 -17.85 2.49 6.47
CA GLU O 18 -17.21 1.60 5.52
C GLU O 18 -16.12 2.34 4.74
N ASP O 19 -15.65 1.71 3.67
CA ASP O 19 -14.60 2.33 2.86
C ASP O 19 -15.15 3.41 1.95
N VAL O 20 -16.14 3.07 1.12
CA VAL O 20 -16.74 4.06 0.24
C VAL O 20 -17.46 5.12 1.06
N ASP O 21 -18.07 4.73 2.18
CA ASP O 21 -18.67 5.72 3.07
C ASP O 21 -17.62 6.64 3.65
N LEU O 22 -16.43 6.11 3.95
CA LEU O 22 -15.34 6.96 4.40
C LEU O 22 -14.90 7.94 3.32
N LYS O 23 -14.84 7.48 2.06
CA LYS O 23 -14.50 8.38 0.97
C LYS O 23 -15.54 9.49 0.83
N LYS O 24 -16.82 9.13 0.95
CA LYS O 24 -17.87 10.14 0.90
C LYS O 24 -17.76 11.12 2.07
N PHE O 25 -17.43 10.62 3.25
CA PHE O 25 -17.26 11.48 4.42
C PHE O 25 -16.12 12.46 4.20
N LYS O 26 -14.99 11.97 3.67
CA LYS O 26 -13.87 12.86 3.38
C LYS O 26 -14.23 13.89 2.33
N MET O 27 -14.97 13.48 1.28
CA MET O 27 -15.38 14.41 0.25
C MET O 27 -16.27 15.50 0.83
N HIS O 28 -17.20 15.14 1.70
CA HIS O 28 -18.06 16.14 2.33
C HIS O 28 -17.27 17.03 3.28
N LEU O 29 -16.24 16.48 3.92
CA LEU O 29 -15.39 17.29 4.79
C LEU O 29 -14.65 18.35 4.00
N GLU O 30 -14.05 17.95 2.88
CA GLU O 30 -13.23 18.87 2.09
C GLU O 30 -14.06 19.99 1.47
N ASP O 31 -15.35 19.76 1.22
CA ASP O 31 -16.24 20.76 0.64
C ASP O 31 -17.42 21.04 1.55
N TYR O 32 -17.16 21.24 2.84
CA TYR O 32 -18.23 21.63 3.75
C TYR O 32 -18.80 22.97 3.33
N PRO O 33 -20.10 23.18 3.46
CA PRO O 33 -20.71 24.44 3.03
C PRO O 33 -20.09 25.63 3.73
N PRO O 34 -19.88 26.73 3.02
CA PRO O 34 -19.25 27.90 3.65
C PRO O 34 -20.03 28.46 4.82
N GLN O 35 -21.34 28.25 4.85
CA GLN O 35 -22.18 28.79 5.93
C GLN O 35 -21.97 27.95 7.19
N LYS O 36 -22.76 28.25 8.23
CA LYS O 36 -22.70 27.59 9.52
C LYS O 36 -21.37 27.80 10.24
N GLY O 37 -20.55 28.71 9.74
CA GLY O 37 -19.29 29.05 10.37
C GLY O 37 -18.36 27.88 10.63
N CYS O 38 -17.92 27.20 9.57
CA CYS O 38 -17.04 26.05 9.70
C CYS O 38 -15.90 26.18 8.70
N ILE O 39 -14.78 25.58 9.03
CA ILE O 39 -13.57 25.62 8.21
C ILE O 39 -13.42 24.28 7.50
N PRO O 40 -13.52 24.23 6.17
CA PRO O 40 -13.33 22.95 5.47
C PRO O 40 -11.90 22.45 5.62
N LEU O 41 -11.78 21.13 5.66
CA LEU O 41 -10.47 20.51 5.80
C LEU O 41 -9.76 20.44 4.45
N PRO O 42 -8.46 20.76 4.40
CA PRO O 42 -7.74 20.68 3.13
C PRO O 42 -7.62 19.24 2.65
N ARG O 43 -7.59 19.10 1.33
CA ARG O 43 -7.53 17.78 0.71
C ARG O 43 -6.18 17.11 0.95
N GLY O 44 -5.16 17.89 1.34
CA GLY O 44 -3.84 17.32 1.51
C GLY O 44 -3.75 16.33 2.66
N GLN O 45 -4.39 16.65 3.78
CA GLN O 45 -4.29 15.78 4.95
C GLN O 45 -5.39 14.73 4.97
N THR O 46 -6.56 15.04 4.42
CA THR O 46 -7.64 14.07 4.32
C THR O 46 -7.47 13.18 3.10
N GLU O 47 -6.28 12.58 2.97
CA GLU O 47 -5.95 11.68 1.88
C GLU O 47 -5.39 10.36 2.36
N LYS O 48 -4.70 10.37 3.52
CA LYS O 48 -4.18 9.14 4.11
C LYS O 48 -4.78 8.84 5.48
N ALA O 49 -5.45 9.81 6.09
CA ALA O 49 -6.08 9.59 7.39
C ALA O 49 -7.21 8.58 7.27
N ASP O 50 -7.09 7.46 7.98
CA ASP O 50 -8.09 6.41 7.84
C ASP O 50 -9.33 6.65 8.71
N HIS O 51 -9.18 6.55 10.03
CA HIS O 51 -10.30 6.89 10.91
C HIS O 51 -9.91 7.64 12.18
N VAL O 52 -8.67 7.54 12.66
CA VAL O 52 -8.28 8.25 13.87
C VAL O 52 -7.70 9.61 13.53
N ASP O 53 -6.78 9.65 12.58
CA ASP O 53 -6.22 10.93 12.16
C ASP O 53 -7.29 11.84 11.59
N LEU O 54 -8.30 11.29 10.92
CA LEU O 54 -9.40 12.11 10.41
C LEU O 54 -10.16 12.76 11.56
N ALA O 55 -10.47 12.00 12.60
CA ALA O 55 -11.20 12.56 13.73
C ALA O 55 -10.38 13.61 14.46
N THR O 56 -9.10 13.33 14.71
CA THR O 56 -8.26 14.31 15.37
C THR O 56 -8.10 15.56 14.52
N LEU O 57 -8.05 15.40 13.19
CA LEU O 57 -8.00 16.55 12.30
C LEU O 57 -9.26 17.40 12.38
N MET O 58 -10.44 16.75 12.39
CA MET O 58 -11.69 17.49 12.51
C MET O 58 -11.72 18.28 13.82
N ILE O 59 -11.39 17.62 14.92
CA ILE O 59 -11.40 18.30 16.22
C ILE O 59 -10.40 19.45 16.21
N ASP O 60 -9.18 19.20 15.75
CA ASP O 60 -8.13 20.21 15.76
C ASP O 60 -8.54 21.42 14.93
N PHE O 61 -9.16 21.19 13.78
CA PHE O 61 -9.51 22.28 12.89
C PHE O 61 -10.68 23.10 13.40
N ASN O 62 -11.70 22.45 13.98
CA ASN O 62 -12.95 23.16 14.22
C ASN O 62 -13.43 23.21 15.67
N GLY O 63 -12.67 22.70 16.64
CA GLY O 63 -13.19 22.63 17.99
C GLY O 63 -14.19 21.50 18.13
N GLU O 64 -14.39 21.08 19.38
CA GLU O 64 -15.23 19.91 19.65
C GLU O 64 -16.67 20.14 19.23
N GLU O 65 -17.21 21.33 19.52
CA GLU O 65 -18.60 21.64 19.21
C GLU O 65 -18.86 21.50 17.72
N LYS O 66 -18.07 22.21 16.92
CA LYS O 66 -18.28 22.21 15.48
C LYS O 66 -17.92 20.86 14.87
N ALA O 67 -16.95 20.16 15.44
CA ALA O 67 -16.62 18.83 14.93
C ALA O 67 -17.78 17.88 15.11
N TRP O 68 -18.41 17.89 16.29
CA TRP O 68 -19.57 17.03 16.49
C TRP O 68 -20.74 17.43 15.59
N ALA O 69 -20.99 18.74 15.46
CA ALA O 69 -22.09 19.18 14.60
C ALA O 69 -21.85 18.75 13.15
N MET O 70 -20.63 18.94 12.65
CA MET O 70 -20.32 18.55 11.28
C MET O 70 -20.40 17.04 11.11
N ALA O 71 -19.95 16.27 12.10
CA ALA O 71 -20.03 14.83 12.00
C ALA O 71 -21.48 14.38 11.89
N VAL O 72 -22.36 14.95 12.71
CA VAL O 72 -23.78 14.59 12.66
C VAL O 72 -24.36 14.96 11.30
N TRP O 73 -24.08 16.18 10.83
CA TRP O 73 -24.66 16.65 9.57
C TRP O 73 -24.18 15.80 8.40
N ILE O 74 -22.89 15.46 8.37
CA ILE O 74 -22.36 14.68 7.26
C ILE O 74 -22.87 13.24 7.32
N PHE O 75 -22.98 12.67 8.52
CA PHE O 75 -23.58 11.35 8.66
C PHE O 75 -24.99 11.35 8.10
N ALA O 76 -25.73 12.43 8.32
CA ALA O 76 -27.03 12.56 7.67
C ALA O 76 -26.89 12.68 6.16
N ALA O 77 -25.88 13.42 5.69
CA ALA O 77 -25.77 13.73 4.27
C ALA O 77 -25.25 12.57 3.44
N ILE O 78 -24.44 11.69 4.01
CA ILE O 78 -23.88 10.56 3.27
C ILE O 78 -24.83 9.38 3.40
N ASN O 79 -26.05 9.64 3.87
CA ASN O 79 -27.12 8.66 3.97
C ASN O 79 -26.79 7.56 4.97
N ARG O 80 -26.10 7.90 6.06
CA ARG O 80 -25.88 6.99 7.18
C ARG O 80 -26.86 7.36 8.28
N ARG O 81 -28.12 6.94 8.11
CA ARG O 81 -29.16 7.34 9.05
C ARG O 81 -28.97 6.71 10.43
N ASP O 82 -28.52 5.45 10.48
CA ASP O 82 -28.29 4.82 11.78
C ASP O 82 -27.22 5.55 12.58
N LEU O 83 -26.09 5.86 11.94
CA LEU O 83 -25.05 6.61 12.61
C LEU O 83 -25.53 8.02 12.96
N TYR O 84 -26.36 8.61 12.11
CA TYR O 84 -26.89 9.94 12.37
C TYR O 84 -27.73 9.97 13.64
N GLU O 85 -28.67 9.02 13.76
CA GLU O 85 -29.51 8.98 14.95
C GLU O 85 -28.70 8.59 16.18
N LYS O 86 -27.72 7.69 16.03
CA LYS O 86 -26.87 7.34 17.16
C LYS O 86 -26.07 8.54 17.66
N ALA O 87 -25.54 9.34 16.73
CA ALA O 87 -24.79 10.53 17.12
C ALA O 87 -25.70 11.56 17.77
N LYS O 88 -26.94 11.68 17.29
CA LYS O 88 -27.88 12.60 17.95
C LYS O 88 -28.18 12.15 19.37
N ARG O 89 -28.37 10.84 19.57
CA ARG O 89 -28.77 10.35 20.89
C ARG O 89 -27.63 10.45 21.91
N ASP O 90 -26.38 10.30 21.46
CA ASP O 90 -25.23 10.24 22.36
C ASP O 90 -24.38 11.50 22.28
N GLU O 91 -25.03 12.65 22.14
CA GLU O 91 -24.29 13.91 22.10
C GLU O 91 -23.70 14.21 23.47
N PRO O 92 -22.42 14.58 23.55
CA PRO O 92 -21.83 14.91 24.86
C PRO O 92 -22.49 16.14 25.48
N LYS O 93 -22.54 16.16 26.80
CA LYS O 93 -23.12 17.27 27.54
C LYS O 93 -22.17 18.45 27.47
N TRP O 94 -22.43 19.36 26.53
CA TRP O 94 -21.54 20.50 26.33
C TRP O 94 -21.67 21.49 27.48
N GLY O 95 -20.56 22.14 27.80
CA GLY O 95 -20.53 23.11 28.88
C GLY O 95 -19.13 23.64 29.17
N MET P 1 -31.91 -16.09 16.11
CA MET P 1 -33.00 -16.96 16.52
C MET P 1 -34.15 -16.12 17.06
N LYS P 2 -35.25 -16.09 16.32
CA LYS P 2 -36.45 -15.33 16.70
C LYS P 2 -36.11 -13.86 16.93
N MET P 3 -35.86 -13.49 18.19
CA MET P 3 -35.49 -12.11 18.50
C MET P 3 -34.12 -11.82 17.89
N ALA P 4 -33.99 -10.65 17.28
CA ALA P 4 -32.76 -10.22 16.63
C ALA P 4 -32.91 -8.73 16.30
N SER P 5 -31.95 -8.21 15.54
CA SER P 5 -32.04 -6.84 15.05
C SER P 5 -33.06 -6.75 13.91
N THR P 6 -33.45 -5.51 13.59
CA THR P 6 -34.40 -5.31 12.51
C THR P 6 -33.80 -5.74 11.17
N ARG P 7 -32.51 -5.46 10.96
CA ARG P 7 -31.88 -5.82 9.69
C ARG P 7 -31.91 -7.33 9.46
N CYS P 8 -31.83 -8.12 10.54
CA CYS P 8 -31.86 -9.57 10.39
C CYS P 8 -33.21 -10.04 9.87
N LYS P 9 -34.30 -9.55 10.47
CA LYS P 9 -35.63 -9.93 10.00
C LYS P 9 -35.87 -9.43 8.59
N LEU P 10 -35.42 -8.22 8.29
CA LEU P 10 -35.59 -7.69 6.94
C LEU P 10 -34.82 -8.52 5.92
N ALA P 11 -33.61 -8.94 6.27
CA ALA P 11 -32.82 -9.78 5.37
C ALA P 11 -33.48 -11.14 5.18
N ARG P 12 -34.07 -11.70 6.24
CA ARG P 12 -34.80 -12.96 6.10
C ARG P 12 -35.97 -12.80 5.14
N TYR P 13 -36.73 -11.71 5.30
CA TYR P 13 -37.89 -11.48 4.42
C TYR P 13 -37.46 -11.29 2.98
N LEU P 14 -36.37 -10.57 2.74
CA LEU P 14 -35.87 -10.41 1.38
C LEU P 14 -35.33 -11.72 0.82
N GLU P 15 -34.76 -12.56 1.68
CA GLU P 15 -34.29 -13.87 1.26
C GLU P 15 -35.45 -14.78 0.86
N ASP P 16 -36.62 -14.57 1.46
CA ASP P 16 -37.80 -15.32 1.06
C ASP P 16 -38.16 -15.06 -0.39
N LEU P 17 -37.97 -13.84 -0.88
CA LEU P 17 -38.34 -13.49 -2.26
C LEU P 17 -37.53 -14.30 -3.28
N GLU P 18 -38.15 -14.54 -4.43
CA GLU P 18 -37.51 -15.24 -5.53
C GLU P 18 -36.59 -14.30 -6.29
N ASP P 19 -36.14 -14.74 -7.47
CA ASP P 19 -35.21 -13.93 -8.26
C ASP P 19 -35.94 -12.83 -9.01
N VAL P 20 -36.97 -13.19 -9.79
CA VAL P 20 -37.73 -12.18 -10.50
C VAL P 20 -38.48 -11.28 -9.53
N ASP P 21 -38.96 -11.84 -8.42
CA ASP P 21 -39.57 -11.00 -7.39
C ASP P 21 -38.55 -10.06 -6.78
N LEU P 22 -37.30 -10.51 -6.64
CA LEU P 22 -36.25 -9.62 -6.17
C LEU P 22 -35.99 -8.49 -7.17
N LYS P 23 -36.02 -8.80 -8.47
CA LYS P 23 -35.85 -7.76 -9.48
C LYS P 23 -36.97 -6.73 -9.40
N LYS P 24 -38.21 -7.20 -9.23
CA LYS P 24 -39.33 -6.28 -9.08
C LYS P 24 -39.21 -5.45 -7.80
N PHE P 25 -38.72 -6.08 -6.72
CA PHE P 25 -38.49 -5.35 -5.48
C PHE P 25 -37.46 -4.25 -5.67
N LYS P 26 -36.36 -4.56 -6.37
CA LYS P 26 -35.35 -3.55 -6.64
C LYS P 26 -35.90 -2.43 -7.51
N MET P 27 -36.72 -2.78 -8.50
CA MET P 27 -37.32 -1.76 -9.35
C MET P 27 -38.23 -0.84 -8.56
N HIS P 28 -39.02 -1.40 -7.65
CA HIS P 28 -39.88 -0.56 -6.81
C HIS P 28 -39.06 0.27 -5.83
N LEU P 29 -37.95 -0.26 -5.34
CA LEU P 29 -37.07 0.51 -4.47
C LEU P 29 -36.49 1.71 -5.19
N GLU P 30 -36.06 1.52 -6.44
CA GLU P 30 -35.45 2.63 -7.18
C GLU P 30 -36.46 3.70 -7.55
N ASP P 31 -37.76 3.39 -7.53
CA ASP P 31 -38.80 4.35 -7.87
C ASP P 31 -39.84 4.44 -6.76
N TYR P 32 -39.40 4.52 -5.51
CA TYR P 32 -40.35 4.73 -4.43
C TYR P 32 -41.00 6.10 -4.58
N PRO P 33 -42.30 6.22 -4.32
CA PRO P 33 -42.99 7.49 -4.52
C PRO P 33 -42.36 8.60 -3.70
N PRO P 34 -42.28 9.81 -4.25
CA PRO P 34 -41.65 10.92 -3.52
C PRO P 34 -42.34 11.25 -2.21
N GLN P 35 -43.64 10.97 -2.09
CA GLN P 35 -44.38 11.26 -0.88
C GLN P 35 -44.01 10.25 0.20
N LYS P 36 -44.70 10.32 1.34
CA LYS P 36 -44.48 9.46 2.49
C LYS P 36 -43.08 9.61 3.09
N GLY P 37 -42.34 10.64 2.67
CA GLY P 37 -41.05 10.96 3.23
C GLY P 37 -40.03 9.83 3.21
N CYS P 38 -39.64 9.38 2.02
CA CYS P 38 -38.65 8.32 1.88
C CYS P 38 -37.69 8.69 0.76
N ILE P 39 -36.48 8.13 0.83
CA ILE P 39 -35.42 8.42 -0.12
C ILE P 39 -35.28 7.24 -1.07
N PRO P 40 -35.50 7.44 -2.37
CA PRO P 40 -35.27 6.34 -3.32
C PRO P 40 -33.81 5.93 -3.36
N LEU P 41 -33.59 4.63 -3.55
CA LEU P 41 -32.23 4.10 -3.53
C LEU P 41 -31.56 4.24 -4.89
N PRO P 42 -30.28 4.56 -4.92
CA PRO P 42 -29.57 4.67 -6.20
C PRO P 42 -29.43 3.31 -6.87
N ARG P 43 -29.34 3.36 -8.20
CA ARG P 43 -29.21 2.13 -8.98
C ARG P 43 -27.81 1.54 -8.88
N GLY P 44 -26.82 2.35 -8.51
CA GLY P 44 -25.45 1.88 -8.53
C GLY P 44 -25.18 0.77 -7.53
N GLN P 45 -25.72 0.91 -6.31
CA GLN P 45 -25.54 -0.13 -5.30
C GLN P 45 -26.67 -1.15 -5.35
N THR P 46 -27.85 -0.74 -5.82
CA THR P 46 -28.99 -1.65 -5.93
C THR P 46 -28.95 -2.39 -7.27
N GLU P 47 -27.82 -3.03 -7.53
CA GLU P 47 -27.61 -3.86 -8.72
C GLU P 47 -26.97 -5.19 -8.40
N LYS P 48 -26.14 -5.25 -7.36
CA LYS P 48 -25.46 -6.49 -6.98
C LYS P 48 -25.94 -7.04 -5.65
N ALA P 49 -26.61 -6.24 -4.83
CA ALA P 49 -27.11 -6.71 -3.55
C ALA P 49 -28.16 -7.78 -3.74
N ASP P 50 -27.88 -8.99 -3.23
CA ASP P 50 -28.82 -10.09 -3.45
C ASP P 50 -29.96 -10.07 -2.43
N HIS P 51 -29.67 -10.34 -1.15
CA HIS P 51 -30.69 -10.17 -0.12
C HIS P 51 -30.18 -9.56 1.18
N VAL P 52 -28.89 -9.65 1.50
CA VAL P 52 -28.39 -9.06 2.72
C VAL P 52 -28.01 -7.60 2.51
N ASP P 53 -27.17 -7.35 1.51
CA ASP P 53 -26.75 -5.97 1.25
C ASP P 53 -27.92 -5.09 0.88
N LEU P 54 -28.97 -5.66 0.28
CA LEU P 54 -30.17 -4.88 -0.02
C LEU P 54 -30.84 -4.40 1.26
N ALA P 55 -30.97 -5.29 2.25
CA ALA P 55 -31.54 -4.89 3.53
C ALA P 55 -30.66 -3.87 4.24
N THR P 56 -29.34 -4.06 4.18
CA THR P 56 -28.43 -3.08 4.77
C THR P 56 -28.61 -1.72 4.12
N LEU P 57 -28.70 -1.69 2.79
CA LEU P 57 -28.86 -0.43 2.09
C LEU P 57 -30.19 0.24 2.43
N MET P 58 -31.28 -0.54 2.48
CA MET P 58 -32.58 0.04 2.81
C MET P 58 -32.56 0.65 4.20
N ILE P 59 -32.11 -0.12 5.20
CA ILE P 59 -32.07 0.40 6.56
C ILE P 59 -31.17 1.61 6.64
N ASP P 60 -29.98 1.53 6.03
CA ASP P 60 -29.01 2.61 6.10
C ASP P 60 -29.57 3.89 5.48
N PHE P 61 -30.29 3.76 4.37
CA PHE P 61 -30.81 4.94 3.68
C PHE P 61 -32.00 5.54 4.41
N ASN P 62 -32.85 4.72 5.03
CA ASN P 62 -34.16 5.21 5.43
C ASN P 62 -34.45 5.21 6.93
N GLY P 63 -33.65 4.54 7.75
CA GLY P 63 -34.03 4.30 9.13
C GLY P 63 -34.93 3.08 9.22
N GLU P 64 -35.02 2.54 10.44
CA GLU P 64 -35.70 1.27 10.63
C GLU P 64 -37.20 1.38 10.33
N GLU P 65 -37.83 2.44 10.85
CA GLU P 65 -39.27 2.62 10.63
C GLU P 65 -39.59 2.73 9.14
N LYS P 66 -38.89 3.63 8.45
CA LYS P 66 -39.16 3.85 7.03
C LYS P 66 -38.81 2.61 6.21
N ALA P 67 -37.73 1.92 6.56
CA ALA P 67 -37.37 0.72 5.81
C ALA P 67 -38.42 -0.36 5.95
N TRP P 68 -38.94 -0.57 7.17
CA TRP P 68 -39.99 -1.56 7.35
C TRP P 68 -41.26 -1.16 6.61
N ALA P 69 -41.62 0.13 6.66
CA ALA P 69 -42.81 0.58 5.94
C ALA P 69 -42.66 0.37 4.44
N MET P 70 -41.48 0.71 3.89
CA MET P 70 -41.23 0.50 2.48
C MET P 70 -41.28 -0.98 2.11
N ALA P 71 -40.71 -1.84 2.96
CA ALA P 71 -40.73 -3.27 2.68
C ALA P 71 -42.17 -3.79 2.65
N VAL P 72 -43.00 -3.37 3.61
CA VAL P 72 -44.38 -3.81 3.64
C VAL P 72 -45.13 -3.32 2.40
N TRP P 73 -44.95 -2.04 2.06
CA TRP P 73 -45.66 -1.49 0.91
C TRP P 73 -45.25 -2.16 -0.39
N ILE P 74 -43.95 -2.44 -0.56
CA ILE P 74 -43.48 -3.08 -1.77
C ILE P 74 -43.95 -4.54 -1.83
N PHE P 75 -43.93 -5.23 -0.69
CA PHE P 75 -44.48 -6.59 -0.65
C PHE P 75 -45.93 -6.60 -1.09
N ALA P 76 -46.70 -5.59 -0.67
CA ALA P 76 -48.07 -5.46 -1.15
C ALA P 76 -48.09 -5.16 -2.65
N ALA P 77 -47.14 -4.36 -3.13
CA ALA P 77 -47.16 -3.90 -4.52
C ALA P 77 -46.71 -4.97 -5.50
N ILE P 78 -45.77 -5.84 -5.12
CA ILE P 78 -45.22 -6.82 -6.05
C ILE P 78 -46.06 -8.09 -5.99
N ASN P 79 -47.25 -8.00 -5.39
CA ASN P 79 -48.23 -9.07 -5.38
C ASN P 79 -47.76 -10.30 -4.61
N ARG P 80 -46.93 -10.10 -3.59
CA ARG P 80 -46.57 -11.15 -2.64
C ARG P 80 -47.40 -10.93 -1.38
N ARG P 81 -48.67 -11.32 -1.45
CA ARG P 81 -49.59 -11.03 -0.35
C ARG P 81 -49.24 -11.80 0.91
N ASP P 82 -48.69 -13.02 0.78
CA ASP P 82 -48.32 -13.80 1.95
C ASP P 82 -47.23 -13.09 2.76
N LEU P 83 -46.20 -12.57 2.07
CA LEU P 83 -45.15 -11.85 2.75
C LEU P 83 -45.68 -10.55 3.36
N TYR P 84 -46.61 -9.89 2.67
CA TYR P 84 -47.22 -8.68 3.21
C TYR P 84 -47.95 -8.98 4.51
N GLU P 85 -48.74 -10.06 4.53
CA GLU P 85 -49.44 -10.44 5.75
C GLU P 85 -48.47 -10.81 6.87
N LYS P 86 -47.41 -11.56 6.55
CA LYS P 86 -46.44 -11.93 7.57
C LYS P 86 -45.74 -10.71 8.14
N ALA P 87 -45.38 -9.75 7.29
CA ALA P 87 -44.74 -8.53 7.77
C ALA P 87 -45.70 -7.71 8.61
N LYS P 88 -46.98 -7.65 8.23
CA LYS P 88 -47.95 -6.91 9.03
C LYS P 88 -48.13 -7.54 10.40
N ARG P 89 -48.14 -8.88 10.46
CA ARG P 89 -48.32 -9.55 11.75
C ARG P 89 -47.07 -9.48 12.61
N ASP P 90 -45.89 -9.50 12.00
CA ASP P 90 -44.63 -9.57 12.73
C ASP P 90 -43.91 -8.23 12.76
N GLU P 91 -44.66 -7.14 12.90
CA GLU P 91 -44.05 -5.82 12.97
C GLU P 91 -43.30 -5.68 14.29
N PRO P 92 -42.01 -5.33 14.26
CA PRO P 92 -41.26 -5.19 15.51
C PRO P 92 -41.83 -4.09 16.40
N LYS P 93 -41.73 -4.32 17.71
CA LYS P 93 -42.24 -3.37 18.70
C LYS P 93 -41.27 -2.19 18.79
N TRP P 94 -41.63 -1.10 18.13
CA TRP P 94 -40.78 0.09 18.15
C TRP P 94 -40.84 0.77 19.50
N GLY P 95 -39.73 1.41 19.88
CA GLY P 95 -39.66 2.10 21.16
C GLY P 95 -38.34 2.82 21.38
N MET Q 1 5.48 22.87 37.53
CA MET Q 1 4.33 22.23 38.16
C MET Q 1 3.24 23.25 38.41
N LYS Q 2 2.30 23.35 37.47
CA LYS Q 2 1.20 24.31 37.54
C LYS Q 2 1.73 25.72 37.68
N MET Q 3 1.83 26.23 38.91
CA MET Q 3 2.42 27.54 39.14
C MET Q 3 3.89 27.50 38.72
N ALA Q 4 4.28 28.45 37.87
CA ALA Q 4 5.63 28.52 37.33
C ALA Q 4 5.77 29.87 36.63
N SER Q 5 6.88 30.04 35.92
CA SER Q 5 7.08 31.23 35.10
C SER Q 5 6.30 31.11 33.80
N THR Q 6 6.22 32.22 33.06
CA THR Q 6 5.53 32.21 31.77
C THR Q 6 6.28 31.36 30.76
N ARG Q 7 7.61 31.35 30.85
CA ARG Q 7 8.41 30.58 29.89
C ARG Q 7 8.09 29.10 29.98
N CYS Q 8 7.88 28.58 31.19
CA CYS Q 8 7.60 27.16 31.35
C CYS Q 8 6.28 26.77 30.69
N LYS Q 9 5.23 27.54 30.95
CA LYS Q 9 3.93 27.25 30.34
C LYS Q 9 3.98 27.39 28.82
N LEU Q 10 4.67 28.43 28.34
CA LEU Q 10 4.80 28.61 26.90
C LEU Q 10 5.56 27.45 26.27
N ALA Q 11 6.61 26.98 26.94
CA ALA Q 11 7.37 25.84 26.43
C ALA Q 11 6.52 24.58 26.41
N ARG Q 12 5.69 24.38 27.44
CA ARG Q 12 4.79 23.24 27.44
C ARG Q 12 3.81 23.30 26.27
N TYR Q 13 3.24 24.48 26.03
CA TYR Q 13 2.28 24.64 24.94
C TYR Q 13 2.95 24.40 23.59
N LEU Q 14 4.17 24.90 23.41
CA LEU Q 14 4.90 24.63 22.17
C LEU Q 14 5.24 23.16 22.03
N GLU Q 15 5.56 22.49 23.14
CA GLU Q 15 5.84 21.06 23.10
C GLU Q 15 4.60 20.27 22.70
N ASP Q 16 3.41 20.77 23.04
CA ASP Q 16 2.17 20.10 22.65
C ASP Q 16 2.05 20.01 21.12
N LEU Q 17 2.63 20.95 20.38
CA LEU Q 17 2.53 20.94 18.94
C LEU Q 17 3.31 19.77 18.33
N GLU Q 18 2.86 19.33 17.16
CA GLU Q 18 3.53 18.28 16.41
C GLU Q 18 4.69 18.88 15.62
N ASP Q 19 5.23 18.10 14.68
CA ASP Q 19 6.38 18.55 13.91
C ASP Q 19 5.99 19.56 12.84
N VAL Q 20 5.07 19.17 11.95
CA VAL Q 20 4.63 20.09 10.90
C VAL Q 20 3.90 21.29 11.51
N ASP Q 21 3.17 21.08 12.60
CA ASP Q 21 2.58 22.20 13.31
C ASP Q 21 3.65 23.13 13.87
N LEU Q 22 4.76 22.56 14.34
CA LEU Q 22 5.87 23.40 14.80
C LEU Q 22 6.47 24.19 13.65
N LYS Q 23 6.59 23.57 12.47
CA LYS Q 23 7.11 24.30 11.32
C LYS Q 23 6.19 25.44 10.93
N LYS Q 24 4.88 25.21 10.97
CA LYS Q 24 3.92 26.30 10.70
C LYS Q 24 4.03 27.40 11.75
N PHE Q 25 4.23 27.02 13.02
CA PHE Q 25 4.39 28.01 14.08
C PHE Q 25 5.62 28.86 13.85
N LYS Q 26 6.72 28.22 13.43
CA LYS Q 26 7.93 28.97 13.11
C LYS Q 26 7.71 29.90 11.92
N MET Q 27 7.00 29.41 10.91
CA MET Q 27 6.62 30.27 9.79
C MET Q 27 5.89 31.52 10.28
N HIS Q 28 4.90 31.34 11.15
CA HIS Q 28 4.10 32.48 11.59
C HIS Q 28 4.89 33.41 12.50
N LEU Q 29 5.83 32.88 13.27
CA LEU Q 29 6.73 33.75 14.02
C LEU Q 29 7.59 34.58 13.10
N GLU Q 30 8.12 33.97 12.03
CA GLU Q 30 9.07 34.66 11.16
C GLU Q 30 8.41 35.78 10.36
N ASP Q 31 7.09 35.71 10.15
CA ASP Q 31 6.36 36.73 9.41
C ASP Q 31 5.13 37.18 10.18
N TYR Q 32 5.30 37.50 11.46
CA TYR Q 32 4.20 38.08 12.22
C TYR Q 32 3.82 39.42 11.61
N PRO Q 33 2.52 39.73 11.56
CA PRO Q 33 2.08 40.97 10.88
C PRO Q 33 2.73 42.20 11.50
N PRO Q 34 3.10 43.18 10.69
CA PRO Q 34 3.73 44.39 11.23
C PRO Q 34 2.84 45.16 12.20
N GLN Q 35 1.53 45.04 12.07
CA GLN Q 35 0.61 45.73 12.97
C GLN Q 35 0.63 45.04 14.33
N LYS Q 36 -0.17 45.56 15.27
CA LYS Q 36 -0.23 45.09 16.65
C LYS Q 36 1.08 45.30 17.40
N GLY Q 37 2.03 46.01 16.80
CA GLY Q 37 3.28 46.35 17.43
C GLY Q 37 4.09 45.19 17.99
N CYS Q 38 4.51 44.28 17.11
CA CYS Q 38 5.30 43.13 17.53
C CYS Q 38 6.53 43.03 16.64
N ILE Q 39 7.57 42.38 17.17
CA ILE Q 39 8.85 42.23 16.50
C ILE Q 39 8.93 40.81 15.95
N PRO Q 40 9.04 40.63 14.64
CA PRO Q 40 9.19 39.27 14.09
C PRO Q 40 10.52 38.66 14.49
N LEU Q 41 10.53 37.33 14.59
CA LEU Q 41 11.73 36.59 14.98
C LEU Q 41 12.59 36.33 13.76
N PRO Q 42 13.91 36.49 13.89
CA PRO Q 42 14.81 36.18 12.77
C PRO Q 42 14.78 34.70 12.42
N ARG Q 43 14.95 34.42 11.13
CA ARG Q 43 14.89 33.04 10.65
C ARG Q 43 16.12 32.24 11.08
N GLY Q 44 17.21 32.92 11.45
CA GLY Q 44 18.40 32.21 11.87
C GLY Q 44 18.22 31.45 13.16
N GLN Q 45 17.60 32.07 14.17
CA GLN Q 45 17.40 31.41 15.44
C GLN Q 45 16.27 30.40 15.39
N THR Q 46 15.19 30.71 14.68
CA THR Q 46 14.04 29.80 14.58
C THR Q 46 14.28 28.74 13.52
N GLU Q 47 15.40 28.05 13.62
CA GLU Q 47 15.74 26.95 12.72
C GLU Q 47 16.11 25.69 13.47
N LYS Q 48 16.81 25.80 14.60
CA LYS Q 48 17.18 24.67 15.41
C LYS Q 48 16.40 24.56 16.70
N ALA Q 49 15.76 25.65 17.14
CA ALA Q 49 15.00 25.63 18.39
C ALA Q 49 13.77 24.75 18.24
N ASP Q 50 13.67 23.70 19.06
CA ASP Q 50 12.54 22.79 18.95
C ASP Q 50 11.30 23.30 19.69
N HIS Q 51 11.35 23.34 21.02
CA HIS Q 51 10.24 23.95 21.77
C HIS Q 51 10.68 24.79 22.97
N VAL Q 52 11.86 24.58 23.53
CA VAL Q 52 12.28 25.37 24.69
C VAL Q 52 13.01 26.64 24.24
N ASP Q 53 14.01 26.48 23.40
CA ASP Q 53 14.75 27.65 22.91
C ASP Q 53 13.84 28.59 22.14
N LEU Q 54 12.83 28.05 21.44
CA LEU Q 54 11.88 28.90 20.74
C LEU Q 54 11.09 29.76 21.72
N ALA Q 55 10.63 29.17 22.83
CA ALA Q 55 9.91 29.94 23.83
C ALA Q 55 10.80 30.98 24.48
N THR Q 56 12.05 30.62 24.78
CA THR Q 56 12.98 31.58 25.38
C THR Q 56 13.22 32.74 24.43
N LEU Q 57 13.40 32.45 23.14
CA LEU Q 57 13.63 33.51 22.16
C LEU Q 57 12.41 34.40 22.02
N MET Q 58 11.21 33.81 22.02
CA MET Q 58 9.98 34.60 21.96
C MET Q 58 9.88 35.54 23.14
N ILE Q 59 10.13 35.04 24.34
CA ILE Q 59 10.08 35.89 25.53
C ILE Q 59 11.11 37.00 25.42
N ASP Q 60 12.36 36.66 25.11
CA ASP Q 60 13.43 37.65 25.06
C ASP Q 60 13.13 38.74 24.03
N PHE Q 61 12.52 38.37 22.90
CA PHE Q 61 12.23 39.36 21.88
C PHE Q 61 11.05 40.24 22.25
N ASN Q 62 9.99 39.67 22.82
CA ASN Q 62 8.71 40.38 22.86
C ASN Q 62 8.19 40.76 24.23
N GLY Q 63 8.72 40.19 25.32
CA GLY Q 63 8.10 40.35 26.62
C GLY Q 63 6.96 39.38 26.80
N GLU Q 64 6.56 39.19 28.05
CA GLU Q 64 5.58 38.15 28.37
C GLU Q 64 4.23 38.44 27.73
N GLU Q 65 3.76 39.67 27.84
CA GLU Q 65 2.46 40.05 27.27
C GLU Q 65 2.42 39.77 25.78
N LYS Q 66 3.38 40.32 25.05
CA LYS Q 66 3.36 40.21 23.60
C LYS Q 66 3.60 38.77 23.16
N ALA Q 67 4.46 38.04 23.87
CA ALA Q 67 4.72 36.65 23.51
C ALA Q 67 3.47 35.79 23.70
N TRP Q 68 2.75 35.99 24.80
CA TRP Q 68 1.52 35.23 25.01
C TRP Q 68 0.46 35.59 23.97
N ALA Q 69 0.35 36.88 23.64
CA ALA Q 69 -0.61 37.29 22.61
C ALA Q 69 -0.26 36.65 21.26
N MET Q 70 1.02 36.66 20.90
CA MET Q 70 1.45 36.04 19.66
C MET Q 70 1.18 34.54 19.67
N ALA Q 71 1.45 33.88 20.80
CA ALA Q 71 1.22 32.44 20.88
C ALA Q 71 -0.25 32.12 20.69
N VAL Q 72 -1.14 32.89 21.34
CA VAL Q 72 -2.58 32.65 21.19
C VAL Q 72 -3.00 32.88 19.73
N TRP Q 73 -2.55 33.99 19.15
CA TRP Q 73 -2.96 34.31 17.77
C TRP Q 73 -2.48 33.26 16.79
N ILE Q 74 -1.24 32.79 16.95
CA ILE Q 74 -0.71 31.79 16.02
C ILE Q 74 -1.38 30.45 16.23
N PHE Q 75 -1.65 30.07 17.48
CA PHE Q 75 -2.40 28.84 17.73
C PHE Q 75 -3.76 28.89 17.05
N ALA Q 76 -4.38 30.08 17.02
CA ALA Q 76 -5.59 30.24 16.22
C ALA Q 76 -5.28 30.11 14.73
N ALA Q 77 -4.14 30.65 14.29
CA ALA Q 77 -3.85 30.76 12.87
C ALA Q 77 -3.41 29.44 12.24
N ILE Q 78 -2.72 28.58 12.99
CA ILE Q 78 -2.21 27.33 12.42
C ILE Q 78 -3.27 26.24 12.59
N ASN Q 79 -4.49 26.66 12.89
CA ASN Q 79 -5.65 25.77 13.02
C ASN Q 79 -5.52 24.82 14.20
N ARG Q 80 -4.90 25.29 15.29
CA ARG Q 80 -4.87 24.57 16.56
C ARG Q 80 -5.93 25.17 17.46
N ARG Q 81 -7.19 24.86 17.16
CA ARG Q 81 -8.30 25.47 17.91
C ARG Q 81 -8.34 25.00 19.36
N ASP Q 82 -8.07 23.72 19.61
CA ASP Q 82 -8.07 23.23 20.99
C ASP Q 82 -6.97 23.92 21.81
N LEU Q 83 -5.77 24.03 21.25
CA LEU Q 83 -4.70 24.73 21.94
C LEU Q 83 -5.02 26.21 22.10
N TYR Q 84 -5.67 26.80 21.10
CA TYR Q 84 -6.07 28.20 21.21
C TYR Q 84 -7.03 28.41 22.36
N GLU Q 85 -8.04 27.53 22.48
CA GLU Q 85 -8.99 27.63 23.59
C GLU Q 85 -8.31 27.39 24.93
N LYS Q 86 -7.40 26.42 25.00
CA LYS Q 86 -6.70 26.15 26.25
C LYS Q 86 -5.85 27.34 26.68
N ALA Q 87 -5.14 27.96 25.73
CA ALA Q 87 -4.32 29.11 26.05
C ALA Q 87 -5.18 30.31 26.46
N LYS Q 88 -6.30 30.51 25.77
CA LYS Q 88 -7.19 31.62 26.11
C LYS Q 88 -7.79 31.43 27.49
N ARG Q 89 -8.15 30.20 27.84
CA ARG Q 89 -8.76 29.94 29.15
C ARG Q 89 -7.77 30.10 30.28
N ASP Q 90 -6.51 29.69 30.08
CA ASP Q 90 -5.50 29.67 31.13
C ASP Q 90 -4.51 30.82 30.98
N GLU Q 91 -4.98 31.98 30.58
CA GLU Q 91 -4.11 33.15 30.47
C GLU Q 91 -3.66 33.57 31.86
N PRO Q 92 -2.36 33.72 32.10
CA PRO Q 92 -1.88 34.09 33.44
C PRO Q 92 -2.38 35.46 33.85
N LYS Q 93 -2.56 35.63 35.16
CA LYS Q 93 -3.07 36.87 35.73
C LYS Q 93 -1.98 37.92 35.71
N TRP Q 94 -2.00 38.76 34.68
CA TRP Q 94 -0.99 39.80 34.53
C TRP Q 94 -1.22 40.93 35.53
N GLY Q 95 -0.13 41.57 35.94
CA GLY Q 95 -0.20 42.66 36.88
C GLY Q 95 0.45 42.35 38.21
N MET R 1 14.15 -10.88 30.24
CA MET R 1 13.67 -12.24 30.43
C MET R 1 12.84 -12.37 31.70
N LYS R 2 11.50 -12.34 31.53
CA LYS R 2 10.56 -12.49 32.63
C LYS R 2 10.80 -11.42 33.70
N MET R 3 11.56 -11.75 34.73
CA MET R 3 11.86 -10.79 35.79
C MET R 3 12.73 -9.67 35.22
N ALA R 4 12.20 -8.46 35.23
CA ALA R 4 12.90 -7.29 34.69
C ALA R 4 12.27 -6.05 35.30
N SER R 5 12.58 -4.88 34.73
CA SER R 5 12.01 -3.63 35.19
C SER R 5 10.58 -3.47 34.66
N THR R 6 9.87 -2.50 35.23
CA THR R 6 8.50 -2.23 34.79
C THR R 6 8.48 -1.72 33.35
N ARG R 7 9.46 -0.88 32.99
CA ARG R 7 9.51 -0.35 31.63
C ARG R 7 9.65 -1.47 30.61
N CYS R 8 10.36 -2.54 30.96
CA CYS R 8 10.54 -3.65 30.03
C CYS R 8 9.21 -4.35 29.74
N LYS R 9 8.46 -4.68 30.78
CA LYS R 9 7.16 -5.32 30.58
C LYS R 9 6.20 -4.41 29.84
N LEU R 10 6.19 -3.12 30.19
CA LEU R 10 5.32 -2.18 29.50
C LEU R 10 5.68 -2.07 28.03
N ALA R 11 6.98 -2.05 27.72
CA ALA R 11 7.42 -2.01 26.33
C ALA R 11 7.01 -3.27 25.59
N ARG R 12 7.08 -4.43 26.25
CA ARG R 12 6.61 -5.66 25.61
C ARG R 12 5.13 -5.57 25.28
N TYR R 13 4.31 -5.13 26.24
CA TYR R 13 2.88 -5.05 26.00
C TYR R 13 2.56 -4.05 24.88
N LEU R 14 3.26 -2.90 24.87
CA LEU R 14 3.04 -1.94 23.80
C LEU R 14 3.52 -2.47 22.45
N GLU R 15 4.57 -3.28 22.45
CA GLU R 15 5.07 -3.87 21.21
C GLU R 15 4.09 -4.91 20.68
N ASP R 16 3.31 -5.54 21.55
CA ASP R 16 2.30 -6.47 21.09
C ASP R 16 1.26 -5.78 20.20
N LEU R 17 0.97 -4.51 20.45
CA LEU R 17 -0.04 -3.79 19.68
C LEU R 17 0.38 -3.62 18.22
N GLU R 18 -0.62 -3.52 17.35
CA GLU R 18 -0.42 -3.31 15.93
C GLU R 18 -0.23 -1.82 15.63
N ASP R 19 -0.31 -1.46 14.34
CA ASP R 19 -0.07 -0.07 13.95
C ASP R 19 -1.26 0.82 14.30
N VAL R 20 -2.43 0.53 13.74
CA VAL R 20 -3.61 1.35 14.04
C VAL R 20 -3.99 1.22 15.51
N ASP R 21 -3.74 0.06 16.11
CA ASP R 21 -3.93 -0.10 17.54
C ASP R 21 -3.00 0.82 18.31
N LEU R 22 -1.76 0.96 17.84
CA LEU R 22 -0.83 1.90 18.46
C LEU R 22 -1.31 3.34 18.31
N LYS R 23 -1.88 3.68 17.15
CA LYS R 23 -2.42 5.02 16.95
C LYS R 23 -3.56 5.29 17.93
N LYS R 24 -4.45 4.31 18.12
CA LYS R 24 -5.53 4.47 19.09
C LYS R 24 -4.99 4.59 20.50
N PHE R 25 -3.94 3.81 20.83
CA PHE R 25 -3.33 3.91 22.15
C PHE R 25 -2.75 5.30 22.39
N LYS R 26 -2.06 5.84 21.39
CA LYS R 26 -1.51 7.19 21.52
C LYS R 26 -2.62 8.22 21.66
N MET R 27 -3.71 8.06 20.89
CA MET R 27 -4.84 8.97 21.00
C MET R 27 -5.41 8.97 22.40
N HIS R 28 -5.58 7.79 22.99
CA HIS R 28 -6.10 7.71 24.35
C HIS R 28 -5.09 8.23 25.36
N LEU R 29 -3.80 8.11 25.07
CA LEU R 29 -2.78 8.66 25.96
C LEU R 29 -2.84 10.18 26.00
N GLU R 30 -2.95 10.81 24.83
CA GLU R 30 -2.95 12.26 24.74
C GLU R 30 -4.19 12.90 25.38
N ASP R 31 -5.28 12.14 25.51
CA ASP R 31 -6.52 12.66 26.06
C ASP R 31 -7.03 11.80 27.20
N TYR R 32 -6.13 11.44 28.12
CA TYR R 32 -6.55 10.72 29.31
C TYR R 32 -7.46 11.60 30.15
N PRO R 33 -8.47 11.03 30.80
CA PRO R 33 -9.39 11.84 31.62
C PRO R 33 -8.64 12.59 32.70
N PRO R 34 -8.99 13.87 32.92
CA PRO R 34 -8.24 14.67 33.90
C PRO R 34 -8.29 14.13 35.31
N GLN R 35 -9.34 13.40 35.67
CA GLN R 35 -9.50 12.91 37.03
C GLN R 35 -8.62 11.67 37.25
N LYS R 36 -8.87 10.96 38.35
CA LYS R 36 -8.10 9.81 38.82
C LYS R 36 -6.59 10.04 38.77
N GLY R 37 -6.16 11.29 39.00
CA GLY R 37 -4.77 11.63 39.19
C GLY R 37 -3.79 11.15 38.14
N CYS R 38 -3.90 11.68 36.92
CA CYS R 38 -2.97 11.33 35.85
C CYS R 38 -2.72 12.57 35.00
N ILE R 39 -1.55 12.60 34.37
CA ILE R 39 -1.13 13.71 33.52
C ILE R 39 -1.15 13.23 32.07
N PRO R 40 -2.01 13.78 31.23
CA PRO R 40 -2.00 13.38 29.82
C PRO R 40 -0.70 13.74 29.14
N LEU R 41 -0.27 12.88 28.22
CA LEU R 41 0.99 13.09 27.53
C LEU R 41 0.84 14.12 26.42
N PRO R 42 1.86 14.94 26.18
CA PRO R 42 1.79 15.91 25.09
C PRO R 42 1.77 15.23 23.73
N ARG R 43 1.12 15.88 22.77
CA ARG R 43 1.03 15.34 21.42
C ARG R 43 2.37 15.43 20.68
N GLY R 44 3.25 16.32 21.12
CA GLY R 44 4.51 16.49 20.42
C GLY R 44 5.44 15.29 20.53
N GLN R 45 5.50 14.69 21.72
CA GLN R 45 6.43 13.59 21.95
C GLN R 45 5.82 12.26 21.52
N THR R 46 4.51 12.09 21.65
CA THR R 46 3.83 10.86 21.27
C THR R 46 3.48 10.85 19.79
N GLU R 47 4.46 11.10 18.94
CA GLU R 47 4.28 11.08 17.50
C GLU R 47 5.27 10.17 16.78
N LYS R 48 6.51 10.10 17.24
CA LYS R 48 7.50 9.22 16.66
C LYS R 48 7.79 8.00 17.52
N ALA R 49 7.42 8.03 18.79
CA ALA R 49 7.65 6.89 19.68
C ALA R 49 6.81 5.70 19.25
N ASP R 50 7.48 4.61 18.89
CA ASP R 50 6.74 3.42 18.44
C ASP R 50 6.27 2.57 19.62
N HIS R 51 7.20 1.93 20.34
CA HIS R 51 6.85 1.26 21.59
C HIS R 51 7.87 1.43 22.69
N VAL R 52 9.14 1.71 22.38
CA VAL R 52 10.15 1.89 23.41
C VAL R 52 10.04 3.27 24.02
N ASP R 53 10.18 4.31 23.19
CA ASP R 53 10.10 5.67 23.69
C ASP R 53 8.72 5.98 24.28
N LEU R 54 7.68 5.34 23.75
CA LEU R 54 6.33 5.55 24.29
C LEU R 54 6.23 5.02 25.72
N ALA R 55 6.76 3.81 25.96
CA ALA R 55 6.74 3.25 27.29
C ALA R 55 7.60 4.08 28.25
N THR R 56 8.78 4.50 27.79
CA THR R 56 9.63 5.34 28.62
C THR R 56 8.92 6.64 28.98
N LEU R 57 8.24 7.25 28.02
CA LEU R 57 7.54 8.50 28.26
C LEU R 57 6.39 8.30 29.25
N MET R 58 5.61 7.22 29.07
CA MET R 58 4.51 6.96 30.00
C MET R 58 5.03 6.80 31.43
N ILE R 59 6.05 5.97 31.61
CA ILE R 59 6.61 5.76 32.94
C ILE R 59 7.15 7.07 33.50
N ASP R 60 7.91 7.80 32.69
CA ASP R 60 8.53 9.04 33.13
C ASP R 60 7.48 10.05 33.58
N PHE R 61 6.38 10.14 32.84
CA PHE R 61 5.35 11.12 33.15
C PHE R 61 4.54 10.72 34.38
N ASN R 62 4.28 9.43 34.58
CA ASN R 62 3.25 9.05 35.52
C ASN R 62 3.68 8.24 36.72
N GLY R 63 4.88 7.67 36.73
CA GLY R 63 5.26 6.73 37.76
C GLY R 63 4.72 5.34 37.47
N GLU R 64 5.24 4.36 38.21
CA GLU R 64 4.93 2.97 37.92
C GLU R 64 3.44 2.69 38.07
N GLU R 65 2.87 3.08 39.22
CA GLU R 65 1.46 2.80 39.50
C GLU R 65 0.56 3.40 38.44
N LYS R 66 0.72 4.70 38.20
CA LYS R 66 -0.18 5.40 37.30
C LYS R 66 0.01 4.93 35.87
N ALA R 67 1.26 4.66 35.46
CA ALA R 67 1.50 4.18 34.10
C ALA R 67 0.87 2.82 33.88
N TRP R 68 1.00 1.90 34.85
CA TRP R 68 0.39 0.59 34.68
C TRP R 68 -1.14 0.70 34.66
N ALA R 69 -1.70 1.53 35.54
CA ALA R 69 -3.15 1.69 35.56
C ALA R 69 -3.65 2.26 34.22
N MET R 70 -2.95 3.27 33.70
CA MET R 70 -3.33 3.86 32.42
C MET R 70 -3.21 2.84 31.29
N ALA R 71 -2.14 2.04 31.29
CA ALA R 71 -1.97 1.04 30.25
C ALA R 71 -3.12 0.03 30.29
N VAL R 72 -3.48 -0.44 31.48
CA VAL R 72 -4.58 -1.40 31.59
C VAL R 72 -5.88 -0.78 31.11
N TRP R 73 -6.15 0.45 31.55
CA TRP R 73 -7.41 1.09 31.19
C TRP R 73 -7.50 1.31 29.68
N ILE R 74 -6.40 1.75 29.05
CA ILE R 74 -6.43 2.00 27.62
C ILE R 74 -6.53 0.69 26.84
N PHE R 75 -5.87 -0.36 27.32
CA PHE R 75 -6.02 -1.68 26.70
C PHE R 75 -7.48 -2.12 26.75
N ALA R 76 -8.17 -1.85 27.85
CA ALA R 76 -9.60 -2.12 27.91
C ALA R 76 -10.39 -1.24 26.94
N ALA R 77 -9.98 0.02 26.80
CA ALA R 77 -10.76 0.99 26.04
C ALA R 77 -10.61 0.83 24.53
N ILE R 78 -9.46 0.38 24.05
CA ILE R 78 -9.23 0.25 22.62
C ILE R 78 -9.64 -1.14 22.16
N ASN R 79 -10.38 -1.84 23.00
CA ASN R 79 -10.94 -3.16 22.70
C ASN R 79 -9.85 -4.21 22.50
N ARG R 80 -8.74 -4.09 23.22
CA ARG R 80 -7.71 -5.13 23.26
C ARG R 80 -7.96 -5.96 24.53
N ARG R 81 -9.05 -6.74 24.50
CA ARG R 81 -9.48 -7.44 25.70
C ARG R 81 -8.47 -8.50 26.13
N ASP R 82 -7.83 -9.18 25.19
CA ASP R 82 -6.82 -10.16 25.57
C ASP R 82 -5.64 -9.49 26.26
N LEU R 83 -5.17 -8.36 25.72
CA LEU R 83 -4.09 -7.62 26.36
C LEU R 83 -4.53 -7.07 27.71
N TYR R 84 -5.78 -6.63 27.81
CA TYR R 84 -6.30 -6.15 29.09
C TYR R 84 -6.27 -7.25 30.14
N GLU R 85 -6.72 -8.44 29.77
CA GLU R 85 -6.71 -9.56 30.71
C GLU R 85 -5.29 -9.95 31.09
N LYS R 86 -4.37 -10.00 30.12
CA LYS R 86 -2.99 -10.35 30.43
C LYS R 86 -2.35 -9.32 31.36
N ALA R 87 -2.59 -8.03 31.11
CA ALA R 87 -2.02 -6.99 31.96
C ALA R 87 -2.63 -7.06 33.37
N LYS R 88 -3.94 -7.31 33.47
CA LYS R 88 -4.57 -7.41 34.77
C LYS R 88 -4.04 -8.60 35.56
N ARG R 89 -3.82 -9.73 34.88
CA ARG R 89 -3.34 -10.92 35.57
C ARG R 89 -1.88 -10.80 35.96
N ASP R 90 -1.08 -10.09 35.18
CA ASP R 90 0.37 -10.01 35.38
C ASP R 90 0.80 -8.66 35.93
N GLU R 91 0.00 -8.10 36.82
CA GLU R 91 0.39 -6.85 37.49
C GLU R 91 1.54 -7.14 38.44
N PRO R 92 2.65 -6.42 38.36
CA PRO R 92 3.78 -6.69 39.25
C PRO R 92 3.49 -6.27 40.68
N LYS R 93 4.15 -6.95 41.62
CA LYS R 93 3.94 -6.71 43.04
C LYS R 93 4.56 -5.37 43.42
N TRP R 94 3.71 -4.40 43.69
CA TRP R 94 4.18 -3.06 44.05
C TRP R 94 4.63 -3.01 45.50
N GLY R 95 5.63 -2.18 45.77
CA GLY R 95 6.16 -2.04 47.11
C GLY R 95 7.67 -1.99 47.16
N MET S 1 -3.43 -28.28 14.76
CA MET S 1 -3.63 -29.71 14.98
C MET S 1 -4.28 -29.99 16.33
N LYS S 2 -5.60 -30.17 16.30
CA LYS S 2 -6.38 -30.48 17.50
C LYS S 2 -6.18 -29.41 18.56
N MET S 3 -5.26 -29.64 19.49
CA MET S 3 -4.95 -28.67 20.53
C MET S 3 -4.27 -27.46 19.92
N ALA S 4 -4.79 -26.27 20.21
CA ALA S 4 -4.26 -25.02 19.69
C ALA S 4 -4.91 -23.88 20.47
N SER S 5 -4.70 -22.65 20.02
CA SER S 5 -5.36 -21.50 20.61
C SER S 5 -6.82 -21.45 20.18
N THR S 6 -7.60 -20.63 20.90
CA THR S 6 -9.01 -20.49 20.56
C THR S 6 -9.21 -19.83 19.21
N ARG S 7 -8.34 -18.87 18.87
CA ARG S 7 -8.46 -18.19 17.60
C ARG S 7 -8.33 -19.16 16.43
N CYS S 8 -7.53 -20.20 16.59
CA CYS S 8 -7.34 -21.17 15.50
C CYS S 8 -8.63 -21.93 15.23
N LYS S 9 -9.26 -22.47 16.28
CA LYS S 9 -10.51 -23.19 16.10
C LYS S 9 -11.61 -22.27 15.59
N LEU S 10 -11.67 -21.04 16.11
CA LEU S 10 -12.67 -20.09 15.63
C LEU S 10 -12.46 -19.76 14.17
N ALA S 11 -11.20 -19.60 13.75
CA ALA S 11 -10.92 -19.32 12.34
C ALA S 11 -11.30 -20.50 11.46
N ARG S 12 -11.06 -21.72 11.94
CA ARG S 12 -11.49 -22.89 11.17
C ARG S 12 -13.01 -22.90 11.00
N TYR S 13 -13.74 -22.64 12.08
CA TYR S 13 -15.20 -22.65 12.00
C TYR S 13 -15.72 -21.56 11.08
N LEU S 14 -15.11 -20.37 11.13
CA LEU S 14 -15.51 -19.31 10.21
C LEU S 14 -15.16 -19.65 8.77
N GLU S 15 -14.02 -20.31 8.55
CA GLU S 15 -13.65 -20.75 7.21
C GLU S 15 -14.64 -21.78 6.68
N ASP S 16 -15.24 -22.57 7.55
CA ASP S 16 -16.26 -23.54 7.12
C ASP S 16 -17.45 -22.86 6.46
N LEU S 17 -17.71 -21.60 6.78
CA LEU S 17 -18.86 -20.88 6.23
C LEU S 17 -18.64 -20.57 4.75
N GLU S 18 -19.76 -20.40 4.04
CA GLU S 18 -19.74 -20.02 2.63
C GLU S 18 -19.64 -18.51 2.49
N ASP S 19 -19.89 -18.01 1.28
CA ASP S 19 -19.80 -16.56 1.03
C ASP S 19 -21.00 -15.83 1.61
N VAL S 20 -22.21 -16.17 1.15
CA VAL S 20 -23.41 -15.52 1.67
C VAL S 20 -23.58 -15.83 3.15
N ASP S 21 -23.18 -17.02 3.58
CA ASP S 21 -23.20 -17.33 5.01
C ASP S 21 -22.24 -16.43 5.77
N LEU S 22 -21.08 -16.13 5.18
CA LEU S 22 -20.15 -15.20 5.81
C LEU S 22 -20.75 -13.80 5.90
N LYS S 23 -21.45 -13.37 4.85
CA LYS S 23 -22.10 -12.07 4.89
C LYS S 23 -23.16 -12.01 5.99
N LYS S 24 -23.95 -13.08 6.12
CA LYS S 24 -24.94 -13.14 7.20
C LYS S 24 -24.27 -13.14 8.57
N PHE S 25 -23.15 -13.86 8.69
CA PHE S 25 -22.40 -13.87 9.95
C PHE S 25 -21.93 -12.47 10.32
N LYS S 26 -21.36 -11.75 9.34
CA LYS S 26 -20.91 -10.39 9.60
C LYS S 26 -22.08 -9.48 9.96
N MET S 27 -23.21 -9.65 9.27
CA MET S 27 -24.38 -8.84 9.58
C MET S 27 -24.86 -9.07 11.01
N HIS S 28 -24.85 -10.33 11.47
CA HIS S 28 -25.24 -10.61 12.83
C HIS S 28 -24.19 -10.12 13.83
N LEU S 29 -22.91 -10.13 13.44
CA LEU S 29 -21.87 -9.60 14.29
C LEU S 29 -22.06 -8.11 14.54
N GLU S 30 -22.33 -7.36 13.47
CA GLU S 30 -22.44 -5.90 13.61
C GLU S 30 -23.70 -5.46 14.33
N ASP S 31 -24.70 -6.33 14.45
CA ASP S 31 -25.94 -6.01 15.14
C ASP S 31 -26.24 -7.02 16.24
N TYR S 32 -25.22 -7.43 16.99
CA TYR S 32 -25.44 -8.31 18.11
C TYR S 32 -26.27 -7.60 19.18
N PRO S 33 -27.27 -8.26 19.75
CA PRO S 33 -28.13 -7.61 20.75
C PRO S 33 -27.33 -7.07 21.91
N PRO S 34 -27.72 -5.91 22.44
CA PRO S 34 -26.93 -5.30 23.53
C PRO S 34 -26.82 -6.16 24.77
N GLN S 35 -27.79 -7.03 25.03
CA GLN S 35 -27.78 -7.85 26.23
C GLN S 35 -26.79 -9.01 26.04
N LYS S 36 -26.80 -9.94 26.99
CA LYS S 36 -25.89 -11.09 27.03
C LYS S 36 -24.42 -10.67 27.12
N GLY S 37 -24.17 -9.42 27.51
CA GLY S 37 -22.81 -8.94 27.74
C GLY S 37 -21.85 -9.08 26.58
N CYS S 38 -22.19 -8.48 25.44
CA CYS S 38 -21.35 -8.56 24.26
C CYS S 38 -21.26 -7.18 23.63
N ILE S 39 -20.14 -6.92 22.96
CA ILE S 39 -19.88 -5.66 22.28
C ILE S 39 -19.95 -5.90 20.78
N PRO S 40 -20.92 -5.31 20.08
CA PRO S 40 -21.00 -5.49 18.62
C PRO S 40 -19.77 -4.91 17.92
N LEU S 41 -19.33 -5.61 16.89
CA LEU S 41 -18.18 -5.16 16.11
C LEU S 41 -18.56 -4.01 15.20
N PRO S 42 -17.68 -3.03 15.02
CA PRO S 42 -17.99 -1.94 14.09
C PRO S 42 -18.00 -2.42 12.65
N ARG S 43 -18.81 -1.76 11.84
CA ARG S 43 -18.98 -2.16 10.45
C ARG S 43 -17.73 -1.88 9.63
N GLY S 44 -16.86 -0.99 10.11
CA GLY S 44 -15.72 -0.57 9.31
C GLY S 44 -14.72 -1.68 9.05
N GLN S 45 -14.39 -2.47 10.07
CA GLN S 45 -13.36 -3.48 9.91
C GLN S 45 -13.93 -4.81 9.41
N THR S 46 -15.23 -5.04 9.62
CA THR S 46 -15.84 -6.29 9.16
C THR S 46 -16.34 -6.18 7.73
N GLU S 47 -15.46 -5.73 6.84
CA GLU S 47 -15.71 -5.72 5.40
C GLU S 47 -14.60 -6.39 4.61
N LYS S 48 -13.35 -6.26 5.04
CA LYS S 48 -12.23 -6.93 4.40
C LYS S 48 -11.83 -8.21 5.13
N ALA S 49 -12.28 -8.40 6.36
CA ALA S 49 -11.96 -9.61 7.11
C ALA S 49 -12.68 -10.80 6.52
N ASP S 50 -11.93 -11.75 5.96
CA ASP S 50 -12.55 -12.90 5.31
C ASP S 50 -12.92 -13.99 6.32
N HIS S 51 -11.93 -14.67 6.90
CA HIS S 51 -12.20 -15.60 7.99
C HIS S 51 -11.19 -15.58 9.11
N VAL S 52 -9.96 -15.14 8.88
CA VAL S 52 -8.96 -15.10 9.95
C VAL S 52 -9.02 -13.76 10.67
N ASP S 53 -9.06 -12.67 9.91
CA ASP S 53 -9.18 -11.35 10.51
C ASP S 53 -10.50 -11.21 11.27
N LEU S 54 -11.58 -11.79 10.75
CA LEU S 54 -12.85 -11.75 11.46
C LEU S 54 -12.76 -12.47 12.80
N ALA S 55 -12.13 -13.65 12.81
CA ALA S 55 -11.99 -14.41 14.04
C ALA S 55 -11.13 -13.68 15.06
N THR S 56 -9.99 -13.13 14.61
CA THR S 56 -9.14 -12.42 15.56
C THR S 56 -9.80 -11.14 16.05
N LEU S 57 -10.60 -10.51 15.20
CA LEU S 57 -11.35 -9.32 15.63
C LEU S 57 -12.39 -9.67 16.68
N MET S 58 -13.13 -10.77 16.47
CA MET S 58 -14.09 -11.22 17.46
C MET S 58 -13.42 -11.52 18.79
N ILE S 59 -12.34 -12.29 18.76
CA ILE S 59 -11.64 -12.65 19.99
C ILE S 59 -11.10 -11.39 20.67
N ASP S 60 -10.47 -10.51 19.91
CA ASP S 60 -9.87 -9.31 20.49
C ASP S 60 -10.93 -8.41 21.11
N PHE S 61 -12.09 -8.31 20.47
CA PHE S 61 -13.14 -7.43 20.98
C PHE S 61 -13.81 -8.01 22.22
N ASN S 62 -13.96 -9.33 22.30
CA ASN S 62 -14.88 -9.88 23.29
C ASN S 62 -14.29 -10.85 24.31
N GLY S 63 -13.04 -11.28 24.16
CA GLY S 63 -12.52 -12.35 25.00
C GLY S 63 -12.94 -13.70 24.46
N GLU S 64 -12.22 -14.74 24.89
CA GLU S 64 -12.42 -16.07 24.33
C GLU S 64 -13.82 -16.60 24.64
N GLU S 65 -14.25 -16.48 25.90
CA GLU S 65 -15.57 -16.98 26.30
C GLU S 65 -16.67 -16.31 25.50
N LYS S 66 -16.67 -14.98 25.47
CA LYS S 66 -17.73 -14.25 24.78
C LYS S 66 -17.68 -14.50 23.28
N ALA S 67 -16.48 -14.57 22.71
CA ALA S 67 -16.38 -14.83 21.27
C ALA S 67 -16.94 -16.19 20.91
N TRP S 68 -16.64 -17.21 21.73
CA TRP S 68 -17.21 -18.53 21.47
C TRP S 68 -18.73 -18.52 21.60
N ALA S 69 -19.24 -17.83 22.63
CA ALA S 69 -20.69 -17.77 22.81
C ALA S 69 -21.36 -17.09 21.62
N MET S 70 -20.80 -15.97 21.16
CA MET S 70 -21.37 -15.28 20.01
C MET S 70 -21.27 -16.12 18.75
N ALA S 71 -20.15 -16.82 18.55
CA ALA S 71 -20.02 -17.68 17.38
C ALA S 71 -21.10 -18.76 17.38
N VAL S 72 -21.32 -19.40 18.53
CA VAL S 72 -22.35 -20.44 18.61
C VAL S 72 -23.73 -19.86 18.34
N TRP S 73 -24.03 -18.72 18.97
CA TRP S 73 -25.35 -18.12 18.81
C TRP S 73 -25.60 -17.70 17.36
N ILE S 74 -24.59 -17.12 16.71
CA ILE S 74 -24.78 -16.68 15.33
C ILE S 74 -24.89 -17.87 14.39
N PHE S 75 -24.09 -18.92 14.62
CA PHE S 75 -24.25 -20.14 13.85
C PHE S 75 -25.67 -20.68 13.97
N ALA S 76 -26.25 -20.59 15.16
CA ALA S 76 -27.66 -20.95 15.30
C ALA S 76 -28.57 -19.99 14.54
N ALA S 77 -28.21 -18.71 14.50
CA ALA S 77 -29.10 -17.69 13.96
C ALA S 77 -29.14 -17.69 12.43
N ILE S 78 -28.02 -17.98 11.76
CA ILE S 78 -27.96 -17.93 10.30
C ILE S 78 -28.34 -19.29 9.74
N ASN S 79 -28.94 -20.13 10.58
CA ASN S 79 -29.42 -21.45 10.18
C ASN S 79 -28.28 -22.37 9.73
N ARG S 80 -27.13 -22.28 10.39
CA ARG S 80 -26.03 -23.22 10.19
C ARG S 80 -26.08 -24.23 11.33
N ARG S 81 -27.06 -25.14 11.25
CA ARG S 81 -27.27 -26.08 12.34
C ARG S 81 -26.11 -27.07 12.48
N ASP S 82 -25.52 -27.50 11.37
CA ASP S 82 -24.38 -28.42 11.46
C ASP S 82 -23.21 -27.77 12.17
N LEU S 83 -22.86 -26.53 11.79
CA LEU S 83 -21.78 -25.83 12.47
C LEU S 83 -22.14 -25.54 13.92
N TYR S 84 -23.41 -25.24 14.19
CA TYR S 84 -23.84 -24.98 15.56
C TYR S 84 -23.63 -26.21 16.44
N GLU S 85 -24.07 -27.38 15.96
CA GLU S 85 -23.93 -28.59 16.77
C GLU S 85 -22.46 -29.01 16.87
N LYS S 86 -21.67 -28.79 15.82
CA LYS S 86 -20.24 -29.08 15.91
C LYS S 86 -19.55 -28.19 16.94
N ALA S 87 -19.90 -26.90 16.97
CA ALA S 87 -19.31 -26.00 17.94
C ALA S 87 -19.75 -26.35 19.35
N LYS S 88 -21.01 -26.76 19.53
CA LYS S 88 -21.47 -27.19 20.84
C LYS S 88 -20.74 -28.44 21.31
N ARG S 89 -20.51 -29.39 20.39
CA ARG S 89 -19.87 -30.64 20.78
C ARG S 89 -18.39 -30.45 21.09
N ASP S 90 -17.73 -29.47 20.48
CA ASP S 90 -16.31 -29.23 20.65
C ASP S 90 -16.05 -27.95 21.46
N GLU S 91 -16.86 -27.73 22.48
CA GLU S 91 -16.71 -26.53 23.30
C GLU S 91 -15.41 -26.60 24.09
N PRO S 92 -14.56 -25.59 24.01
CA PRO S 92 -13.25 -25.65 24.68
C PRO S 92 -13.39 -25.71 26.20
N LYS S 93 -12.44 -26.38 26.84
CA LYS S 93 -12.40 -26.46 28.30
C LYS S 93 -11.79 -25.18 28.84
N TRP S 94 -12.64 -24.31 29.40
CA TRP S 94 -12.18 -23.03 29.91
C TRP S 94 -11.40 -23.21 31.20
N GLY S 95 -10.53 -22.24 31.50
CA GLY S 95 -9.72 -22.27 32.70
C GLY S 95 -8.29 -21.82 32.46
N MET T 1 31.94 6.65 45.65
CA MET T 1 31.09 5.47 45.65
C MET T 1 30.17 5.47 46.86
N LYS T 2 28.86 5.42 46.61
CA LYS T 2 27.84 5.44 47.65
C LYS T 2 28.00 6.64 48.57
N MET T 3 28.66 6.44 49.71
CA MET T 3 28.88 7.52 50.67
C MET T 3 29.88 8.53 50.09
N ALA T 4 29.45 9.77 49.94
CA ALA T 4 30.27 10.83 49.38
C ALA T 4 29.63 12.17 49.75
N SER T 5 30.12 13.25 49.15
CA SER T 5 29.54 14.56 49.36
C SER T 5 28.22 14.69 48.61
N THR T 6 27.40 15.65 49.02
CA THR T 6 26.11 15.85 48.38
C THR T 6 26.28 16.39 46.96
N ARG T 7 27.38 17.08 46.69
CA ARG T 7 27.61 17.59 45.34
C ARG T 7 27.74 16.45 44.34
N CYS T 8 28.43 15.37 44.73
CA CYS T 8 28.57 14.22 43.83
C CYS T 8 27.22 13.58 43.55
N LYS T 9 26.38 13.44 44.57
CA LYS T 9 25.05 12.86 44.37
C LYS T 9 24.22 13.74 43.45
N LEU T 10 24.25 15.06 43.67
CA LEU T 10 23.51 15.97 42.79
C LEU T 10 24.02 15.89 41.35
N ALA T 11 25.34 15.81 41.19
CA ALA T 11 25.90 15.69 39.85
C ALA T 11 25.46 14.39 39.17
N ARG T 12 25.41 13.29 39.94
CA ARG T 12 24.93 12.03 39.38
C ARG T 12 23.48 12.15 38.94
N TYR T 13 22.64 12.75 39.80
CA TYR T 13 21.22 12.88 39.47
C TYR T 13 21.02 13.74 38.22
N LEU T 14 21.78 14.84 38.11
CA LEU T 14 21.71 15.66 36.90
C LEU T 14 22.22 14.90 35.69
N GLU T 15 23.26 14.09 35.86
CA GLU T 15 23.79 13.28 34.76
C GLU T 15 22.76 12.27 34.28
N ASP T 16 21.86 11.82 35.17
CA ASP T 16 20.82 10.89 34.76
C ASP T 16 19.89 11.50 33.71
N LEU T 17 19.77 12.82 33.68
CA LEU T 17 18.85 13.48 32.76
C LEU T 17 19.35 13.38 31.31
N GLU T 18 18.41 13.49 30.38
CA GLU T 18 18.71 13.48 28.96
C GLU T 18 19.20 14.86 28.52
N ASP T 19 19.26 15.07 27.20
CA ASP T 19 19.70 16.36 26.67
C ASP T 19 18.59 17.40 26.76
N VAL T 20 17.43 17.11 26.14
CA VAL T 20 16.31 18.04 26.20
C VAL T 20 15.81 18.17 27.63
N ASP T 21 15.86 17.09 28.41
CA ASP T 21 15.48 17.17 29.82
C ASP T 21 16.43 18.07 30.58
N LEU T 22 17.73 18.01 30.27
CA LEU T 22 18.69 18.91 30.90
C LEU T 22 18.42 20.36 30.52
N LYS T 23 18.07 20.59 29.25
CA LYS T 23 17.76 21.95 28.81
C LYS T 23 16.52 22.48 29.53
N LYS T 24 15.50 21.64 29.71
CA LYS T 24 14.33 22.05 30.48
C LYS T 24 14.68 22.29 31.94
N PHE T 25 15.57 21.46 32.50
CA PHE T 25 16.03 21.66 33.87
C PHE T 25 16.68 23.03 34.01
N LYS T 26 17.57 23.39 33.09
CA LYS T 26 18.18 24.71 33.13
C LYS T 26 17.11 25.79 33.02
N MET T 27 16.21 25.68 32.03
CA MET T 27 15.18 26.69 31.81
C MET T 27 14.38 26.92 33.09
N HIS T 28 14.01 25.85 33.79
CA HIS T 28 13.36 26.01 35.08
C HIS T 28 14.30 26.62 36.11
N LEU T 29 15.61 26.40 35.96
CA LEU T 29 16.55 26.95 36.92
C LEU T 29 16.62 28.48 36.85
N GLU T 30 16.65 29.05 35.64
CA GLU T 30 16.75 30.51 35.61
C GLU T 30 15.48 31.19 36.13
N ASP T 31 14.34 30.51 36.10
CA ASP T 31 13.07 31.10 36.52
C ASP T 31 12.45 30.34 37.68
N TYR T 32 13.25 30.04 38.69
CA TYR T 32 12.70 29.50 39.92
C TYR T 32 11.81 30.57 40.57
N PRO T 33 10.65 30.19 41.10
CA PRO T 33 9.72 31.18 41.67
C PRO T 33 10.39 31.97 42.78
N PRO T 34 10.11 33.28 42.87
CA PRO T 34 10.79 34.10 43.88
C PRO T 34 10.53 33.67 45.32
N GLN T 35 9.39 33.03 45.58
CA GLN T 35 9.08 32.56 46.93
C GLN T 35 9.93 31.33 47.25
N LYS T 36 9.69 30.73 48.42
CA LYS T 36 10.43 29.58 48.93
C LYS T 36 11.91 29.91 49.17
N GLY T 37 12.26 31.19 49.17
CA GLY T 37 13.60 31.64 49.52
C GLY T 37 14.73 31.02 48.73
N CYS T 38 14.81 31.33 47.44
CA CYS T 38 15.87 30.83 46.59
C CYS T 38 16.29 31.92 45.60
N ILE T 39 17.52 31.80 45.11
CA ILE T 39 18.11 32.76 44.19
C ILE T 39 18.23 32.09 42.82
N PRO T 40 17.61 32.63 41.78
CA PRO T 40 17.73 31.99 40.46
C PRO T 40 19.12 32.20 39.87
N LEU T 41 19.50 31.26 39.01
CA LEU T 41 20.84 31.29 38.42
C LEU T 41 20.83 32.12 37.14
N PRO T 42 21.74 33.08 37.02
CA PRO T 42 21.82 33.88 35.80
C PRO T 42 22.20 33.04 34.59
N ARG T 43 21.67 33.45 33.44
CA ARG T 43 21.81 32.67 32.20
C ARG T 43 23.27 32.60 31.74
N GLY T 44 24.11 33.52 32.21
CA GLY T 44 25.48 33.58 31.69
C GLY T 44 26.30 32.34 32.00
N GLN T 45 26.25 31.87 33.24
CA GLN T 45 27.09 30.74 33.62
C GLN T 45 26.43 29.40 33.32
N THR T 46 25.11 29.29 33.53
CA THR T 46 24.40 28.04 33.32
C THR T 46 23.96 27.87 31.86
N GLU T 47 24.91 28.04 30.95
CA GLU T 47 24.66 27.89 29.52
C GLU T 47 25.47 26.77 28.89
N LYS T 48 26.71 26.56 29.35
CA LYS T 48 27.56 25.52 28.79
C LYS T 48 27.85 24.38 29.75
N ALA T 49 27.65 24.59 31.06
CA ALA T 49 27.88 23.52 32.03
C ALA T 49 26.89 22.38 31.80
N ASP T 50 27.40 21.16 31.69
CA ASP T 50 26.52 20.04 31.36
C ASP T 50 25.83 19.47 32.59
N HIS T 51 26.58 18.82 33.49
CA HIS T 51 25.99 18.32 34.72
C HIS T 51 26.83 18.52 35.97
N VAL T 52 28.15 18.61 35.88
CA VAL T 52 28.97 18.77 37.08
C VAL T 52 29.06 20.22 37.49
N ASP T 53 29.51 21.08 36.58
CA ASP T 53 29.64 22.50 36.88
C ASP T 53 28.28 23.11 37.19
N LEU T 54 27.22 22.62 36.57
CA LEU T 54 25.88 23.09 36.88
C LEU T 54 25.52 22.78 38.33
N ALA T 55 25.82 21.55 38.78
CA ALA T 55 25.55 21.19 40.17
C ALA T 55 26.39 22.02 41.13
N THR T 56 27.65 22.25 40.80
CA THR T 56 28.50 23.09 41.64
C THR T 56 27.96 24.50 41.73
N LEU T 57 27.47 25.04 40.61
CA LEU T 57 26.88 26.37 40.60
C LEU T 57 25.63 26.42 41.47
N MET T 58 24.77 25.41 41.36
CA MET T 58 23.57 25.38 42.20
C MET T 58 23.93 25.34 43.68
N ILE T 59 24.92 24.51 44.04
CA ILE T 59 25.35 24.42 45.43
C ILE T 59 25.88 25.78 45.90
N ASP T 60 26.80 26.36 45.13
CA ASP T 60 27.41 27.62 45.54
C ASP T 60 26.37 28.73 45.68
N PHE T 61 25.36 28.73 44.81
CA PHE T 61 24.35 29.78 44.87
C PHE T 61 23.41 29.59 46.05
N ASN T 62 22.96 28.37 46.32
CA ASN T 62 21.81 28.21 47.21
C ASN T 62 22.08 27.47 48.51
N GLY T 63 23.24 26.87 48.71
CA GLY T 63 23.44 25.99 49.85
C GLY T 63 22.86 24.62 49.58
N GLU T 64 23.29 23.65 50.40
CA GLU T 64 22.95 22.26 50.14
C GLU T 64 21.45 22.02 50.26
N GLU T 65 20.84 22.54 51.32
CA GLU T 65 19.41 22.33 51.56
C GLU T 65 18.58 22.88 50.40
N LYS T 66 18.80 24.15 50.06
CA LYS T 66 18.02 24.77 49.01
C LYS T 66 18.31 24.14 47.65
N ALA T 67 19.56 23.72 47.41
CA ALA T 67 19.88 23.07 46.14
C ALA T 67 19.14 21.75 46.00
N TRP T 68 19.11 20.95 47.07
CA TRP T 68 18.37 19.69 46.99
C TRP T 68 16.88 19.94 46.83
N ALA T 69 16.34 20.94 47.54
CA ALA T 69 14.91 21.26 47.39
C ALA T 69 14.59 21.69 45.97
N MET T 70 15.43 22.53 45.38
CA MET T 70 15.22 22.97 44.00
C MET T 70 15.33 21.80 43.04
N ALA T 71 16.31 20.90 43.25
CA ALA T 71 16.45 19.75 42.38
C ALA T 71 15.20 18.88 42.41
N VAL T 72 14.69 18.61 43.62
CA VAL T 72 13.49 17.79 43.75
C VAL T 72 12.29 18.46 43.08
N TRP T 73 12.12 19.76 43.34
CA TRP T 73 10.96 20.47 42.79
C TRP T 73 11.02 20.51 41.27
N ILE T 74 12.21 20.75 40.70
CA ILE T 74 12.32 20.83 39.24
C ILE T 74 12.15 19.45 38.63
N PHE T 75 12.70 18.41 39.26
CA PHE T 75 12.46 17.05 38.79
C PHE T 75 10.98 16.75 38.74
N ALA T 76 10.23 17.22 39.73
CA ALA T 76 8.77 17.11 39.67
C ALA T 76 8.19 17.94 38.52
N ALA T 77 8.75 19.14 38.29
CA ALA T 77 8.17 20.08 37.34
C ALA T 77 8.45 19.71 35.88
N ILE T 78 9.61 19.11 35.60
CA ILE T 78 9.95 18.77 34.23
C ILE T 78 9.44 17.37 33.92
N ASN T 79 8.56 16.87 34.79
CA ASN T 79 7.88 15.59 34.61
C ASN T 79 8.84 14.41 34.64
N ARG T 80 9.89 14.50 35.46
CA ARG T 80 10.77 13.36 35.73
C ARG T 80 10.34 12.74 37.06
N ARG T 81 9.19 12.05 37.01
CA ARG T 81 8.59 11.53 38.23
C ARG T 81 9.47 10.44 38.86
N ASP T 82 10.12 9.62 38.05
CA ASP T 82 10.99 8.57 38.60
C ASP T 82 12.17 9.16 39.36
N LEU T 83 12.87 10.14 38.76
CA LEU T 83 13.95 10.80 39.48
C LEU T 83 13.41 11.58 40.69
N TYR T 84 12.21 12.13 40.57
CA TYR T 84 11.61 12.84 41.70
C TYR T 84 11.42 11.90 42.88
N GLU T 85 10.88 10.70 42.62
CA GLU T 85 10.70 9.72 43.68
C GLU T 85 12.04 9.25 44.24
N LYS T 86 13.02 9.02 43.37
CA LYS T 86 14.34 8.57 43.84
C LYS T 86 14.98 9.63 44.73
N ALA T 87 14.90 10.90 44.33
CA ALA T 87 15.47 11.97 45.14
C ALA T 87 14.72 12.12 46.46
N LYS T 88 13.39 11.99 46.44
CA LYS T 88 12.63 12.07 47.68
C LYS T 88 13.01 10.96 48.65
N ARG T 89 13.19 9.75 48.13
CA ARG T 89 13.50 8.62 49.01
C ARG T 89 14.94 8.68 49.52
N ASP T 90 15.85 9.26 48.76
CA ASP T 90 17.28 9.24 49.08
C ASP T 90 17.81 10.63 49.45
N GLU T 91 17.01 11.40 50.18
CA GLU T 91 17.48 12.70 50.65
C GLU T 91 18.58 12.52 51.68
N PRO T 92 19.71 13.20 51.54
CA PRO T 92 20.82 13.02 52.48
C PRO T 92 20.43 13.44 53.89
N LYS T 93 21.01 12.75 54.87
CA LYS T 93 20.76 13.03 56.28
C LYS T 93 21.46 14.33 56.66
N TRP T 94 20.70 15.42 56.74
CA TRP T 94 21.29 16.71 57.07
C TRP T 94 21.66 16.76 58.54
N GLY T 95 22.76 17.45 58.83
CA GLY T 95 23.24 17.58 60.19
C GLY T 95 24.69 17.18 60.37
N MET U 1 -20.86 -44.36 -1.70
CA MET U 1 -20.85 -45.81 -1.82
C MET U 1 -21.29 -46.45 -0.50
N LYS U 2 -22.57 -46.81 -0.43
CA LYS U 2 -23.14 -47.48 0.73
C LYS U 2 -22.89 -46.69 2.01
N MET U 3 -21.85 -47.04 2.74
CA MET U 3 -21.48 -46.33 3.96
C MET U 3 -21.00 -44.94 3.61
N ALA U 4 -21.79 -43.93 3.94
CA ALA U 4 -21.45 -42.54 3.65
C ALA U 4 -22.18 -41.66 4.65
N SER U 5 -22.18 -40.35 4.40
CA SER U 5 -22.86 -39.41 5.26
C SER U 5 -24.36 -39.40 4.94
N THR U 6 -25.13 -38.77 5.83
CA THR U 6 -26.57 -38.64 5.61
C THR U 6 -26.87 -37.80 4.39
N ARG U 7 -26.07 -36.75 4.17
CA ARG U 7 -26.32 -35.84 3.06
C ARG U 7 -26.24 -36.54 1.71
N CYS U 8 -25.27 -37.45 1.55
CA CYS U 8 -25.08 -38.10 0.26
C CYS U 8 -26.26 -39.00 -0.08
N LYS U 9 -26.73 -39.79 0.89
CA LYS U 9 -27.85 -40.68 0.62
C LYS U 9 -29.15 -39.89 0.48
N LEU U 10 -29.28 -38.78 1.20
CA LEU U 10 -30.42 -37.90 0.98
C LEU U 10 -30.40 -37.32 -0.44
N ALA U 11 -29.21 -36.95 -0.92
CA ALA U 11 -29.08 -36.46 -2.29
C ALA U 11 -29.43 -37.55 -3.30
N ARG U 12 -29.05 -38.79 -3.02
CA ARG U 12 -29.44 -39.89 -3.90
C ARG U 12 -30.95 -40.07 -3.95
N TYR U 13 -31.59 -40.01 -2.78
CA TYR U 13 -33.05 -40.11 -2.73
C TYR U 13 -33.70 -38.97 -3.49
N LEU U 14 -33.12 -37.77 -3.43
CA LEU U 14 -33.60 -36.67 -4.25
C LEU U 14 -33.38 -36.93 -5.73
N GLU U 15 -32.26 -37.59 -6.08
CA GLU U 15 -32.05 -38.02 -7.46
C GLU U 15 -33.18 -38.90 -7.95
N ASP U 16 -33.65 -39.83 -7.11
CA ASP U 16 -34.68 -40.75 -7.54
C ASP U 16 -35.99 -40.05 -7.90
N LEU U 17 -36.18 -38.80 -7.45
CA LEU U 17 -37.40 -38.08 -7.75
C LEU U 17 -37.46 -37.66 -9.22
N GLU U 18 -38.68 -37.44 -9.69
CA GLU U 18 -38.92 -36.95 -11.04
C GLU U 18 -38.79 -35.43 -11.08
N ASP U 19 -39.24 -34.82 -12.18
CA ASP U 19 -39.16 -33.37 -12.32
C ASP U 19 -40.32 -32.69 -11.59
N VAL U 20 -41.56 -33.00 -11.99
CA VAL U 20 -42.71 -32.43 -11.31
C VAL U 20 -42.77 -32.92 -9.87
N ASP U 21 -42.30 -34.15 -9.61
CA ASP U 21 -42.19 -34.62 -8.23
C ASP U 21 -41.22 -33.77 -7.44
N LEU U 22 -40.10 -33.37 -8.07
CA LEU U 22 -39.16 -32.48 -7.40
C LEU U 22 -39.78 -31.12 -7.13
N LYS U 23 -40.57 -30.61 -8.08
CA LYS U 23 -41.24 -29.33 -7.87
C LYS U 23 -42.22 -29.41 -6.71
N LYS U 24 -42.97 -30.50 -6.62
CA LYS U 24 -43.89 -30.68 -5.48
C LYS U 24 -43.12 -30.83 -4.18
N PHE U 25 -41.96 -31.50 -4.22
CA PHE U 25 -41.10 -31.60 -3.06
C PHE U 25 -40.67 -30.23 -2.57
N LYS U 26 -40.22 -29.38 -3.49
CA LYS U 26 -39.84 -28.02 -3.13
C LYS U 26 -41.03 -27.25 -2.57
N MET U 27 -42.20 -27.42 -3.18
CA MET U 27 -43.40 -26.72 -2.70
C MET U 27 -43.75 -27.13 -1.28
N HIS U 28 -43.64 -28.42 -0.96
CA HIS U 28 -43.89 -28.86 0.40
C HIS U 28 -42.81 -28.39 1.36
N LEU U 29 -41.56 -28.30 0.89
CA LEU U 29 -40.48 -27.80 1.73
C LEU U 29 -40.72 -26.35 2.12
N GLU U 30 -41.03 -25.50 1.14
CA GLU U 30 -41.19 -24.08 1.39
C GLU U 30 -42.38 -23.76 2.29
N ASP U 31 -43.36 -24.67 2.36
CA ASP U 31 -44.56 -24.48 3.15
C ASP U 31 -44.76 -25.65 4.10
N TYR U 32 -43.70 -26.02 4.81
CA TYR U 32 -43.80 -27.11 5.77
C TYR U 32 -44.72 -26.71 6.93
N PRO U 33 -45.47 -27.64 7.49
CA PRO U 33 -46.38 -27.31 8.60
C PRO U 33 -45.59 -26.74 9.77
N PRO U 34 -46.15 -25.76 10.48
CA PRO U 34 -45.42 -25.15 11.60
C PRO U 34 -45.10 -26.12 12.72
N GLN U 35 -45.88 -27.18 12.90
CA GLN U 35 -45.66 -28.12 13.99
C GLN U 35 -44.48 -29.04 13.66
N LYS U 36 -44.30 -30.07 14.49
CA LYS U 36 -43.23 -31.05 14.36
C LYS U 36 -41.84 -30.42 14.50
N GLY U 37 -41.76 -29.19 15.00
CA GLY U 37 -40.50 -28.56 15.33
C GLY U 37 -39.52 -28.43 14.19
N CYS U 38 -39.99 -27.95 13.03
CA CYS U 38 -39.14 -27.82 11.86
C CYS U 38 -39.25 -26.40 11.33
N ILE U 39 -38.20 -25.98 10.64
CA ILE U 39 -38.08 -24.63 10.09
C ILE U 39 -38.30 -24.72 8.57
N PRO U 40 -39.34 -24.11 8.04
CA PRO U 40 -39.55 -24.16 6.59
C PRO U 40 -38.45 -23.44 5.84
N LEU U 41 -38.15 -23.95 4.64
CA LEU U 41 -37.09 -23.40 3.80
C LEU U 41 -37.62 -22.19 3.00
N PRO U 42 -36.79 -21.16 2.84
CA PRO U 42 -37.24 -19.99 2.09
C PRO U 42 -37.40 -20.28 0.61
N ARG U 43 -38.27 -19.50 -0.03
CA ARG U 43 -38.50 -19.63 -1.47
C ARG U 43 -37.30 -19.16 -2.27
N GLY U 44 -36.46 -18.30 -1.68
CA GLY U 44 -35.39 -17.69 -2.44
C GLY U 44 -34.32 -18.68 -2.88
N GLN U 45 -33.95 -19.60 -2.00
CA GLN U 45 -32.85 -20.51 -2.32
C GLN U 45 -33.34 -21.80 -2.96
N THR U 46 -34.56 -22.24 -2.61
CA THR U 46 -35.09 -23.48 -3.18
C THR U 46 -35.86 -23.23 -4.46
N GLU U 47 -35.25 -22.53 -5.39
CA GLU U 47 -35.77 -22.43 -6.75
C GLU U 47 -34.68 -22.54 -7.81
N LYS U 48 -33.42 -22.47 -7.41
CA LYS U 48 -32.31 -22.99 -8.22
C LYS U 48 -31.87 -24.38 -7.78
N ALA U 49 -32.04 -24.71 -6.50
CA ALA U 49 -31.54 -25.98 -5.97
C ALA U 49 -32.33 -27.15 -6.54
N ASP U 50 -31.67 -27.95 -7.38
CA ASP U 50 -32.36 -29.11 -7.96
C ASP U 50 -32.34 -30.33 -7.04
N HIS U 51 -31.16 -30.89 -6.80
CA HIS U 51 -31.07 -32.09 -5.98
C HIS U 51 -29.92 -32.11 -4.98
N VAL U 52 -28.80 -31.44 -5.25
CA VAL U 52 -27.70 -31.42 -4.28
C VAL U 52 -27.82 -30.21 -3.37
N ASP U 53 -28.01 -29.03 -3.96
CA ASP U 53 -28.18 -27.83 -3.16
C ASP U 53 -29.43 -27.91 -2.29
N LEU U 54 -30.49 -28.54 -2.81
CA LEU U 54 -31.70 -28.72 -2.01
C LEU U 54 -31.43 -29.59 -0.79
N ALA U 55 -30.71 -30.70 -0.98
CA ALA U 55 -30.41 -31.61 0.12
C ALA U 55 -29.50 -30.94 1.15
N THR U 56 -28.47 -30.23 0.69
CA THR U 56 -27.57 -29.58 1.64
C THR U 56 -28.28 -28.45 2.37
N LEU U 57 -29.21 -27.76 1.71
CA LEU U 57 -29.98 -26.73 2.39
C LEU U 57 -30.91 -27.33 3.44
N MET U 58 -31.55 -28.45 3.10
CA MET U 58 -32.37 -29.16 4.09
C MET U 58 -31.56 -29.52 5.31
N ILE U 59 -30.42 -30.17 5.11
CA ILE U 59 -29.57 -30.58 6.23
C ILE U 59 -29.12 -29.36 7.02
N ASP U 60 -28.65 -28.32 6.33
CA ASP U 60 -28.11 -27.15 6.98
C ASP U 60 -29.18 -26.46 7.84
N PHE U 61 -30.41 -26.40 7.33
CA PHE U 61 -31.47 -25.70 8.06
C PHE U 61 -31.98 -26.52 9.23
N ASN U 62 -32.04 -27.86 9.10
CA ASN U 62 -32.82 -28.61 10.06
C ASN U 62 -32.04 -29.60 10.93
N GLY U 63 -30.79 -29.91 10.62
CA GLY U 63 -30.11 -31.00 11.28
C GLY U 63 -30.49 -32.33 10.66
N GLU U 64 -29.67 -33.35 10.95
CA GLU U 64 -29.83 -34.64 10.27
C GLU U 64 -31.17 -35.29 10.62
N GLU U 65 -31.51 -35.32 11.91
CA GLU U 65 -32.74 -35.97 12.35
C GLU U 65 -33.96 -35.32 11.71
N LYS U 66 -34.07 -34.00 11.82
CA LYS U 66 -35.22 -33.30 11.27
C LYS U 66 -35.26 -33.40 9.76
N ALA U 67 -34.09 -33.34 9.11
CA ALA U 67 -34.06 -33.45 7.65
C ALA U 67 -34.57 -34.80 7.19
N TRP U 68 -34.15 -35.88 7.85
CA TRP U 68 -34.65 -37.20 7.49
C TRP U 68 -36.15 -37.32 7.75
N ALA U 69 -36.62 -36.78 8.89
CA ALA U 69 -38.04 -36.86 9.20
C ALA U 69 -38.88 -36.13 8.15
N MET U 70 -38.48 -34.90 7.80
CA MET U 70 -39.23 -34.16 6.80
C MET U 70 -39.13 -34.81 5.43
N ALA U 71 -37.97 -35.38 5.08
CA ALA U 71 -37.84 -36.07 3.81
C ALA U 71 -38.82 -37.24 3.74
N VAL U 72 -38.91 -38.02 4.81
CA VAL U 72 -39.84 -39.16 4.83
C VAL U 72 -41.28 -38.67 4.70
N TRP U 73 -41.63 -37.64 5.48
CA TRP U 73 -43.01 -37.15 5.45
C TRP U 73 -43.39 -36.60 4.09
N ILE U 74 -42.49 -35.83 3.47
CA ILE U 74 -42.79 -35.25 2.17
C ILE U 74 -42.85 -36.33 1.10
N PHE U 75 -41.96 -37.33 1.16
CA PHE U 75 -42.05 -38.46 0.24
C PHE U 75 -43.39 -39.16 0.38
N ALA U 76 -43.91 -39.24 1.60
CA ALA U 76 -45.26 -39.77 1.79
C ALA U 76 -46.30 -38.86 1.18
N ALA U 77 -46.08 -37.54 1.25
CA ALA U 77 -47.10 -36.58 0.80
C ALA U 77 -47.21 -36.49 -0.71
N ILE U 78 -46.19 -36.92 -1.45
CA ILE U 78 -46.15 -36.72 -2.90
C ILE U 78 -46.71 -37.99 -3.56
N ASN U 79 -47.28 -38.87 -2.74
CA ASN U 79 -47.79 -40.17 -3.19
C ASN U 79 -46.70 -41.03 -3.82
N ARG U 80 -45.43 -40.72 -3.50
CA ARG U 80 -44.30 -41.54 -3.93
C ARG U 80 -43.98 -42.51 -2.81
N ARG U 81 -44.81 -43.55 -2.69
CA ARG U 81 -44.69 -44.46 -1.57
C ARG U 81 -43.36 -45.21 -1.59
N ASP U 82 -42.95 -45.72 -2.76
CA ASP U 82 -41.76 -46.56 -2.82
C ASP U 82 -40.58 -45.89 -2.13
N LEU U 83 -40.36 -44.60 -2.40
CA LEU U 83 -39.33 -43.86 -1.69
C LEU U 83 -39.63 -43.77 -0.20
N TYR U 84 -40.91 -43.76 0.18
CA TYR U 84 -41.27 -43.58 1.59
C TYR U 84 -40.86 -44.80 2.42
N GLU U 85 -41.28 -46.00 2.00
CA GLU U 85 -40.78 -47.17 2.73
C GLU U 85 -39.29 -47.41 2.49
N LYS U 86 -38.76 -47.02 1.32
CA LYS U 86 -37.32 -47.15 1.12
C LYS U 86 -36.55 -46.30 2.11
N ALA U 87 -37.06 -45.11 2.42
CA ALA U 87 -36.43 -44.25 3.41
C ALA U 87 -36.59 -44.83 4.82
N LYS U 88 -37.73 -45.46 5.10
CA LYS U 88 -37.87 -46.12 6.40
C LYS U 88 -36.83 -47.24 6.57
N ARG U 89 -36.70 -48.13 5.58
CA ARG U 89 -35.81 -49.27 5.76
C ARG U 89 -34.34 -48.87 5.73
N ASP U 90 -34.00 -47.77 5.05
CA ASP U 90 -32.62 -47.32 4.92
C ASP U 90 -32.34 -46.11 5.81
N GLU U 91 -32.97 -46.05 6.97
CA GLU U 91 -32.71 -44.95 7.90
C GLU U 91 -31.33 -45.12 8.53
N PRO U 92 -30.49 -44.09 8.51
CA PRO U 92 -29.15 -44.22 9.11
C PRO U 92 -29.24 -44.47 10.61
N LYS U 93 -28.26 -45.22 11.11
CA LYS U 93 -28.18 -45.51 12.54
C LYS U 93 -27.76 -44.25 13.27
N TRP U 94 -28.72 -43.57 13.88
CA TRP U 94 -28.43 -42.32 14.57
C TRP U 94 -27.69 -42.58 15.87
N GLY U 95 -26.75 -41.69 16.20
CA GLY U 95 -25.96 -41.82 17.41
C GLY U 95 -24.47 -41.77 17.16
#